data_6S6R
# 
_entry.id   6S6R 
# 
_audit_conform.dict_name       mmcif_pdbx.dic 
_audit_conform.dict_version    5.392 
_audit_conform.dict_location   http://mmcif.pdb.org/dictionaries/ascii/mmcif_pdbx.dic 
# 
loop_
_database_2.database_id 
_database_2.database_code 
_database_2.pdbx_database_accession 
_database_2.pdbx_DOI 
PDB   6S6R         pdb_00006s6r 10.2210/pdb6s6r/pdb 
WWPDB D_1292102956 ?            ?                   
# 
loop_
_pdbx_audit_revision_history.ordinal 
_pdbx_audit_revision_history.data_content_type 
_pdbx_audit_revision_history.major_revision 
_pdbx_audit_revision_history.minor_revision 
_pdbx_audit_revision_history.revision_date 
1 'Structure model' 1 0 2020-07-15 
2 'Structure model' 1 1 2024-05-15 
# 
_pdbx_audit_revision_details.ordinal             1 
_pdbx_audit_revision_details.revision_ordinal    1 
_pdbx_audit_revision_details.data_content_type   'Structure model' 
_pdbx_audit_revision_details.provider            repository 
_pdbx_audit_revision_details.type                'Initial release' 
_pdbx_audit_revision_details.description         ? 
_pdbx_audit_revision_details.details             ? 
# 
loop_
_pdbx_audit_revision_group.ordinal 
_pdbx_audit_revision_group.revision_ordinal 
_pdbx_audit_revision_group.data_content_type 
_pdbx_audit_revision_group.group 
1 2 'Structure model' 'Data collection'     
2 2 'Structure model' 'Database references' 
# 
loop_
_pdbx_audit_revision_category.ordinal 
_pdbx_audit_revision_category.revision_ordinal 
_pdbx_audit_revision_category.data_content_type 
_pdbx_audit_revision_category.category 
1 2 'Structure model' chem_comp_atom 
2 2 'Structure model' chem_comp_bond 
3 2 'Structure model' database_2     
# 
loop_
_pdbx_audit_revision_item.ordinal 
_pdbx_audit_revision_item.revision_ordinal 
_pdbx_audit_revision_item.data_content_type 
_pdbx_audit_revision_item.item 
1 2 'Structure model' '_database_2.pdbx_DOI'                
2 2 'Structure model' '_database_2.pdbx_database_accession' 
# 
_pdbx_database_status.status_code                     REL 
_pdbx_database_status.status_code_sf                  REL 
_pdbx_database_status.status_code_mr                  ? 
_pdbx_database_status.entry_id                        6S6R 
_pdbx_database_status.recvd_initial_deposition_date   2019-07-03 
_pdbx_database_status.SG_entry                        N 
_pdbx_database_status.deposit_site                    PDBE 
_pdbx_database_status.process_site                    PDBE 
_pdbx_database_status.status_code_cs                  ? 
_pdbx_database_status.methods_development_category    ? 
_pdbx_database_status.pdb_format_compatible           Y 
_pdbx_database_status.status_code_nmr_data            ? 
# 
loop_
_audit_author.name 
_audit_author.pdbx_ordinal 
_audit_author.identifier_ORCID 
'Hassaan, E.' 1 ? 
'Heine, A.'   2 ? 
'Klebe, G.'   3 ? 
# 
_citation.abstract                  ? 
_citation.abstract_id_CAS           ? 
_citation.book_id_ISBN              ? 
_citation.book_publisher            ? 
_citation.book_publisher_city       ? 
_citation.book_title                ? 
_citation.coordinate_linkage        ? 
_citation.country                   ? 
_citation.database_id_Medline       ? 
_citation.details                   ? 
_citation.id                        primary 
_citation.journal_abbrev            'To Be Published' 
_citation.journal_id_ASTM           ? 
_citation.journal_id_CSD            0353 
_citation.journal_id_ISSN           ? 
_citation.journal_full              ? 
_citation.journal_issue             ? 
_citation.journal_volume            ? 
_citation.language                  ? 
_citation.page_first                ? 
_citation.page_last                 ? 
_citation.title                     
'First crystal structure of parasitic PEX14 in complex with a fragment molecule 1H-indole-7-carboxylic acid' 
_citation.year                      ? 
_citation.database_id_CSD           ? 
_citation.pdbx_database_id_DOI      ? 
_citation.pdbx_database_id_PubMed   ? 
_citation.unpublished_flag          ? 
# 
loop_
_citation_author.citation_id 
_citation_author.name 
_citation_author.ordinal 
_citation_author.identifier_ORCID 
primary 'Hassaan, E.' 1 ? 
primary 'Heine, A.'   2 ? 
primary 'Klebe, G.'   3 ? 
# 
loop_
_entity.id 
_entity.type 
_entity.src_method 
_entity.pdbx_description 
_entity.formula_weight 
_entity.pdbx_number_of_molecules 
_entity.pdbx_ec 
_entity.pdbx_mutation 
_entity.pdbx_fragment 
_entity.details 
1 polymer     man 'Peroxin 14'                     7883.075 1  ? ? ? ? 
2 non-polymer syn 'SULFATE ION'                    96.063   3  ? ? ? ? 
3 non-polymer syn '1~{H}-indole-7-carboxylic acid' 161.157  1  ? ? ? ? 
4 non-polymer syn GLYCEROL                         92.094   1  ? ? ? ? 
5 non-polymer syn 'DIMETHYL SULFOXIDE'             78.133   1  ? ? ? ? 
6 water       nat water                            18.015   42 ? ? ? ? 
# 
_entity_poly.entity_id                      1 
_entity_poly.type                           'polypeptide(L)' 
_entity_poly.nstd_linkage                   no 
_entity_poly.nstd_monomer                   no 
_entity_poly.pdbx_seq_one_letter_code       GAMWHTHSEREKRVSNAVEFLLDSRVRRTPTSSKVHFLKSKGLSAEEICEAFTKVGQPKTLNEIKRILS 
_entity_poly.pdbx_seq_one_letter_code_can   GAMWHTHSEREKRVSNAVEFLLDSRVRRTPTSSKVHFLKSKGLSAEEICEAFTKVGQPKTLNEIKRILS 
_entity_poly.pdbx_strand_id                 A 
_entity_poly.pdbx_target_identifier         ? 
# 
loop_
_pdbx_entity_nonpoly.entity_id 
_pdbx_entity_nonpoly.name 
_pdbx_entity_nonpoly.comp_id 
2 'SULFATE ION'                    SO4 
3 '1~{H}-indole-7-carboxylic acid' KXQ 
4 GLYCEROL                         GOL 
5 'DIMETHYL SULFOXIDE'             DMS 
6 water                            HOH 
# 
loop_
_entity_poly_seq.entity_id 
_entity_poly_seq.num 
_entity_poly_seq.mon_id 
_entity_poly_seq.hetero 
1 1  GLY n 
1 2  ALA n 
1 3  MET n 
1 4  TRP n 
1 5  HIS n 
1 6  THR n 
1 7  HIS n 
1 8  SER n 
1 9  GLU n 
1 10 ARG n 
1 11 GLU n 
1 12 LYS n 
1 13 ARG n 
1 14 VAL n 
1 15 SER n 
1 16 ASN n 
1 17 ALA n 
1 18 VAL n 
1 19 GLU n 
1 20 PHE n 
1 21 LEU n 
1 22 LEU n 
1 23 ASP n 
1 24 SER n 
1 25 ARG n 
1 26 VAL n 
1 27 ARG n 
1 28 ARG n 
1 29 THR n 
1 30 PRO n 
1 31 THR n 
1 32 SER n 
1 33 SER n 
1 34 LYS n 
1 35 VAL n 
1 36 HIS n 
1 37 PHE n 
1 38 LEU n 
1 39 LYS n 
1 40 SER n 
1 41 LYS n 
1 42 GLY n 
1 43 LEU n 
1 44 SER n 
1 45 ALA n 
1 46 GLU n 
1 47 GLU n 
1 48 ILE n 
1 49 CYS n 
1 50 GLU n 
1 51 ALA n 
1 52 PHE n 
1 53 THR n 
1 54 LYS n 
1 55 VAL n 
1 56 GLY n 
1 57 GLN n 
1 58 PRO n 
1 59 LYS n 
1 60 THR n 
1 61 LEU n 
1 62 ASN n 
1 63 GLU n 
1 64 ILE n 
1 65 LYS n 
1 66 ARG n 
1 67 ILE n 
1 68 LEU n 
1 69 SER n 
# 
_entity_src_gen.entity_id                          1 
_entity_src_gen.pdbx_src_id                        1 
_entity_src_gen.pdbx_alt_source_flag               sample 
_entity_src_gen.pdbx_seq_type                      'Biological sequence' 
_entity_src_gen.pdbx_beg_seq_num                   1 
_entity_src_gen.pdbx_end_seq_num                   69 
_entity_src_gen.gene_src_common_name               ? 
_entity_src_gen.gene_src_genus                     ? 
_entity_src_gen.pdbx_gene_src_gene                 PEX14 
_entity_src_gen.gene_src_species                   ? 
_entity_src_gen.gene_src_strain                    ? 
_entity_src_gen.gene_src_tissue                    ? 
_entity_src_gen.gene_src_tissue_fraction           ? 
_entity_src_gen.gene_src_details                   ? 
_entity_src_gen.pdbx_gene_src_fragment             ? 
_entity_src_gen.pdbx_gene_src_scientific_name      'Trypanosoma brucei brucei' 
_entity_src_gen.pdbx_gene_src_ncbi_taxonomy_id     5702 
_entity_src_gen.pdbx_gene_src_variant              ? 
_entity_src_gen.pdbx_gene_src_cell_line            ? 
_entity_src_gen.pdbx_gene_src_atcc                 ? 
_entity_src_gen.pdbx_gene_src_organ                ? 
_entity_src_gen.pdbx_gene_src_organelle            ? 
_entity_src_gen.pdbx_gene_src_cell                 ? 
_entity_src_gen.pdbx_gene_src_cellular_location    ? 
_entity_src_gen.host_org_common_name               ? 
_entity_src_gen.pdbx_host_org_scientific_name      'Escherichia coli' 
_entity_src_gen.pdbx_host_org_ncbi_taxonomy_id     562 
_entity_src_gen.host_org_genus                     ? 
_entity_src_gen.pdbx_host_org_gene                 ? 
_entity_src_gen.pdbx_host_org_organ                ? 
_entity_src_gen.host_org_species                   ? 
_entity_src_gen.pdbx_host_org_tissue               ? 
_entity_src_gen.pdbx_host_org_tissue_fraction      ? 
_entity_src_gen.pdbx_host_org_strain               ? 
_entity_src_gen.pdbx_host_org_variant              ? 
_entity_src_gen.pdbx_host_org_cell_line            ? 
_entity_src_gen.pdbx_host_org_atcc                 ? 
_entity_src_gen.pdbx_host_org_culture_collection   ? 
_entity_src_gen.pdbx_host_org_cell                 ? 
_entity_src_gen.pdbx_host_org_organelle            ? 
_entity_src_gen.pdbx_host_org_cellular_location    ? 
_entity_src_gen.pdbx_host_org_vector_type          ? 
_entity_src_gen.pdbx_host_org_vector               ? 
_entity_src_gen.host_org_details                   ? 
_entity_src_gen.expression_system_id               ? 
_entity_src_gen.plasmid_name                       ? 
_entity_src_gen.plasmid_details                    ? 
_entity_src_gen.pdbx_description                   ? 
# 
loop_
_chem_comp.id 
_chem_comp.type 
_chem_comp.mon_nstd_flag 
_chem_comp.name 
_chem_comp.pdbx_synonyms 
_chem_comp.formula 
_chem_comp.formula_weight 
ALA 'L-peptide linking' y ALANINE                          ?                               'C3 H7 N O2'     89.093  
ARG 'L-peptide linking' y ARGININE                         ?                               'C6 H15 N4 O2 1' 175.209 
ASN 'L-peptide linking' y ASPARAGINE                       ?                               'C4 H8 N2 O3'    132.118 
ASP 'L-peptide linking' y 'ASPARTIC ACID'                  ?                               'C4 H7 N O4'     133.103 
CYS 'L-peptide linking' y CYSTEINE                         ?                               'C3 H7 N O2 S'   121.158 
DMS non-polymer         . 'DIMETHYL SULFOXIDE'             ?                               'C2 H6 O S'      78.133  
GLN 'L-peptide linking' y GLUTAMINE                        ?                               'C5 H10 N2 O3'   146.144 
GLU 'L-peptide linking' y 'GLUTAMIC ACID'                  ?                               'C5 H9 N O4'     147.129 
GLY 'peptide linking'   y GLYCINE                          ?                               'C2 H5 N O2'     75.067  
GOL non-polymer         . GLYCEROL                         'GLYCERIN; PROPANE-1,2,3-TRIOL' 'C3 H8 O3'       92.094  
HIS 'L-peptide linking' y HISTIDINE                        ?                               'C6 H10 N3 O2 1' 156.162 
HOH non-polymer         . WATER                            ?                               'H2 O'           18.015  
ILE 'L-peptide linking' y ISOLEUCINE                       ?                               'C6 H13 N O2'    131.173 
KXQ non-polymer         . '1~{H}-indole-7-carboxylic acid' ?                               'C9 H7 N O2'     161.157 
LEU 'L-peptide linking' y LEUCINE                          ?                               'C6 H13 N O2'    131.173 
LYS 'L-peptide linking' y LYSINE                           ?                               'C6 H15 N2 O2 1' 147.195 
MET 'L-peptide linking' y METHIONINE                       ?                               'C5 H11 N O2 S'  149.211 
PHE 'L-peptide linking' y PHENYLALANINE                    ?                               'C9 H11 N O2'    165.189 
PRO 'L-peptide linking' y PROLINE                          ?                               'C5 H9 N O2'     115.130 
SER 'L-peptide linking' y SERINE                           ?                               'C3 H7 N O3'     105.093 
SO4 non-polymer         . 'SULFATE ION'                    ?                               'O4 S -2'        96.063  
THR 'L-peptide linking' y THREONINE                        ?                               'C4 H9 N O3'     119.119 
TRP 'L-peptide linking' y TRYPTOPHAN                       ?                               'C11 H12 N2 O2'  204.225 
VAL 'L-peptide linking' y VALINE                           ?                               'C5 H11 N O2'    117.146 
# 
loop_
_pdbx_poly_seq_scheme.asym_id 
_pdbx_poly_seq_scheme.entity_id 
_pdbx_poly_seq_scheme.seq_id 
_pdbx_poly_seq_scheme.mon_id 
_pdbx_poly_seq_scheme.ndb_seq_num 
_pdbx_poly_seq_scheme.pdb_seq_num 
_pdbx_poly_seq_scheme.auth_seq_num 
_pdbx_poly_seq_scheme.pdb_mon_id 
_pdbx_poly_seq_scheme.auth_mon_id 
_pdbx_poly_seq_scheme.pdb_strand_id 
_pdbx_poly_seq_scheme.pdb_ins_code 
_pdbx_poly_seq_scheme.hetero 
A 1 1  GLY 1  -2 -2 GLY GLY A . n 
A 1 2  ALA 2  -1 -1 ALA ALA A . n 
A 1 3  MET 3  0  0  MET MET A . n 
A 1 4  TRP 4  1  1  TRP TRP A . n 
A 1 5  HIS 5  2  2  HIS HIS A . n 
A 1 6  THR 6  3  3  THR THR A . n 
A 1 7  HIS 7  4  4  HIS HIS A . n 
A 1 8  SER 8  5  5  SER SER A . n 
A 1 9  GLU 9  6  6  GLU GLU A . n 
A 1 10 ARG 10 7  7  ARG ARG A . n 
A 1 11 GLU 11 8  8  GLU GLU A . n 
A 1 12 LYS 12 9  9  LYS LYS A . n 
A 1 13 ARG 13 10 10 ARG ARG A . n 
A 1 14 VAL 14 11 11 VAL VAL A . n 
A 1 15 SER 15 12 12 SER SER A . n 
A 1 16 ASN 16 13 13 ASN ASN A . n 
A 1 17 ALA 17 14 14 ALA ALA A . n 
A 1 18 VAL 18 15 15 VAL VAL A . n 
A 1 19 GLU 19 16 16 GLU GLU A . n 
A 1 20 PHE 20 17 17 PHE PHE A . n 
A 1 21 LEU 21 18 18 LEU LEU A . n 
A 1 22 LEU 22 19 19 LEU LEU A . n 
A 1 23 ASP 23 20 20 ASP ASP A . n 
A 1 24 SER 24 21 21 SER SER A . n 
A 1 25 ARG 25 22 22 ARG ARG A . n 
A 1 26 VAL 26 23 23 VAL VAL A . n 
A 1 27 ARG 27 24 24 ARG ARG A . n 
A 1 28 ARG 28 25 25 ARG ARG A . n 
A 1 29 THR 29 26 26 THR THR A . n 
A 1 30 PRO 30 27 27 PRO PRO A . n 
A 1 31 THR 31 28 28 THR THR A . n 
A 1 32 SER 32 29 29 SER SER A . n 
A 1 33 SER 33 30 30 SER SER A . n 
A 1 34 LYS 34 31 31 LYS LYS A . n 
A 1 35 VAL 35 32 32 VAL VAL A . n 
A 1 36 HIS 36 33 33 HIS HIS A . n 
A 1 37 PHE 37 34 34 PHE PHE A . n 
A 1 38 LEU 38 35 35 LEU LEU A . n 
A 1 39 LYS 39 36 36 LYS LYS A . n 
A 1 40 SER 40 37 37 SER SER A . n 
A 1 41 LYS 41 38 38 LYS LYS A . n 
A 1 42 GLY 42 39 39 GLY GLY A . n 
A 1 43 LEU 43 40 40 LEU LEU A . n 
A 1 44 SER 44 41 41 SER SER A . n 
A 1 45 ALA 45 42 42 ALA ALA A . n 
A 1 46 GLU 46 43 43 GLU GLU A . n 
A 1 47 GLU 47 44 44 GLU GLU A . n 
A 1 48 ILE 48 45 45 ILE ILE A . n 
A 1 49 CYS 49 46 46 CYS CYS A . n 
A 1 50 GLU 50 47 47 GLU GLU A . n 
A 1 51 ALA 51 48 48 ALA ALA A . n 
A 1 52 PHE 52 49 49 PHE PHE A . n 
A 1 53 THR 53 50 50 THR THR A . n 
A 1 54 LYS 54 51 51 LYS LYS A . n 
A 1 55 VAL 55 52 52 VAL VAL A . n 
A 1 56 GLY 56 53 53 GLY GLY A . n 
A 1 57 GLN 57 54 54 GLN GLN A . n 
A 1 58 PRO 58 55 55 PRO PRO A . n 
A 1 59 LYS 59 56 56 LYS LYS A . n 
A 1 60 THR 60 57 57 THR THR A . n 
A 1 61 LEU 61 58 58 LEU LEU A . n 
A 1 62 ASN 62 59 59 ASN ASN A . n 
A 1 63 GLU 63 60 60 GLU GLU A . n 
A 1 64 ILE 64 61 61 ILE ILE A . n 
A 1 65 LYS 65 62 62 LYS LYS A . n 
A 1 66 ARG 66 63 63 ARG ARG A . n 
A 1 67 ILE 67 64 64 ILE ILE A . n 
A 1 68 LEU 68 65 65 LEU LEU A . n 
A 1 69 SER 69 66 66 SER SER A . n 
# 
loop_
_pdbx_nonpoly_scheme.asym_id 
_pdbx_nonpoly_scheme.entity_id 
_pdbx_nonpoly_scheme.mon_id 
_pdbx_nonpoly_scheme.ndb_seq_num 
_pdbx_nonpoly_scheme.pdb_seq_num 
_pdbx_nonpoly_scheme.auth_seq_num 
_pdbx_nonpoly_scheme.pdb_mon_id 
_pdbx_nonpoly_scheme.auth_mon_id 
_pdbx_nonpoly_scheme.pdb_strand_id 
_pdbx_nonpoly_scheme.pdb_ins_code 
B 2 SO4 1  101 2  SO4 SO4 A . 
C 2 SO4 1  102 3  SO4 SO4 A . 
D 2 SO4 1  103 4  SO4 SO4 A . 
E 3 KXQ 1  104 1  KXQ PF5 A . 
F 4 GOL 1  105 1  GOL GOL A . 
G 5 DMS 1  106 1  DMS DMS A . 
H 6 HOH 1  201 24 HOH HOH A . 
H 6 HOH 2  202 9  HOH HOH A . 
H 6 HOH 3  203 73 HOH HOH A . 
H 6 HOH 4  204 67 HOH HOH A . 
H 6 HOH 5  205 8  HOH HOH A . 
H 6 HOH 6  206 29 HOH HOH A . 
H 6 HOH 7  207 19 HOH HOH A . 
H 6 HOH 8  208 34 HOH HOH A . 
H 6 HOH 9  209 3  HOH HOH A . 
H 6 HOH 10 210 1  HOH HOH A . 
H 6 HOH 11 211 72 HOH HOH A . 
H 6 HOH 12 212 17 HOH HOH A . 
H 6 HOH 13 213 15 HOH HOH A . 
H 6 HOH 14 214 43 HOH HOH A . 
H 6 HOH 15 215 41 HOH HOH A . 
H 6 HOH 16 216 62 HOH HOH A . 
H 6 HOH 17 217 25 HOH HOH A . 
H 6 HOH 18 218 13 HOH HOH A . 
H 6 HOH 19 219 5  HOH HOH A . 
H 6 HOH 20 220 53 HOH HOH A . 
H 6 HOH 21 221 52 HOH HOH A . 
H 6 HOH 22 222 74 HOH HOH A . 
H 6 HOH 23 223 33 HOH HOH A . 
H 6 HOH 24 224 26 HOH HOH A . 
H 6 HOH 25 225 2  HOH HOH A . 
H 6 HOH 26 226 60 HOH HOH A . 
H 6 HOH 27 227 63 HOH HOH A . 
H 6 HOH 28 228 35 HOH HOH A . 
H 6 HOH 29 229 70 HOH HOH A . 
H 6 HOH 30 230 20 HOH HOH A . 
H 6 HOH 31 231 69 HOH HOH A . 
H 6 HOH 32 232 42 HOH HOH A . 
H 6 HOH 33 233 48 HOH HOH A . 
H 6 HOH 34 234 45 HOH HOH A . 
H 6 HOH 35 235 50 HOH HOH A . 
H 6 HOH 36 236 28 HOH HOH A . 
H 6 HOH 37 237 64 HOH HOH A . 
H 6 HOH 38 238 40 HOH HOH A . 
H 6 HOH 39 239 71 HOH HOH A . 
H 6 HOH 40 240 47 HOH HOH A . 
H 6 HOH 41 241 46 HOH HOH A . 
H 6 HOH 42 242 32 HOH HOH A . 
# 
loop_
_pdbx_unobs_or_zero_occ_atoms.id 
_pdbx_unobs_or_zero_occ_atoms.PDB_model_num 
_pdbx_unobs_or_zero_occ_atoms.polymer_flag 
_pdbx_unobs_or_zero_occ_atoms.occupancy_flag 
_pdbx_unobs_or_zero_occ_atoms.auth_asym_id 
_pdbx_unobs_or_zero_occ_atoms.auth_comp_id 
_pdbx_unobs_or_zero_occ_atoms.auth_seq_id 
_pdbx_unobs_or_zero_occ_atoms.PDB_ins_code 
_pdbx_unobs_or_zero_occ_atoms.auth_atom_id 
_pdbx_unobs_or_zero_occ_atoms.label_alt_id 
_pdbx_unobs_or_zero_occ_atoms.label_asym_id 
_pdbx_unobs_or_zero_occ_atoms.label_comp_id 
_pdbx_unobs_or_zero_occ_atoms.label_seq_id 
_pdbx_unobs_or_zero_occ_atoms.label_atom_id 
1  1 Y 1 A ARG 7  ? CG  ? A ARG 10 CG  
2  1 Y 1 A ARG 7  ? CD  ? A ARG 10 CD  
3  1 Y 1 A ARG 7  ? NE  ? A ARG 10 NE  
4  1 Y 1 A ARG 7  ? CZ  ? A ARG 10 CZ  
5  1 Y 1 A ARG 7  ? NH1 ? A ARG 10 NH1 
6  1 Y 1 A ARG 7  ? NH2 ? A ARG 10 NH2 
7  1 Y 1 A ARG 22 ? NH1 ? A ARG 25 NH1 
8  1 Y 1 A ARG 22 ? NH2 ? A ARG 25 NH2 
9  1 Y 1 A ARG 24 ? CG  ? A ARG 27 CG  
10 1 Y 1 A ARG 24 ? CD  ? A ARG 27 CD  
11 1 Y 1 A ARG 24 ? NE  ? A ARG 27 NE  
12 1 Y 1 A ARG 24 ? CZ  ? A ARG 27 CZ  
13 1 Y 1 A ARG 24 ? NH1 ? A ARG 27 NH1 
14 1 Y 1 A ARG 24 ? NH2 ? A ARG 27 NH2 
15 1 Y 1 A GLN 54 ? CD  ? A GLN 57 CD  
16 1 Y 1 A GLN 54 ? OE1 ? A GLN 57 OE1 
17 1 Y 1 A GLN 54 ? NE2 ? A GLN 57 NE2 
18 1 Y 1 A LYS 62 ? NZ  ? A LYS 65 NZ  
# 
loop_
_software.citation_id 
_software.classification 
_software.compiler_name 
_software.compiler_version 
_software.contact_author 
_software.contact_author_email 
_software.date 
_software.description 
_software.dependencies 
_software.hardware 
_software.language 
_software.location 
_software.mods 
_software.name 
_software.os 
_software.os_version 
_software.type 
_software.version 
_software.pdbx_ordinal 
? refinement       ? ? ? ? ? ? ? ? ? ? ? PHENIX ? ? ? 1.10.1_2155 1 
? phasing          ? ? ? ? ? ? ? ? ? ? ? PHASER ? ? ? .           2 
? 'model building' ? ? ? ? ? ? ? ? ? ? ? Coot   ? ? ? .           3 
? 'data scaling'   ? ? ? ? ? ? ? ? ? ? ? XDS    ? ? ? .           4 
? 'data reduction' ? ? ? ? ? ? ? ? ? ? ? XDS    ? ? ? .           5 
# 
_cell.angle_alpha                  90.000 
_cell.angle_alpha_esd              ? 
_cell.angle_beta                   90.000 
_cell.angle_beta_esd               ? 
_cell.angle_gamma                  90.000 
_cell.angle_gamma_esd              ? 
_cell.entry_id                     6S6R 
_cell.details                      ? 
_cell.formula_units_Z              ? 
_cell.length_a                     43.306 
_cell.length_a_esd                 ? 
_cell.length_b                     43.306 
_cell.length_b_esd                 ? 
_cell.length_c                     80.942 
_cell.length_c_esd                 ? 
_cell.volume                       151799.407 
_cell.volume_esd                   ? 
_cell.Z_PDB                        8 
_cell.reciprocal_angle_alpha       ? 
_cell.reciprocal_angle_beta        ? 
_cell.reciprocal_angle_gamma       ? 
_cell.reciprocal_angle_alpha_esd   ? 
_cell.reciprocal_angle_beta_esd    ? 
_cell.reciprocal_angle_gamma_esd   ? 
_cell.reciprocal_length_a          ? 
_cell.reciprocal_length_b          ? 
_cell.reciprocal_length_c          ? 
_cell.reciprocal_length_a_esd      ? 
_cell.reciprocal_length_b_esd      ? 
_cell.reciprocal_length_c_esd      ? 
_cell.pdbx_unique_axis             ? 
# 
_symmetry.entry_id                         6S6R 
_symmetry.cell_setting                     ? 
_symmetry.Int_Tables_number                92 
_symmetry.space_group_name_Hall            'P 4abw 2nw' 
_symmetry.space_group_name_H-M             'P 41 21 2' 
_symmetry.pdbx_full_space_group_name_H-M   ? 
# 
_exptl.absorpt_coefficient_mu     ? 
_exptl.absorpt_correction_T_max   ? 
_exptl.absorpt_correction_T_min   ? 
_exptl.absorpt_correction_type    ? 
_exptl.absorpt_process_details    ? 
_exptl.entry_id                   6S6R 
_exptl.crystals_number            1 
_exptl.details                    ? 
_exptl.method                     'X-RAY DIFFRACTION' 
_exptl.method_details             ? 
# 
_exptl_crystal.colour                      ? 
_exptl_crystal.density_diffrn              ? 
_exptl_crystal.density_Matthews            2.41 
_exptl_crystal.density_method              ? 
_exptl_crystal.density_percent_sol         48.90 
_exptl_crystal.description                 ? 
_exptl_crystal.F_000                       ? 
_exptl_crystal.id                          1 
_exptl_crystal.preparation                 ? 
_exptl_crystal.size_max                    ? 
_exptl_crystal.size_mid                    ? 
_exptl_crystal.size_min                    ? 
_exptl_crystal.size_rad                    ? 
_exptl_crystal.colour_lustre               ? 
_exptl_crystal.colour_modifier             ? 
_exptl_crystal.colour_primary              ? 
_exptl_crystal.density_meas                ? 
_exptl_crystal.density_meas_esd            ? 
_exptl_crystal.density_meas_gt             ? 
_exptl_crystal.density_meas_lt             ? 
_exptl_crystal.density_meas_temp           ? 
_exptl_crystal.density_meas_temp_esd       ? 
_exptl_crystal.density_meas_temp_gt        ? 
_exptl_crystal.density_meas_temp_lt        ? 
_exptl_crystal.pdbx_crystal_image_url      ? 
_exptl_crystal.pdbx_crystal_image_format   ? 
_exptl_crystal.pdbx_mosaicity              ? 
_exptl_crystal.pdbx_mosaicity_esd          ? 
# 
_exptl_crystal_grow.apparatus       ? 
_exptl_crystal_grow.atmosphere      ? 
_exptl_crystal_grow.crystal_id      1 
_exptl_crystal_grow.details         ? 
_exptl_crystal_grow.method          'VAPOR DIFFUSION, SITTING DROP' 
_exptl_crystal_grow.method_ref      ? 
_exptl_crystal_grow.pH              ? 
_exptl_crystal_grow.pressure        ? 
_exptl_crystal_grow.pressure_esd    ? 
_exptl_crystal_grow.seeding         ? 
_exptl_crystal_grow.seeding_ref     ? 
_exptl_crystal_grow.temp            277 
_exptl_crystal_grow.temp_details    ? 
_exptl_crystal_grow.temp_esd        ? 
_exptl_crystal_grow.time            ? 
_exptl_crystal_grow.pdbx_details    '0.2 M ammonium sulphate, 50% PEG 8000, 5% glycerol' 
_exptl_crystal_grow.pdbx_pH_range   ? 
# 
_diffrn.ambient_environment              ? 
_diffrn.ambient_temp                     100 
_diffrn.ambient_temp_details             ? 
_diffrn.ambient_temp_esd                 ? 
_diffrn.crystal_id                       1 
_diffrn.crystal_support                  ? 
_diffrn.crystal_treatment                ? 
_diffrn.details                          ? 
_diffrn.id                               1 
_diffrn.ambient_pressure                 ? 
_diffrn.ambient_pressure_esd             ? 
_diffrn.ambient_pressure_gt              ? 
_diffrn.ambient_pressure_lt              ? 
_diffrn.ambient_temp_gt                  ? 
_diffrn.ambient_temp_lt                  ? 
_diffrn.pdbx_serial_crystal_experiment   N 
# 
_diffrn_detector.details                      ? 
_diffrn_detector.detector                     PIXEL 
_diffrn_detector.diffrn_id                    1 
_diffrn_detector.type                         'DECTRIS PILATUS 6M' 
_diffrn_detector.area_resol_mean              ? 
_diffrn_detector.dtime                        ? 
_diffrn_detector.pdbx_frames_total            ? 
_diffrn_detector.pdbx_collection_time_total   ? 
_diffrn_detector.pdbx_collection_date         2016-11-25 
_diffrn_detector.pdbx_frequency               ? 
# 
_diffrn_radiation.collimation                      ? 
_diffrn_radiation.diffrn_id                        1 
_diffrn_radiation.filter_edge                      ? 
_diffrn_radiation.inhomogeneity                    ? 
_diffrn_radiation.monochromator                    ? 
_diffrn_radiation.polarisn_norm                    ? 
_diffrn_radiation.polarisn_ratio                   ? 
_diffrn_radiation.probe                            ? 
_diffrn_radiation.type                             ? 
_diffrn_radiation.xray_symbol                      ? 
_diffrn_radiation.wavelength_id                    1 
_diffrn_radiation.pdbx_monochromatic_or_laue_m_l   M 
_diffrn_radiation.pdbx_wavelength_list             ? 
_diffrn_radiation.pdbx_wavelength                  ? 
_diffrn_radiation.pdbx_diffrn_protocol             'SINGLE WAVELENGTH' 
_diffrn_radiation.pdbx_analyzer                    ? 
_diffrn_radiation.pdbx_scattering_type             x-ray 
# 
_diffrn_radiation_wavelength.id           1 
_diffrn_radiation_wavelength.wavelength   0.9184 
_diffrn_radiation_wavelength.wt           1.0 
# 
_diffrn_source.current                     ? 
_diffrn_source.details                     ? 
_diffrn_source.diffrn_id                   1 
_diffrn_source.power                       ? 
_diffrn_source.size                        ? 
_diffrn_source.source                      SYNCHROTRON 
_diffrn_source.target                      ? 
_diffrn_source.type                        'BESSY BEAMLINE 14.1' 
_diffrn_source.voltage                     ? 
_diffrn_source.take-off_angle              ? 
_diffrn_source.pdbx_wavelength_list        0.9184 
_diffrn_source.pdbx_wavelength             ? 
_diffrn_source.pdbx_synchrotron_beamline   14.1 
_diffrn_source.pdbx_synchrotron_site       BESSY 
# 
_reflns.B_iso_Wilson_estimate            18.9861182796 
_reflns.entry_id                         6S6R 
_reflns.data_reduction_details           ? 
_reflns.data_reduction_method            ? 
_reflns.d_resolution_high                1.580 
_reflns.d_resolution_low                 43.306 
_reflns.details                          ? 
_reflns.limit_h_max                      ? 
_reflns.limit_h_min                      ? 
_reflns.limit_k_max                      ? 
_reflns.limit_k_min                      ? 
_reflns.limit_l_max                      ? 
_reflns.limit_l_min                      ? 
_reflns.number_all                       ? 
_reflns.number_obs                       10965 
_reflns.observed_criterion               ? 
_reflns.observed_criterion_F_max         ? 
_reflns.observed_criterion_F_min         ? 
_reflns.observed_criterion_I_max         ? 
_reflns.observed_criterion_I_min         ? 
_reflns.observed_criterion_sigma_F       ? 
_reflns.observed_criterion_sigma_I       ? 
_reflns.percent_possible_obs             98.4 
_reflns.R_free_details                   ? 
_reflns.Rmerge_F_all                     ? 
_reflns.Rmerge_F_obs                     ? 
_reflns.Friedel_coverage                 ? 
_reflns.number_gt                        ? 
_reflns.threshold_expression             ? 
_reflns.pdbx_redundancy                  8.22 
_reflns.pdbx_Rmerge_I_obs                ? 
_reflns.pdbx_Rmerge_I_all                ? 
_reflns.pdbx_Rsym_value                  ? 
_reflns.pdbx_netI_over_av_sigmaI         ? 
_reflns.pdbx_netI_over_sigmaI            16.93 
_reflns.pdbx_res_netI_over_av_sigmaI_2   ? 
_reflns.pdbx_res_netI_over_sigmaI_2      ? 
_reflns.pdbx_chi_squared                 ? 
_reflns.pdbx_scaling_rejects             ? 
_reflns.pdbx_d_res_high_opt              ? 
_reflns.pdbx_d_res_low_opt               ? 
_reflns.pdbx_d_res_opt_method            ? 
_reflns.phase_calculation_details        ? 
_reflns.pdbx_Rrim_I_all                  0.074 
_reflns.pdbx_Rpim_I_all                  ? 
_reflns.pdbx_d_opt                       ? 
_reflns.pdbx_number_measured_all         ? 
_reflns.pdbx_diffrn_id                   1 
_reflns.pdbx_ordinal                     1 
_reflns.pdbx_CC_half                     0.998 
_reflns.pdbx_R_split                     ? 
# 
_reflns_shell.d_res_high                  1.580 
_reflns_shell.d_res_low                   1.588 
_reflns_shell.meanI_over_sigI_all         ? 
_reflns_shell.meanI_over_sigI_obs         ? 
_reflns_shell.number_measured_all         ? 
_reflns_shell.number_measured_obs         ? 
_reflns_shell.number_possible             ? 
_reflns_shell.number_unique_all           ? 
_reflns_shell.number_unique_obs           10965 
_reflns_shell.percent_possible_all        ? 
_reflns_shell.percent_possible_obs        ? 
_reflns_shell.Rmerge_F_all                ? 
_reflns_shell.Rmerge_F_obs                ? 
_reflns_shell.Rmerge_I_all                ? 
_reflns_shell.Rmerge_I_obs                ? 
_reflns_shell.meanI_over_sigI_gt          ? 
_reflns_shell.meanI_over_uI_all           ? 
_reflns_shell.meanI_over_uI_gt            ? 
_reflns_shell.number_measured_gt          ? 
_reflns_shell.number_unique_gt            ? 
_reflns_shell.percent_possible_gt         ? 
_reflns_shell.Rmerge_F_gt                 ? 
_reflns_shell.Rmerge_I_gt                 ? 
_reflns_shell.pdbx_redundancy             ? 
_reflns_shell.pdbx_Rsym_value             ? 
_reflns_shell.pdbx_chi_squared            ? 
_reflns_shell.pdbx_netI_over_sigmaI_all   ? 
_reflns_shell.pdbx_netI_over_sigmaI_obs   ? 
_reflns_shell.pdbx_Rrim_I_all             ? 
_reflns_shell.pdbx_Rpim_I_all             ? 
_reflns_shell.pdbx_rejects                ? 
_reflns_shell.pdbx_ordinal                1 
_reflns_shell.pdbx_diffrn_id              1 
_reflns_shell.pdbx_CC_half                ? 
_reflns_shell.pdbx_R_split                ? 
# 
_refine.aniso_B[1][1]                            ? 
_refine.aniso_B[1][2]                            ? 
_refine.aniso_B[1][3]                            ? 
_refine.aniso_B[2][2]                            ? 
_refine.aniso_B[2][3]                            ? 
_refine.aniso_B[3][3]                            ? 
_refine.B_iso_max                                ? 
_refine.B_iso_mean                               23.7840108874 
_refine.B_iso_min                                ? 
_refine.correlation_coeff_Fo_to_Fc               ? 
_refine.correlation_coeff_Fo_to_Fc_free          ? 
_refine.details                                  ? 
_refine.diff_density_max                         ? 
_refine.diff_density_max_esd                     ? 
_refine.diff_density_min                         ? 
_refine.diff_density_min_esd                     ? 
_refine.diff_density_rms                         ? 
_refine.diff_density_rms_esd                     ? 
_refine.entry_id                                 6S6R 
_refine.pdbx_refine_id                           'X-RAY DIFFRACTION' 
_refine.ls_abs_structure_details                 ? 
_refine.ls_abs_structure_Flack                   ? 
_refine.ls_abs_structure_Flack_esd               ? 
_refine.ls_abs_structure_Rogers                  ? 
_refine.ls_abs_structure_Rogers_esd              ? 
_refine.ls_d_res_high                            1.58000903163 
_refine.ls_d_res_low                             38.1843205977 
_refine.ls_extinction_coef                       ? 
_refine.ls_extinction_coef_esd                   ? 
_refine.ls_extinction_expression                 ? 
_refine.ls_extinction_method                     ? 
_refine.ls_goodness_of_fit_all                   ? 
_refine.ls_goodness_of_fit_all_esd               ? 
_refine.ls_goodness_of_fit_obs                   ? 
_refine.ls_goodness_of_fit_obs_esd               ? 
_refine.ls_hydrogen_treatment                    ? 
_refine.ls_matrix_type                           ? 
_refine.ls_number_constraints                    ? 
_refine.ls_number_parameters                     ? 
_refine.ls_number_reflns_all                     ? 
_refine.ls_number_reflns_obs                     10960 
_refine.ls_number_reflns_R_free                  549 
_refine.ls_number_reflns_R_work                  ? 
_refine.ls_number_restraints                     ? 
_refine.ls_percent_reflns_obs                    98.3488872936 
_refine.ls_percent_reflns_R_free                 5.00912408759 
_refine.ls_R_factor_all                          ? 
_refine.ls_R_factor_obs                          0.189694410404 
_refine.ls_R_factor_R_free                       0.234797926369 
_refine.ls_R_factor_R_free_error                 ? 
_refine.ls_R_factor_R_free_error_details         ? 
_refine.ls_R_factor_R_work                       0.187401299496 
_refine.ls_R_Fsqd_factor_obs                     ? 
_refine.ls_R_I_factor_obs                        ? 
_refine.ls_redundancy_reflns_all                 ? 
_refine.ls_redundancy_reflns_obs                 ? 
_refine.ls_restrained_S_all                      ? 
_refine.ls_restrained_S_obs                      ? 
_refine.ls_shift_over_esd_max                    ? 
_refine.ls_shift_over_esd_mean                   ? 
_refine.ls_structure_factor_coef                 ? 
_refine.ls_weighting_details                     ? 
_refine.ls_weighting_scheme                      ? 
_refine.ls_wR_factor_all                         ? 
_refine.ls_wR_factor_obs                         ? 
_refine.ls_wR_factor_R_free                      ? 
_refine.ls_wR_factor_R_work                      ? 
_refine.occupancy_max                            ? 
_refine.occupancy_min                            ? 
_refine.solvent_model_details                    ? 
_refine.solvent_model_param_bsol                 ? 
_refine.solvent_model_param_ksol                 ? 
_refine.ls_R_factor_gt                           ? 
_refine.ls_goodness_of_fit_gt                    ? 
_refine.ls_goodness_of_fit_ref                   ? 
_refine.ls_shift_over_su_max                     ? 
_refine.ls_shift_over_su_max_lt                  ? 
_refine.ls_shift_over_su_mean                    ? 
_refine.ls_shift_over_su_mean_lt                 ? 
_refine.pdbx_ls_sigma_I                          ? 
_refine.pdbx_ls_sigma_F                          1.37743608206 
_refine.pdbx_ls_sigma_Fsqd                       ? 
_refine.pdbx_data_cutoff_high_absF               ? 
_refine.pdbx_data_cutoff_high_rms_absF           ? 
_refine.pdbx_data_cutoff_low_absF                ? 
_refine.pdbx_isotropic_thermal_model             ? 
_refine.pdbx_ls_cross_valid_method               'FREE R-VALUE' 
_refine.pdbx_method_to_determine_struct          'MOLECULAR REPLACEMENT' 
_refine.pdbx_starting_model                      ? 
_refine.pdbx_stereochemistry_target_values       ? 
_refine.pdbx_R_Free_selection_details            ? 
_refine.pdbx_stereochem_target_val_spec_case     ? 
_refine.pdbx_overall_ESU_R                       ? 
_refine.pdbx_overall_ESU_R_Free                  ? 
_refine.pdbx_solvent_vdw_probe_radii             1.11 
_refine.pdbx_solvent_ion_probe_radii             ? 
_refine.pdbx_solvent_shrinkage_radii             0.9 
_refine.pdbx_real_space_R                        ? 
_refine.pdbx_density_correlation                 ? 
_refine.pdbx_pd_number_of_powder_patterns        ? 
_refine.pdbx_pd_number_of_points                 ? 
_refine.pdbx_pd_meas_number_of_points            ? 
_refine.pdbx_pd_proc_ls_prof_R_factor            ? 
_refine.pdbx_pd_proc_ls_prof_wR_factor           ? 
_refine.pdbx_pd_Marquardt_correlation_coeff      ? 
_refine.pdbx_pd_Fsqrd_R_factor                   ? 
_refine.pdbx_pd_ls_matrix_band_width             ? 
_refine.pdbx_overall_phase_error                 23.5566591667 
_refine.pdbx_overall_SU_R_free_Cruickshank_DPI   ? 
_refine.pdbx_overall_SU_R_free_Blow_DPI          ? 
_refine.pdbx_overall_SU_R_Blow_DPI               ? 
_refine.pdbx_TLS_residual_ADP_flag               ? 
_refine.pdbx_diffrn_id                           1 
_refine.overall_SU_B                             ? 
_refine.overall_SU_ML                            0.165444141052 
_refine.overall_SU_R_Cruickshank_DPI             ? 
_refine.overall_SU_R_free                        ? 
_refine.overall_FOM_free_R_set                   ? 
_refine.overall_FOM_work_R_set                   ? 
_refine.pdbx_average_fsc_overall                 ? 
_refine.pdbx_average_fsc_work                    ? 
_refine.pdbx_average_fsc_free                    ? 
# 
_refine_hist.pdbx_refine_id                   'X-RAY DIFFRACTION' 
_refine_hist.cycle_id                         LAST 
_refine_hist.details                          ? 
_refine_hist.d_res_high                       1.58000903163 
_refine_hist.d_res_low                        38.1843205977 
_refine_hist.number_atoms_solvent             42 
_refine_hist.number_atoms_total               613 
_refine_hist.number_reflns_all                ? 
_refine_hist.number_reflns_obs                ? 
_refine_hist.number_reflns_R_free             ? 
_refine_hist.number_reflns_R_work             ? 
_refine_hist.R_factor_all                     ? 
_refine_hist.R_factor_obs                     ? 
_refine_hist.R_factor_R_free                  ? 
_refine_hist.R_factor_R_work                  ? 
_refine_hist.pdbx_number_residues_total       ? 
_refine_hist.pdbx_B_iso_mean_ligand           ? 
_refine_hist.pdbx_B_iso_mean_solvent          ? 
_refine_hist.pdbx_number_atoms_protein        534 
_refine_hist.pdbx_number_atoms_nucleic_acid   0 
_refine_hist.pdbx_number_atoms_ligand         37 
_refine_hist.pdbx_number_atoms_lipid          ? 
_refine_hist.pdbx_number_atoms_carb           ? 
_refine_hist.pdbx_pseudo_atom_details         ? 
# 
loop_
_refine_ls_restr.pdbx_refine_id 
_refine_ls_restr.criterion 
_refine_ls_restr.dev_ideal 
_refine_ls_restr.dev_ideal_target 
_refine_ls_restr.number 
_refine_ls_restr.rejects 
_refine_ls_restr.type 
_refine_ls_restr.weight 
_refine_ls_restr.pdbx_restraint_function 
'X-RAY DIFFRACTION' ? 0.00563253602607 ? 595 ? f_bond_d           ? ? 
'X-RAY DIFFRACTION' ? 0.76842617257    ? 801 ? f_angle_d          ? ? 
'X-RAY DIFFRACTION' ? 0.0426255483238  ? 87  ? f_chiral_restr     ? ? 
'X-RAY DIFFRACTION' ? 0.00385084213775 ? 111 ? f_plane_restr      ? ? 
'X-RAY DIFFRACTION' ? 14.2229275146    ? 361 ? f_dihedral_angle_d ? ? 
# 
loop_
_refine_ls_shell.pdbx_refine_id 
_refine_ls_shell.d_res_high 
_refine_ls_shell.d_res_low 
_refine_ls_shell.number_reflns_all 
_refine_ls_shell.number_reflns_obs 
_refine_ls_shell.number_reflns_R_free 
_refine_ls_shell.number_reflns_R_work 
_refine_ls_shell.percent_reflns_obs 
_refine_ls_shell.percent_reflns_R_free 
_refine_ls_shell.R_factor_all 
_refine_ls_shell.R_factor_obs 
_refine_ls_shell.R_factor_R_free 
_refine_ls_shell.R_factor_R_free_error 
_refine_ls_shell.R_factor_R_work 
_refine_ls_shell.redundancy_reflns_all 
_refine_ls_shell.redundancy_reflns_obs 
_refine_ls_shell.wR_factor_all 
_refine_ls_shell.wR_factor_obs 
_refine_ls_shell.wR_factor_R_free 
_refine_ls_shell.wR_factor_R_work 
_refine_ls_shell.pdbx_total_number_of_bins_used 
_refine_ls_shell.pdbx_phase_error 
_refine_ls_shell.pdbx_fsc_work 
_refine_ls_shell.pdbx_fsc_free 
'X-RAY DIFFRACTION' 1.58   1.739  . . 132 2507 97.5600739372 . . . 0.276401433098 . 0.166421004247 . . . . . . . . . . 
'X-RAY DIFFRACTION' 1.739  1.9906 . . 135 2554 98.2462550237 . . . 0.225662338253 . 0.166497961512 . . . . . . . . . . 
'X-RAY DIFFRACTION' 1.9906 2.5079 . . 136 2586 98.6231884058 . . . 0.230293338746 . 0.184629837648 . . . . . . . . . . 
'X-RAY DIFFRACTION' 2.5079 .      . . 146 2764 98.9123045547 . . . 0.232644251491 . 0.196058614765 . . . . . . . . . . 
# 
_struct.entry_id                     6S6R 
_struct.title                        
'First crystal structure of parasitic PEX14 in complex with a fragment molecule 1H-indole-7-carboxylic acid' 
_struct.pdbx_model_details           ? 
_struct.pdbx_formula_weight          ? 
_struct.pdbx_formula_weight_method   ? 
_struct.pdbx_model_type_details      ? 
_struct.pdbx_CASP_flag               N 
# 
_struct_keywords.entry_id        6S6R 
_struct_keywords.text            'PEX14, PPI, PEX14/PEX5, Trypanosomes, FBDD, SIGNALING PROTEIN' 
_struct_keywords.pdbx_keywords   'SIGNALING PROTEIN' 
# 
loop_
_struct_asym.id 
_struct_asym.pdbx_blank_PDB_chainid_flag 
_struct_asym.pdbx_modified 
_struct_asym.entity_id 
_struct_asym.details 
A N N 1 ? 
B N N 2 ? 
C N N 2 ? 
D N N 2 ? 
E N N 3 ? 
F N N 4 ? 
G N N 5 ? 
H N N 6 ? 
# 
_struct_ref.id                         1 
_struct_ref.db_name                    UNP 
_struct_ref.db_code                    Q8IEW2_TRYBB 
_struct_ref.pdbx_db_accession          Q8IEW2 
_struct_ref.pdbx_db_isoform            ? 
_struct_ref.entity_id                  1 
_struct_ref.pdbx_seq_one_letter_code   EHTHSEREKRVSNAVEFLLDSRVRRTPTSSKVHFLKSKGLSAEEICEAFTKVGQPKTLNEIKRILS 
_struct_ref.pdbx_align_begin           19 
# 
_struct_ref_seq.align_id                      1 
_struct_ref_seq.ref_id                        1 
_struct_ref_seq.pdbx_PDB_id_code              6S6R 
_struct_ref_seq.pdbx_strand_id                A 
_struct_ref_seq.seq_align_beg                 4 
_struct_ref_seq.pdbx_seq_align_beg_ins_code   ? 
_struct_ref_seq.seq_align_end                 69 
_struct_ref_seq.pdbx_seq_align_end_ins_code   ? 
_struct_ref_seq.pdbx_db_accession             Q8IEW2 
_struct_ref_seq.db_align_beg                  19 
_struct_ref_seq.pdbx_db_align_beg_ins_code    ? 
_struct_ref_seq.db_align_end                  84 
_struct_ref_seq.pdbx_db_align_end_ins_code    ? 
_struct_ref_seq.pdbx_auth_seq_align_beg       1 
_struct_ref_seq.pdbx_auth_seq_align_end       66 
# 
loop_
_struct_ref_seq_dif.align_id 
_struct_ref_seq_dif.pdbx_pdb_id_code 
_struct_ref_seq_dif.mon_id 
_struct_ref_seq_dif.pdbx_pdb_strand_id 
_struct_ref_seq_dif.seq_num 
_struct_ref_seq_dif.pdbx_pdb_ins_code 
_struct_ref_seq_dif.pdbx_seq_db_name 
_struct_ref_seq_dif.pdbx_seq_db_accession_code 
_struct_ref_seq_dif.db_mon_id 
_struct_ref_seq_dif.pdbx_seq_db_seq_num 
_struct_ref_seq_dif.details 
_struct_ref_seq_dif.pdbx_auth_seq_num 
_struct_ref_seq_dif.pdbx_ordinal 
1 6S6R GLY A 1 ? UNP Q8IEW2 ?   ?  'expression tag'      -2 1 
1 6S6R ALA A 2 ? UNP Q8IEW2 ?   ?  'expression tag'      -1 2 
1 6S6R MET A 3 ? UNP Q8IEW2 ?   ?  'expression tag'      0  3 
1 6S6R TRP A 4 ? UNP Q8IEW2 GLU 19 'engineered mutation' 1  4 
# 
_pdbx_struct_assembly.id                   1 
_pdbx_struct_assembly.details              author_and_software_defined_assembly 
_pdbx_struct_assembly.method_details       PISA 
_pdbx_struct_assembly.oligomeric_details   monomeric 
_pdbx_struct_assembly.oligomeric_count     1 
# 
loop_
_pdbx_struct_assembly_prop.biol_id 
_pdbx_struct_assembly_prop.type 
_pdbx_struct_assembly_prop.value 
_pdbx_struct_assembly_prop.details 
1 'ABSA (A^2)' 850  ? 
1 MORE         -25  ? 
1 'SSA (A^2)'  4910 ? 
# 
_pdbx_struct_assembly_gen.assembly_id       1 
_pdbx_struct_assembly_gen.oper_expression   1 
_pdbx_struct_assembly_gen.asym_id_list      A,B,C,D,E,F,G,H 
# 
_pdbx_struct_assembly_auth_evidence.id                     1 
_pdbx_struct_assembly_auth_evidence.assembly_id            1 
_pdbx_struct_assembly_auth_evidence.experimental_support   none 
_pdbx_struct_assembly_auth_evidence.details                ? 
# 
_pdbx_struct_oper_list.id                   1 
_pdbx_struct_oper_list.type                 'identity operation' 
_pdbx_struct_oper_list.name                 1_555 
_pdbx_struct_oper_list.symmetry_operation   x,y,z 
_pdbx_struct_oper_list.matrix[1][1]         1.0000000000 
_pdbx_struct_oper_list.matrix[1][2]         0.0000000000 
_pdbx_struct_oper_list.matrix[1][3]         0.0000000000 
_pdbx_struct_oper_list.vector[1]            0.0000000000 
_pdbx_struct_oper_list.matrix[2][1]         0.0000000000 
_pdbx_struct_oper_list.matrix[2][2]         1.0000000000 
_pdbx_struct_oper_list.matrix[2][3]         0.0000000000 
_pdbx_struct_oper_list.vector[2]            0.0000000000 
_pdbx_struct_oper_list.matrix[3][1]         0.0000000000 
_pdbx_struct_oper_list.matrix[3][2]         0.0000000000 
_pdbx_struct_oper_list.matrix[3][3]         1.0000000000 
_pdbx_struct_oper_list.vector[3]            0.0000000000 
# 
loop_
_struct_conf.conf_type_id 
_struct_conf.id 
_struct_conf.pdbx_PDB_helix_id 
_struct_conf.beg_label_comp_id 
_struct_conf.beg_label_asym_id 
_struct_conf.beg_label_seq_id 
_struct_conf.pdbx_beg_PDB_ins_code 
_struct_conf.end_label_comp_id 
_struct_conf.end_label_asym_id 
_struct_conf.end_label_seq_id 
_struct_conf.pdbx_end_PDB_ins_code 
_struct_conf.beg_auth_comp_id 
_struct_conf.beg_auth_asym_id 
_struct_conf.beg_auth_seq_id 
_struct_conf.end_auth_comp_id 
_struct_conf.end_auth_asym_id 
_struct_conf.end_auth_seq_id 
_struct_conf.pdbx_PDB_helix_class 
_struct_conf.details 
_struct_conf.pdbx_PDB_helix_length 
HELX_P HELX_P1 AA1 HIS A 5  ? ASP A 23 ? HIS A 2  ASP A 20 1 ? 19 
HELX_P HELX_P2 AA2 ASP A 23 ? ARG A 28 ? ASP A 20 ARG A 25 1 ? 6  
HELX_P HELX_P3 AA3 PRO A 30 ? LYS A 41 ? PRO A 27 LYS A 38 1 ? 12 
HELX_P HELX_P4 AA4 SER A 44 ? VAL A 55 ? SER A 41 VAL A 52 1 ? 12 
HELX_P HELX_P5 AA5 THR A 60 ? SER A 69 ? THR A 57 SER A 66 1 ? 10 
# 
_struct_conf_type.id          HELX_P 
_struct_conf_type.criteria    ? 
_struct_conf_type.reference   ? 
# 
loop_
_struct_site.id 
_struct_site.pdbx_evidence_code 
_struct_site.pdbx_auth_asym_id 
_struct_site.pdbx_auth_comp_id 
_struct_site.pdbx_auth_seq_id 
_struct_site.pdbx_auth_ins_code 
_struct_site.pdbx_num_residues 
_struct_site.details 
AC1 Software A SO4 101 ? 8 'binding site for residue SO4 A 101' 
AC2 Software A SO4 102 ? 5 'binding site for residue SO4 A 102' 
AC3 Software A SO4 103 ? 3 'binding site for residue SO4 A 103' 
AC4 Software A KXQ 104 ? 8 'binding site for residue KXQ A 104' 
AC5 Software A GOL 105 ? 6 'binding site for residue GOL A 105' 
AC6 Software A DMS 106 ? 4 'binding site for residue DMS A 106' 
# 
loop_
_struct_site_gen.id 
_struct_site_gen.site_id 
_struct_site_gen.pdbx_num_res 
_struct_site_gen.label_comp_id 
_struct_site_gen.label_asym_id 
_struct_site_gen.label_seq_id 
_struct_site_gen.pdbx_auth_ins_code 
_struct_site_gen.auth_comp_id 
_struct_site_gen.auth_asym_id 
_struct_site_gen.auth_seq_id 
_struct_site_gen.label_atom_id 
_struct_site_gen.label_alt_id 
_struct_site_gen.symmetry 
_struct_site_gen.details 
1  AC1 8 ALA A 2  ? ALA A -1  . ? 1_565 ? 
2  AC1 8 GLY A 1  ? GLY A -2  . ? 1_565 ? 
3  AC1 8 ARG A 28 ? ARG A 25  . ? 4_564 ? 
4  AC1 8 THR A 60 ? THR A 57  . ? 1_555 ? 
5  AC1 8 ASN A 62 ? ASN A 59  . ? 1_555 ? 
6  AC1 8 ARG A 66 ? ARG A 63  . ? 1_555 ? 
7  AC1 8 HOH H .  ? HOH A 219 . ? 4_564 ? 
8  AC1 8 HOH H .  ? HOH A 226 . ? 1_555 ? 
9  AC2 5 HIS A 7  ? HIS A 4   . ? 1_555 ? 
10 AC2 5 GLU A 11 ? GLU A 8   . ? 1_555 ? 
11 AC2 5 HIS A 36 ? HIS A 33  . ? 4_564 ? 
12 AC2 5 LEU A 68 ? LEU A 65  . ? 4_564 ? 
13 AC2 5 HOH H .  ? HOH A 208 . ? 1_555 ? 
14 AC3 3 HIS A 5  ? HIS A 2   . ? 1_555 ? 
15 AC3 3 ARG A 25 ? ARG A 22  . ? 4_554 ? 
16 AC3 3 ARG A 28 ? ARG A 25  . ? 4_554 ? 
17 AC4 8 ALA A 2  ? ALA A -1  . ? 7_647 ? 
18 AC4 8 TRP A 4  ? TRP A 1   . ? 7_647 ? 
19 AC4 8 PHE A 20 ? PHE A 17  . ? 1_555 ? 
20 AC4 8 ASP A 23 ? ASP A 20  . ? 1_555 ? 
21 AC4 8 PHE A 37 ? PHE A 34  . ? 1_555 ? 
22 AC4 8 THR A 53 ? THR A 50  . ? 3_645 ? 
23 AC4 8 PRO A 58 ? PRO A 55  . ? 3_645 ? 
24 AC4 8 HOH H .  ? HOH A 202 . ? 1_555 ? 
25 AC5 6 MET A 3  ? MET A 0   . ? 1_555 ? 
26 AC5 6 TRP A 4  ? TRP A 1   . ? 1_555 ? 
27 AC5 6 HIS A 5  ? HIS A 2   . ? 1_555 ? 
28 AC5 6 THR A 6  ? THR A 3   . ? 1_555 ? 
29 AC5 6 LYS A 41 ? LYS A 38  . ? 7_647 ? 
30 AC5 6 HOH H .  ? HOH A 218 . ? 1_555 ? 
31 AC6 4 HIS A 5  ? HIS A 2   . ? 1_555 ? 
32 AC6 4 HIS A 7  ? HIS A 4   . ? 1_555 ? 
33 AC6 4 SER A 8  ? SER A 5   . ? 1_555 ? 
34 AC6 4 HOH H .  ? HOH A 218 . ? 1_555 ? 
# 
_pdbx_entry_details.entry_id                 6S6R 
_pdbx_entry_details.has_ligand_of_interest   Y 
_pdbx_entry_details.compound_details         ? 
_pdbx_entry_details.source_details           ? 
_pdbx_entry_details.nonpolymer_details       ? 
_pdbx_entry_details.sequence_details         ? 
# 
loop_
_chem_comp_atom.comp_id 
_chem_comp_atom.atom_id 
_chem_comp_atom.type_symbol 
_chem_comp_atom.pdbx_aromatic_flag 
_chem_comp_atom.pdbx_stereo_config 
_chem_comp_atom.pdbx_ordinal 
ALA N    N N N 1   
ALA CA   C N S 2   
ALA C    C N N 3   
ALA O    O N N 4   
ALA CB   C N N 5   
ALA OXT  O N N 6   
ALA H    H N N 7   
ALA H2   H N N 8   
ALA HA   H N N 9   
ALA HB1  H N N 10  
ALA HB2  H N N 11  
ALA HB3  H N N 12  
ALA HXT  H N N 13  
ARG N    N N N 14  
ARG CA   C N S 15  
ARG C    C N N 16  
ARG O    O N N 17  
ARG CB   C N N 18  
ARG CG   C N N 19  
ARG CD   C N N 20  
ARG NE   N N N 21  
ARG CZ   C N N 22  
ARG NH1  N N N 23  
ARG NH2  N N N 24  
ARG OXT  O N N 25  
ARG H    H N N 26  
ARG H2   H N N 27  
ARG HA   H N N 28  
ARG HB2  H N N 29  
ARG HB3  H N N 30  
ARG HG2  H N N 31  
ARG HG3  H N N 32  
ARG HD2  H N N 33  
ARG HD3  H N N 34  
ARG HE   H N N 35  
ARG HH11 H N N 36  
ARG HH12 H N N 37  
ARG HH21 H N N 38  
ARG HH22 H N N 39  
ARG HXT  H N N 40  
ASN N    N N N 41  
ASN CA   C N S 42  
ASN C    C N N 43  
ASN O    O N N 44  
ASN CB   C N N 45  
ASN CG   C N N 46  
ASN OD1  O N N 47  
ASN ND2  N N N 48  
ASN OXT  O N N 49  
ASN H    H N N 50  
ASN H2   H N N 51  
ASN HA   H N N 52  
ASN HB2  H N N 53  
ASN HB3  H N N 54  
ASN HD21 H N N 55  
ASN HD22 H N N 56  
ASN HXT  H N N 57  
ASP N    N N N 58  
ASP CA   C N S 59  
ASP C    C N N 60  
ASP O    O N N 61  
ASP CB   C N N 62  
ASP CG   C N N 63  
ASP OD1  O N N 64  
ASP OD2  O N N 65  
ASP OXT  O N N 66  
ASP H    H N N 67  
ASP H2   H N N 68  
ASP HA   H N N 69  
ASP HB2  H N N 70  
ASP HB3  H N N 71  
ASP HD2  H N N 72  
ASP HXT  H N N 73  
CYS N    N N N 74  
CYS CA   C N R 75  
CYS C    C N N 76  
CYS O    O N N 77  
CYS CB   C N N 78  
CYS SG   S N N 79  
CYS OXT  O N N 80  
CYS H    H N N 81  
CYS H2   H N N 82  
CYS HA   H N N 83  
CYS HB2  H N N 84  
CYS HB3  H N N 85  
CYS HG   H N N 86  
CYS HXT  H N N 87  
DMS S    S N N 88  
DMS O    O N N 89  
DMS C1   C N N 90  
DMS C2   C N N 91  
DMS H11  H N N 92  
DMS H12  H N N 93  
DMS H13  H N N 94  
DMS H21  H N N 95  
DMS H22  H N N 96  
DMS H23  H N N 97  
GLN N    N N N 98  
GLN CA   C N S 99  
GLN C    C N N 100 
GLN O    O N N 101 
GLN CB   C N N 102 
GLN CG   C N N 103 
GLN CD   C N N 104 
GLN OE1  O N N 105 
GLN NE2  N N N 106 
GLN OXT  O N N 107 
GLN H    H N N 108 
GLN H2   H N N 109 
GLN HA   H N N 110 
GLN HB2  H N N 111 
GLN HB3  H N N 112 
GLN HG2  H N N 113 
GLN HG3  H N N 114 
GLN HE21 H N N 115 
GLN HE22 H N N 116 
GLN HXT  H N N 117 
GLU N    N N N 118 
GLU CA   C N S 119 
GLU C    C N N 120 
GLU O    O N N 121 
GLU CB   C N N 122 
GLU CG   C N N 123 
GLU CD   C N N 124 
GLU OE1  O N N 125 
GLU OE2  O N N 126 
GLU OXT  O N N 127 
GLU H    H N N 128 
GLU H2   H N N 129 
GLU HA   H N N 130 
GLU HB2  H N N 131 
GLU HB3  H N N 132 
GLU HG2  H N N 133 
GLU HG3  H N N 134 
GLU HE2  H N N 135 
GLU HXT  H N N 136 
GLY N    N N N 137 
GLY CA   C N N 138 
GLY C    C N N 139 
GLY O    O N N 140 
GLY OXT  O N N 141 
GLY H    H N N 142 
GLY H2   H N N 143 
GLY HA2  H N N 144 
GLY HA3  H N N 145 
GLY HXT  H N N 146 
GOL C1   C N N 147 
GOL O1   O N N 148 
GOL C2   C N N 149 
GOL O2   O N N 150 
GOL C3   C N N 151 
GOL O3   O N N 152 
GOL H11  H N N 153 
GOL H12  H N N 154 
GOL HO1  H N N 155 
GOL H2   H N N 156 
GOL HO2  H N N 157 
GOL H31  H N N 158 
GOL H32  H N N 159 
GOL HO3  H N N 160 
HIS N    N N N 161 
HIS CA   C N S 162 
HIS C    C N N 163 
HIS O    O N N 164 
HIS CB   C N N 165 
HIS CG   C Y N 166 
HIS ND1  N Y N 167 
HIS CD2  C Y N 168 
HIS CE1  C Y N 169 
HIS NE2  N Y N 170 
HIS OXT  O N N 171 
HIS H    H N N 172 
HIS H2   H N N 173 
HIS HA   H N N 174 
HIS HB2  H N N 175 
HIS HB3  H N N 176 
HIS HD1  H N N 177 
HIS HD2  H N N 178 
HIS HE1  H N N 179 
HIS HE2  H N N 180 
HIS HXT  H N N 181 
HOH O    O N N 182 
HOH H1   H N N 183 
HOH H2   H N N 184 
ILE N    N N N 185 
ILE CA   C N S 186 
ILE C    C N N 187 
ILE O    O N N 188 
ILE CB   C N S 189 
ILE CG1  C N N 190 
ILE CG2  C N N 191 
ILE CD1  C N N 192 
ILE OXT  O N N 193 
ILE H    H N N 194 
ILE H2   H N N 195 
ILE HA   H N N 196 
ILE HB   H N N 197 
ILE HG12 H N N 198 
ILE HG13 H N N 199 
ILE HG21 H N N 200 
ILE HG22 H N N 201 
ILE HG23 H N N 202 
ILE HD11 H N N 203 
ILE HD12 H N N 204 
ILE HD13 H N N 205 
ILE HXT  H N N 206 
KXQ N    N Y N 207 
KXQ C    C N N 208 
KXQ O    O N N 209 
KXQ O1   O N N 210 
KXQ C1   C Y N 211 
KXQ C8   C Y N 212 
KXQ C7   C Y N 213 
KXQ C6   C Y N 214 
KXQ C5   C Y N 215 
KXQ C2   C Y N 216 
KXQ C4   C Y N 217 
KXQ C3   C Y N 218 
KXQ H1   H N N 219 
KXQ H2   H N N 220 
KXQ H3   H N N 221 
KXQ H4   H N N 222 
KXQ H5   H N N 223 
KXQ H6   H N N 224 
KXQ H7   H N N 225 
LEU N    N N N 226 
LEU CA   C N S 227 
LEU C    C N N 228 
LEU O    O N N 229 
LEU CB   C N N 230 
LEU CG   C N N 231 
LEU CD1  C N N 232 
LEU CD2  C N N 233 
LEU OXT  O N N 234 
LEU H    H N N 235 
LEU H2   H N N 236 
LEU HA   H N N 237 
LEU HB2  H N N 238 
LEU HB3  H N N 239 
LEU HG   H N N 240 
LEU HD11 H N N 241 
LEU HD12 H N N 242 
LEU HD13 H N N 243 
LEU HD21 H N N 244 
LEU HD22 H N N 245 
LEU HD23 H N N 246 
LEU HXT  H N N 247 
LYS N    N N N 248 
LYS CA   C N S 249 
LYS C    C N N 250 
LYS O    O N N 251 
LYS CB   C N N 252 
LYS CG   C N N 253 
LYS CD   C N N 254 
LYS CE   C N N 255 
LYS NZ   N N N 256 
LYS OXT  O N N 257 
LYS H    H N N 258 
LYS H2   H N N 259 
LYS HA   H N N 260 
LYS HB2  H N N 261 
LYS HB3  H N N 262 
LYS HG2  H N N 263 
LYS HG3  H N N 264 
LYS HD2  H N N 265 
LYS HD3  H N N 266 
LYS HE2  H N N 267 
LYS HE3  H N N 268 
LYS HZ1  H N N 269 
LYS HZ2  H N N 270 
LYS HZ3  H N N 271 
LYS HXT  H N N 272 
MET N    N N N 273 
MET CA   C N S 274 
MET C    C N N 275 
MET O    O N N 276 
MET CB   C N N 277 
MET CG   C N N 278 
MET SD   S N N 279 
MET CE   C N N 280 
MET OXT  O N N 281 
MET H    H N N 282 
MET H2   H N N 283 
MET HA   H N N 284 
MET HB2  H N N 285 
MET HB3  H N N 286 
MET HG2  H N N 287 
MET HG3  H N N 288 
MET HE1  H N N 289 
MET HE2  H N N 290 
MET HE3  H N N 291 
MET HXT  H N N 292 
PHE N    N N N 293 
PHE CA   C N S 294 
PHE C    C N N 295 
PHE O    O N N 296 
PHE CB   C N N 297 
PHE CG   C Y N 298 
PHE CD1  C Y N 299 
PHE CD2  C Y N 300 
PHE CE1  C Y N 301 
PHE CE2  C Y N 302 
PHE CZ   C Y N 303 
PHE OXT  O N N 304 
PHE H    H N N 305 
PHE H2   H N N 306 
PHE HA   H N N 307 
PHE HB2  H N N 308 
PHE HB3  H N N 309 
PHE HD1  H N N 310 
PHE HD2  H N N 311 
PHE HE1  H N N 312 
PHE HE2  H N N 313 
PHE HZ   H N N 314 
PHE HXT  H N N 315 
PRO N    N N N 316 
PRO CA   C N S 317 
PRO C    C N N 318 
PRO O    O N N 319 
PRO CB   C N N 320 
PRO CG   C N N 321 
PRO CD   C N N 322 
PRO OXT  O N N 323 
PRO H    H N N 324 
PRO HA   H N N 325 
PRO HB2  H N N 326 
PRO HB3  H N N 327 
PRO HG2  H N N 328 
PRO HG3  H N N 329 
PRO HD2  H N N 330 
PRO HD3  H N N 331 
PRO HXT  H N N 332 
SER N    N N N 333 
SER CA   C N S 334 
SER C    C N N 335 
SER O    O N N 336 
SER CB   C N N 337 
SER OG   O N N 338 
SER OXT  O N N 339 
SER H    H N N 340 
SER H2   H N N 341 
SER HA   H N N 342 
SER HB2  H N N 343 
SER HB3  H N N 344 
SER HG   H N N 345 
SER HXT  H N N 346 
SO4 S    S N N 347 
SO4 O1   O N N 348 
SO4 O2   O N N 349 
SO4 O3   O N N 350 
SO4 O4   O N N 351 
THR N    N N N 352 
THR CA   C N S 353 
THR C    C N N 354 
THR O    O N N 355 
THR CB   C N R 356 
THR OG1  O N N 357 
THR CG2  C N N 358 
THR OXT  O N N 359 
THR H    H N N 360 
THR H2   H N N 361 
THR HA   H N N 362 
THR HB   H N N 363 
THR HG1  H N N 364 
THR HG21 H N N 365 
THR HG22 H N N 366 
THR HG23 H N N 367 
THR HXT  H N N 368 
TRP N    N N N 369 
TRP CA   C N S 370 
TRP C    C N N 371 
TRP O    O N N 372 
TRP CB   C N N 373 
TRP CG   C Y N 374 
TRP CD1  C Y N 375 
TRP CD2  C Y N 376 
TRP NE1  N Y N 377 
TRP CE2  C Y N 378 
TRP CE3  C Y N 379 
TRP CZ2  C Y N 380 
TRP CZ3  C Y N 381 
TRP CH2  C Y N 382 
TRP OXT  O N N 383 
TRP H    H N N 384 
TRP H2   H N N 385 
TRP HA   H N N 386 
TRP HB2  H N N 387 
TRP HB3  H N N 388 
TRP HD1  H N N 389 
TRP HE1  H N N 390 
TRP HE3  H N N 391 
TRP HZ2  H N N 392 
TRP HZ3  H N N 393 
TRP HH2  H N N 394 
TRP HXT  H N N 395 
VAL N    N N N 396 
VAL CA   C N S 397 
VAL C    C N N 398 
VAL O    O N N 399 
VAL CB   C N N 400 
VAL CG1  C N N 401 
VAL CG2  C N N 402 
VAL OXT  O N N 403 
VAL H    H N N 404 
VAL H2   H N N 405 
VAL HA   H N N 406 
VAL HB   H N N 407 
VAL HG11 H N N 408 
VAL HG12 H N N 409 
VAL HG13 H N N 410 
VAL HG21 H N N 411 
VAL HG22 H N N 412 
VAL HG23 H N N 413 
VAL HXT  H N N 414 
# 
loop_
_chem_comp_bond.comp_id 
_chem_comp_bond.atom_id_1 
_chem_comp_bond.atom_id_2 
_chem_comp_bond.value_order 
_chem_comp_bond.pdbx_aromatic_flag 
_chem_comp_bond.pdbx_stereo_config 
_chem_comp_bond.pdbx_ordinal 
ALA N   CA   sing N N 1   
ALA N   H    sing N N 2   
ALA N   H2   sing N N 3   
ALA CA  C    sing N N 4   
ALA CA  CB   sing N N 5   
ALA CA  HA   sing N N 6   
ALA C   O    doub N N 7   
ALA C   OXT  sing N N 8   
ALA CB  HB1  sing N N 9   
ALA CB  HB2  sing N N 10  
ALA CB  HB3  sing N N 11  
ALA OXT HXT  sing N N 12  
ARG N   CA   sing N N 13  
ARG N   H    sing N N 14  
ARG N   H2   sing N N 15  
ARG CA  C    sing N N 16  
ARG CA  CB   sing N N 17  
ARG CA  HA   sing N N 18  
ARG C   O    doub N N 19  
ARG C   OXT  sing N N 20  
ARG CB  CG   sing N N 21  
ARG CB  HB2  sing N N 22  
ARG CB  HB3  sing N N 23  
ARG CG  CD   sing N N 24  
ARG CG  HG2  sing N N 25  
ARG CG  HG3  sing N N 26  
ARG CD  NE   sing N N 27  
ARG CD  HD2  sing N N 28  
ARG CD  HD3  sing N N 29  
ARG NE  CZ   sing N N 30  
ARG NE  HE   sing N N 31  
ARG CZ  NH1  sing N N 32  
ARG CZ  NH2  doub N N 33  
ARG NH1 HH11 sing N N 34  
ARG NH1 HH12 sing N N 35  
ARG NH2 HH21 sing N N 36  
ARG NH2 HH22 sing N N 37  
ARG OXT HXT  sing N N 38  
ASN N   CA   sing N N 39  
ASN N   H    sing N N 40  
ASN N   H2   sing N N 41  
ASN CA  C    sing N N 42  
ASN CA  CB   sing N N 43  
ASN CA  HA   sing N N 44  
ASN C   O    doub N N 45  
ASN C   OXT  sing N N 46  
ASN CB  CG   sing N N 47  
ASN CB  HB2  sing N N 48  
ASN CB  HB3  sing N N 49  
ASN CG  OD1  doub N N 50  
ASN CG  ND2  sing N N 51  
ASN ND2 HD21 sing N N 52  
ASN ND2 HD22 sing N N 53  
ASN OXT HXT  sing N N 54  
ASP N   CA   sing N N 55  
ASP N   H    sing N N 56  
ASP N   H2   sing N N 57  
ASP CA  C    sing N N 58  
ASP CA  CB   sing N N 59  
ASP CA  HA   sing N N 60  
ASP C   O    doub N N 61  
ASP C   OXT  sing N N 62  
ASP CB  CG   sing N N 63  
ASP CB  HB2  sing N N 64  
ASP CB  HB3  sing N N 65  
ASP CG  OD1  doub N N 66  
ASP CG  OD2  sing N N 67  
ASP OD2 HD2  sing N N 68  
ASP OXT HXT  sing N N 69  
CYS N   CA   sing N N 70  
CYS N   H    sing N N 71  
CYS N   H2   sing N N 72  
CYS CA  C    sing N N 73  
CYS CA  CB   sing N N 74  
CYS CA  HA   sing N N 75  
CYS C   O    doub N N 76  
CYS C   OXT  sing N N 77  
CYS CB  SG   sing N N 78  
CYS CB  HB2  sing N N 79  
CYS CB  HB3  sing N N 80  
CYS SG  HG   sing N N 81  
CYS OXT HXT  sing N N 82  
DMS S   O    doub N N 83  
DMS S   C1   sing N N 84  
DMS S   C2   sing N N 85  
DMS C1  H11  sing N N 86  
DMS C1  H12  sing N N 87  
DMS C1  H13  sing N N 88  
DMS C2  H21  sing N N 89  
DMS C2  H22  sing N N 90  
DMS C2  H23  sing N N 91  
GLN N   CA   sing N N 92  
GLN N   H    sing N N 93  
GLN N   H2   sing N N 94  
GLN CA  C    sing N N 95  
GLN CA  CB   sing N N 96  
GLN CA  HA   sing N N 97  
GLN C   O    doub N N 98  
GLN C   OXT  sing N N 99  
GLN CB  CG   sing N N 100 
GLN CB  HB2  sing N N 101 
GLN CB  HB3  sing N N 102 
GLN CG  CD   sing N N 103 
GLN CG  HG2  sing N N 104 
GLN CG  HG3  sing N N 105 
GLN CD  OE1  doub N N 106 
GLN CD  NE2  sing N N 107 
GLN NE2 HE21 sing N N 108 
GLN NE2 HE22 sing N N 109 
GLN OXT HXT  sing N N 110 
GLU N   CA   sing N N 111 
GLU N   H    sing N N 112 
GLU N   H2   sing N N 113 
GLU CA  C    sing N N 114 
GLU CA  CB   sing N N 115 
GLU CA  HA   sing N N 116 
GLU C   O    doub N N 117 
GLU C   OXT  sing N N 118 
GLU CB  CG   sing N N 119 
GLU CB  HB2  sing N N 120 
GLU CB  HB3  sing N N 121 
GLU CG  CD   sing N N 122 
GLU CG  HG2  sing N N 123 
GLU CG  HG3  sing N N 124 
GLU CD  OE1  doub N N 125 
GLU CD  OE2  sing N N 126 
GLU OE2 HE2  sing N N 127 
GLU OXT HXT  sing N N 128 
GLY N   CA   sing N N 129 
GLY N   H    sing N N 130 
GLY N   H2   sing N N 131 
GLY CA  C    sing N N 132 
GLY CA  HA2  sing N N 133 
GLY CA  HA3  sing N N 134 
GLY C   O    doub N N 135 
GLY C   OXT  sing N N 136 
GLY OXT HXT  sing N N 137 
GOL C1  O1   sing N N 138 
GOL C1  C2   sing N N 139 
GOL C1  H11  sing N N 140 
GOL C1  H12  sing N N 141 
GOL O1  HO1  sing N N 142 
GOL C2  O2   sing N N 143 
GOL C2  C3   sing N N 144 
GOL C2  H2   sing N N 145 
GOL O2  HO2  sing N N 146 
GOL C3  O3   sing N N 147 
GOL C3  H31  sing N N 148 
GOL C3  H32  sing N N 149 
GOL O3  HO3  sing N N 150 
HIS N   CA   sing N N 151 
HIS N   H    sing N N 152 
HIS N   H2   sing N N 153 
HIS CA  C    sing N N 154 
HIS CA  CB   sing N N 155 
HIS CA  HA   sing N N 156 
HIS C   O    doub N N 157 
HIS C   OXT  sing N N 158 
HIS CB  CG   sing N N 159 
HIS CB  HB2  sing N N 160 
HIS CB  HB3  sing N N 161 
HIS CG  ND1  sing Y N 162 
HIS CG  CD2  doub Y N 163 
HIS ND1 CE1  doub Y N 164 
HIS ND1 HD1  sing N N 165 
HIS CD2 NE2  sing Y N 166 
HIS CD2 HD2  sing N N 167 
HIS CE1 NE2  sing Y N 168 
HIS CE1 HE1  sing N N 169 
HIS NE2 HE2  sing N N 170 
HIS OXT HXT  sing N N 171 
HOH O   H1   sing N N 172 
HOH O   H2   sing N N 173 
ILE N   CA   sing N N 174 
ILE N   H    sing N N 175 
ILE N   H2   sing N N 176 
ILE CA  C    sing N N 177 
ILE CA  CB   sing N N 178 
ILE CA  HA   sing N N 179 
ILE C   O    doub N N 180 
ILE C   OXT  sing N N 181 
ILE CB  CG1  sing N N 182 
ILE CB  CG2  sing N N 183 
ILE CB  HB   sing N N 184 
ILE CG1 CD1  sing N N 185 
ILE CG1 HG12 sing N N 186 
ILE CG1 HG13 sing N N 187 
ILE CG2 HG21 sing N N 188 
ILE CG2 HG22 sing N N 189 
ILE CG2 HG23 sing N N 190 
ILE CD1 HD11 sing N N 191 
ILE CD1 HD12 sing N N 192 
ILE CD1 HD13 sing N N 193 
ILE OXT HXT  sing N N 194 
KXQ O1  C    doub N N 195 
KXQ O   C    sing N N 196 
KXQ C   C1   sing N N 197 
KXQ C1  C8   doub Y N 198 
KXQ C1  C2   sing Y N 199 
KXQ C8  C7   sing Y N 200 
KXQ C2  N    sing Y N 201 
KXQ C2  C5   doub Y N 202 
KXQ C7  C6   doub Y N 203 
KXQ N   C3   sing Y N 204 
KXQ C5  C6   sing Y N 205 
KXQ C5  C4   sing Y N 206 
KXQ C3  C4   doub Y N 207 
KXQ N   H1   sing N N 208 
KXQ O   H2   sing N N 209 
KXQ C8  H3   sing N N 210 
KXQ C7  H4   sing N N 211 
KXQ C6  H5   sing N N 212 
KXQ C4  H6   sing N N 213 
KXQ C3  H7   sing N N 214 
LEU N   CA   sing N N 215 
LEU N   H    sing N N 216 
LEU N   H2   sing N N 217 
LEU CA  C    sing N N 218 
LEU CA  CB   sing N N 219 
LEU CA  HA   sing N N 220 
LEU C   O    doub N N 221 
LEU C   OXT  sing N N 222 
LEU CB  CG   sing N N 223 
LEU CB  HB2  sing N N 224 
LEU CB  HB3  sing N N 225 
LEU CG  CD1  sing N N 226 
LEU CG  CD2  sing N N 227 
LEU CG  HG   sing N N 228 
LEU CD1 HD11 sing N N 229 
LEU CD1 HD12 sing N N 230 
LEU CD1 HD13 sing N N 231 
LEU CD2 HD21 sing N N 232 
LEU CD2 HD22 sing N N 233 
LEU CD2 HD23 sing N N 234 
LEU OXT HXT  sing N N 235 
LYS N   CA   sing N N 236 
LYS N   H    sing N N 237 
LYS N   H2   sing N N 238 
LYS CA  C    sing N N 239 
LYS CA  CB   sing N N 240 
LYS CA  HA   sing N N 241 
LYS C   O    doub N N 242 
LYS C   OXT  sing N N 243 
LYS CB  CG   sing N N 244 
LYS CB  HB2  sing N N 245 
LYS CB  HB3  sing N N 246 
LYS CG  CD   sing N N 247 
LYS CG  HG2  sing N N 248 
LYS CG  HG3  sing N N 249 
LYS CD  CE   sing N N 250 
LYS CD  HD2  sing N N 251 
LYS CD  HD3  sing N N 252 
LYS CE  NZ   sing N N 253 
LYS CE  HE2  sing N N 254 
LYS CE  HE3  sing N N 255 
LYS NZ  HZ1  sing N N 256 
LYS NZ  HZ2  sing N N 257 
LYS NZ  HZ3  sing N N 258 
LYS OXT HXT  sing N N 259 
MET N   CA   sing N N 260 
MET N   H    sing N N 261 
MET N   H2   sing N N 262 
MET CA  C    sing N N 263 
MET CA  CB   sing N N 264 
MET CA  HA   sing N N 265 
MET C   O    doub N N 266 
MET C   OXT  sing N N 267 
MET CB  CG   sing N N 268 
MET CB  HB2  sing N N 269 
MET CB  HB3  sing N N 270 
MET CG  SD   sing N N 271 
MET CG  HG2  sing N N 272 
MET CG  HG3  sing N N 273 
MET SD  CE   sing N N 274 
MET CE  HE1  sing N N 275 
MET CE  HE2  sing N N 276 
MET CE  HE3  sing N N 277 
MET OXT HXT  sing N N 278 
PHE N   CA   sing N N 279 
PHE N   H    sing N N 280 
PHE N   H2   sing N N 281 
PHE CA  C    sing N N 282 
PHE CA  CB   sing N N 283 
PHE CA  HA   sing N N 284 
PHE C   O    doub N N 285 
PHE C   OXT  sing N N 286 
PHE CB  CG   sing N N 287 
PHE CB  HB2  sing N N 288 
PHE CB  HB3  sing N N 289 
PHE CG  CD1  doub Y N 290 
PHE CG  CD2  sing Y N 291 
PHE CD1 CE1  sing Y N 292 
PHE CD1 HD1  sing N N 293 
PHE CD2 CE2  doub Y N 294 
PHE CD2 HD2  sing N N 295 
PHE CE1 CZ   doub Y N 296 
PHE CE1 HE1  sing N N 297 
PHE CE2 CZ   sing Y N 298 
PHE CE2 HE2  sing N N 299 
PHE CZ  HZ   sing N N 300 
PHE OXT HXT  sing N N 301 
PRO N   CA   sing N N 302 
PRO N   CD   sing N N 303 
PRO N   H    sing N N 304 
PRO CA  C    sing N N 305 
PRO CA  CB   sing N N 306 
PRO CA  HA   sing N N 307 
PRO C   O    doub N N 308 
PRO C   OXT  sing N N 309 
PRO CB  CG   sing N N 310 
PRO CB  HB2  sing N N 311 
PRO CB  HB3  sing N N 312 
PRO CG  CD   sing N N 313 
PRO CG  HG2  sing N N 314 
PRO CG  HG3  sing N N 315 
PRO CD  HD2  sing N N 316 
PRO CD  HD3  sing N N 317 
PRO OXT HXT  sing N N 318 
SER N   CA   sing N N 319 
SER N   H    sing N N 320 
SER N   H2   sing N N 321 
SER CA  C    sing N N 322 
SER CA  CB   sing N N 323 
SER CA  HA   sing N N 324 
SER C   O    doub N N 325 
SER C   OXT  sing N N 326 
SER CB  OG   sing N N 327 
SER CB  HB2  sing N N 328 
SER CB  HB3  sing N N 329 
SER OG  HG   sing N N 330 
SER OXT HXT  sing N N 331 
SO4 S   O1   doub N N 332 
SO4 S   O2   doub N N 333 
SO4 S   O3   sing N N 334 
SO4 S   O4   sing N N 335 
THR N   CA   sing N N 336 
THR N   H    sing N N 337 
THR N   H2   sing N N 338 
THR CA  C    sing N N 339 
THR CA  CB   sing N N 340 
THR CA  HA   sing N N 341 
THR C   O    doub N N 342 
THR C   OXT  sing N N 343 
THR CB  OG1  sing N N 344 
THR CB  CG2  sing N N 345 
THR CB  HB   sing N N 346 
THR OG1 HG1  sing N N 347 
THR CG2 HG21 sing N N 348 
THR CG2 HG22 sing N N 349 
THR CG2 HG23 sing N N 350 
THR OXT HXT  sing N N 351 
TRP N   CA   sing N N 352 
TRP N   H    sing N N 353 
TRP N   H2   sing N N 354 
TRP CA  C    sing N N 355 
TRP CA  CB   sing N N 356 
TRP CA  HA   sing N N 357 
TRP C   O    doub N N 358 
TRP C   OXT  sing N N 359 
TRP CB  CG   sing N N 360 
TRP CB  HB2  sing N N 361 
TRP CB  HB3  sing N N 362 
TRP CG  CD1  doub Y N 363 
TRP CG  CD2  sing Y N 364 
TRP CD1 NE1  sing Y N 365 
TRP CD1 HD1  sing N N 366 
TRP CD2 CE2  doub Y N 367 
TRP CD2 CE3  sing Y N 368 
TRP NE1 CE2  sing Y N 369 
TRP NE1 HE1  sing N N 370 
TRP CE2 CZ2  sing Y N 371 
TRP CE3 CZ3  doub Y N 372 
TRP CE3 HE3  sing N N 373 
TRP CZ2 CH2  doub Y N 374 
TRP CZ2 HZ2  sing N N 375 
TRP CZ3 CH2  sing Y N 376 
TRP CZ3 HZ3  sing N N 377 
TRP CH2 HH2  sing N N 378 
TRP OXT HXT  sing N N 379 
VAL N   CA   sing N N 380 
VAL N   H    sing N N 381 
VAL N   H2   sing N N 382 
VAL CA  C    sing N N 383 
VAL CA  CB   sing N N 384 
VAL CA  HA   sing N N 385 
VAL C   O    doub N N 386 
VAL C   OXT  sing N N 387 
VAL CB  CG1  sing N N 388 
VAL CB  CG2  sing N N 389 
VAL CB  HB   sing N N 390 
VAL CG1 HG11 sing N N 391 
VAL CG1 HG12 sing N N 392 
VAL CG1 HG13 sing N N 393 
VAL CG2 HG21 sing N N 394 
VAL CG2 HG22 sing N N 395 
VAL CG2 HG23 sing N N 396 
VAL OXT HXT  sing N N 397 
# 
_pdbx_audit_support.funding_organization   'European Commission' 
_pdbx_audit_support.country                Germany 
_pdbx_audit_support.grant_number           ? 
_pdbx_audit_support.ordinal                1 
# 
_pdbx_entity_instance_feature.ordinal        1 
_pdbx_entity_instance_feature.comp_id        KXQ 
_pdbx_entity_instance_feature.asym_id        ? 
_pdbx_entity_instance_feature.seq_num        ? 
_pdbx_entity_instance_feature.auth_comp_id   KXQ 
_pdbx_entity_instance_feature.auth_asym_id   ? 
_pdbx_entity_instance_feature.auth_seq_num   ? 
_pdbx_entity_instance_feature.feature_type   'SUBJECT OF INVESTIGATION' 
_pdbx_entity_instance_feature.details        ? 
# 
_atom_sites.entry_id                    6S6R 
_atom_sites.Cartn_transf_matrix[1][1]   ? 
_atom_sites.Cartn_transf_matrix[1][2]   ? 
_atom_sites.Cartn_transf_matrix[1][3]   ? 
_atom_sites.Cartn_transf_matrix[2][1]   ? 
_atom_sites.Cartn_transf_matrix[2][2]   ? 
_atom_sites.Cartn_transf_matrix[2][3]   ? 
_atom_sites.Cartn_transf_matrix[3][1]   ? 
_atom_sites.Cartn_transf_matrix[3][2]   ? 
_atom_sites.Cartn_transf_matrix[3][3]   ? 
_atom_sites.Cartn_transf_vector[1]      ? 
_atom_sites.Cartn_transf_vector[2]      ? 
_atom_sites.Cartn_transf_vector[3]      ? 
_atom_sites.fract_transf_matrix[1][1]   -0.01295540 
_atom_sites.fract_transf_matrix[1][2]   -0.01381932 
_atom_sites.fract_transf_matrix[1][3]   0.01320524 
_atom_sites.fract_transf_matrix[2][1]   -0.01484301 
_atom_sites.fract_transf_matrix[2][2]   -0.00277761 
_atom_sites.fract_transf_matrix[2][3]   -0.01746895 
_atom_sites.fract_transf_matrix[3][1]   0.00644377 
_atom_sites.fract_transf_matrix[3][2]   -0.00978592 
_atom_sites.fract_transf_matrix[3][3]   -0.00391915 
_atom_sites.fract_transf_vector[1]      1.036979 
_atom_sites.fract_transf_vector[2]      0.411886 
_atom_sites.fract_transf_vector[3]      1.002441 
_atom_sites.solution_primary            ? 
_atom_sites.solution_secondary          ? 
_atom_sites.solution_hydrogens          ? 
_atom_sites.special_details             ? 
# 
loop_
_atom_type.symbol 
C 
N 
O 
S 
# 
loop_
_atom_site.group_PDB 
_atom_site.id 
_atom_site.type_symbol 
_atom_site.label_atom_id 
_atom_site.label_alt_id 
_atom_site.label_comp_id 
_atom_site.label_asym_id 
_atom_site.label_entity_id 
_atom_site.label_seq_id 
_atom_site.pdbx_PDB_ins_code 
_atom_site.Cartn_x 
_atom_site.Cartn_y 
_atom_site.Cartn_z 
_atom_site.occupancy 
_atom_site.B_iso_or_equiv 
_atom_site.pdbx_formal_charge 
_atom_site.auth_seq_id 
_atom_site.auth_comp_id 
_atom_site.auth_asym_id 
_atom_site.auth_atom_id 
_atom_site.pdbx_PDB_model_num 
ATOM   1   N N   . GLY A 1 1  ? 10.89497  1.60468   23.57897  1.000 30.14454 ?  -2  GLY A N   1 
ATOM   2   C CA  . GLY A 1 1  ? 10.42570  2.14857   24.84217  1.000 27.64519 ?  -2  GLY A CA  1 
ATOM   3   C C   . GLY A 1 1  ? 8.95079   2.53374   24.88173  1.000 27.66522 ?  -2  GLY A C   1 
ATOM   4   O O   . GLY A 1 1  ? 8.11451   1.92959   24.19969  1.000 26.89750 ?  -2  GLY A O   1 
ATOM   5   N N   . ALA A 1 2  ? 8.64673   3.55448   25.69722  1.000 27.06865 ?  -1  ALA A N   1 
ATOM   6   C CA  . ALA A 1 2  ? 7.27772   4.02445   25.90175  1.000 27.24350 ?  -1  ALA A CA  1 
ATOM   7   C C   . ALA A 1 2  ? 6.74626   4.82066   24.72015  1.000 30.04064 ?  -1  ALA A C   1 
ATOM   8   O O   . ALA A 1 2  ? 5.52712   4.99195   24.60267  1.000 30.65362 ?  -1  ALA A O   1 
ATOM   9   C CB  . ALA A 1 2  ? 7.20136   4.89175   27.15627  1.000 27.98528 ?  -1  ALA A CB  1 
ATOM   10  N N   . MET A 1 3  ? 7.62968   5.33461   23.86901  1.000 31.98127 ?  0   MET A N   1 
ATOM   11  C CA  . MET A 1 3  ? 7.23718   6.06859   22.67136  1.000 32.30385 ?  0   MET A CA  1 
ATOM   12  C C   . MET A 1 3  ? 7.16220   5.08869   21.50568  1.000 28.36567 ?  0   MET A C   1 
ATOM   13  O O   . MET A 1 3  ? 8.18030   4.53810   21.07455  1.000 27.85975 ?  0   MET A O   1 
ATOM   14  C CB  . MET A 1 3  ? 8.22311   7.19453   22.37812  1.000 36.32490 ?  0   MET A CB  1 
ATOM   15  C CG  . MET A 1 3  ? 8.48966   8.08975   23.55663  1.000 42.00626 ?  0   MET A CG  1 
ATOM   16  S SD  . MET A 1 3  ? 6.98432   8.84030   24.18983  1.000 47.53233 ?  0   MET A SD  1 
ATOM   17  C CE  . MET A 1 3  ? 6.54240   9.91263   22.82487  1.000 47.48471 ?  0   MET A CE  1 
ATOM   18  N N   . TRP A 1 4  ? 5.95636   4.88261   20.99308  1.000 24.31178 ?  1   TRP A N   1 
ATOM   19  C CA  . TRP A 1 4  ? 5.74498   3.97557   19.88067  1.000 21.74166 ?  1   TRP A CA  1 
ATOM   20  C C   . TRP A 1 4  ? 6.02511   4.60429   18.52197  1.000 24.18916 ?  1   TRP A C   1 
ATOM   21  O O   . TRP A 1 4  ? 6.23994   3.86797   17.55191  1.000 25.49045 ?  1   TRP A O   1 
ATOM   22  C CB  . TRP A 1 4  ? 4.31075   3.47505   19.91162  1.000 19.86885 ?  1   TRP A CB  1 
ATOM   23  C CG  . TRP A 1 4  ? 4.04550   2.52682   21.02353  1.000 19.30929 ?  1   TRP A CG  1 
ATOM   24  C CD1 . TRP A 1 4  ? 3.78675   2.83278   22.33584  1.000 19.46075 ?  1   TRP A CD1 1 
ATOM   25  C CD2 . TRP A 1 4  ? 3.99804   1.10618   20.92306  1.000 18.66370 ?  1   TRP A CD2 1 
ATOM   26  N NE1 . TRP A 1 4  ? 3.58236   1.68098   23.05171  1.000 19.14739 ?  1   TRP A NE1 1 
ATOM   27  C CE2 . TRP A 1 4  ? 3.70733   0.60716   22.20612  1.000 18.50866 ?  1   TRP A CE2 1 
ATOM   28  C CE3 . TRP A 1 4  ? 4.17315   0.20598   19.86655  1.000 18.59043 ?  1   TRP A CE3 1 
ATOM   29  C CZ2 . TRP A 1 4  ? 3.58635   -0.75467  22.46269  1.000 19.36674 ?  1   TRP A CZ2 1 
ATOM   30  C CZ3 . TRP A 1 4  ? 4.05525   -1.14462  20.12307  1.000 19.69785 ?  1   TRP A CZ3 1 
ATOM   31  C CH2 . TRP A 1 4  ? 3.76002   -1.61201  21.41070  1.000 19.06728 ?  1   TRP A CH2 1 
ATOM   32  N N   . HIS A 1 5  ? 6.00262   5.93395   18.41979  1.000 24.07789 ?  2   HIS A N   1 
ATOM   33  C CA  . HIS A 1 5  ? 6.19063   6.61915   17.14144  1.000 22.32864 ?  2   HIS A CA  1 
ATOM   34  C C   . HIS A 1 5  ? 5.23291   6.08883   16.07908  1.000 21.78514 ?  2   HIS A C   1 
ATOM   35  O O   . HIS A 1 5  ? 5.60528   5.88925   14.92090  1.000 22.16498 ?  2   HIS A O   1 
ATOM   36  C CB  . HIS A 1 5  ? 7.63974   6.51345   16.67451  1.000 22.72698 ?  2   HIS A CB  1 
ATOM   37  C CG  . HIS A 1 5  ? 8.62143   6.97041   17.70210  1.000 26.79465 ?  2   HIS A CG  1 
ATOM   38  N ND1 . HIS A 1 5  ? 8.66637   8.27094   18.15434  1.000 30.49911 ?  2   HIS A ND1 1 
ATOM   39  C CD2 . HIS A 1 5  ? 9.58029   6.29961   18.38441  1.000 29.33622 ?  2   HIS A CD2 1 
ATOM   40  C CE1 . HIS A 1 5  ? 9.62034   8.38582   19.06177  1.000 30.65954 ?  2   HIS A CE1 1 
ATOM   41  N NE2 . HIS A 1 5  ? 10.19082  7.20467   19.21825  1.000 30.89208 ?  2   HIS A NE2 1 
ATOM   42  N N   . THR A 1 6  ? 3.97486   5.88503   16.47862  1.000 21.31963 ?  3   THR A N   1 
ATOM   43  C CA  . THR A 1 6  ? 2.97840   5.31547   15.57440  1.000 22.41669 ?  3   THR A CA  1 
ATOM   44  C C   . THR A 1 6  ? 2.81418   6.16002   14.31692  1.000 22.15683 ?  3   THR A C   1 
ATOM   45  O O   . THR A 1 6  ? 2.76055   5.62365   13.20394  1.000 19.89006 ?  3   THR A O   1 
ATOM   46  C CB  . THR A 1 6  ? 1.64222   5.16699   16.30795  1.000 25.32903 ?  3   THR A CB  1 
ATOM   47  O OG1 . THR A 1 6  ? 1.81366   4.25895   17.40327  1.000 26.53227 ?  3   THR A OG1 1 
ATOM   48  C CG2 . THR A 1 6  ? 0.55825   4.62980   15.37895  1.000 27.43605 ?  3   THR A CG2 1 
ATOM   49  N N   . HIS A 1 7  ? 2.74613   7.48370   14.46387  1.000 22.89897 ?  4   HIS A N   1 
ATOM   50  C CA  . HIS A 1 7  ? 2.48729   8.31998   13.29635  1.000 23.62125 ?  4   HIS A CA  1 
ATOM   51  C C   . HIS A 1 7  ? 3.63796   8.24532   12.30147  1.000 22.87595 ?  4   HIS A C   1 
ATOM   52  O O   . HIS A 1 7  ? 3.42091   8.01984   11.10728  1.000 23.26971 ?  4   HIS A O   1 
ATOM   53  C CB  . HIS A 1 7  ? 2.23223   9.76825   13.71623  1.000 26.19154 ?  4   HIS A CB  1 
ATOM   54  C CG  . HIS A 1 7  ? 1.77716   10.64452  12.59397  1.000 29.09269 ?  4   HIS A CG  1 
ATOM   55  N ND1 . HIS A 1 7  ? 2.20029   11.94689  12.44704  1.000 33.09215 ?  4   HIS A ND1 1 
ATOM   56  C CD2 . HIS A 1 7  ? 0.93495   10.40410  11.56281  1.000 30.13887 ?  4   HIS A CD2 1 
ATOM   57  C CE1 . HIS A 1 7  ? 1.63586   12.47328  11.37462  1.000 32.03362 ?  4   HIS A CE1 1 
ATOM   58  N NE2 . HIS A 1 7  ? 0.86062   11.55827  10.82137  1.000 31.95095 ?  4   HIS A NE2 1 
ATOM   59  N N   . SER A 1 8  ? 4.87618   8.43552   12.76677  1.000 20.71248 ?  5   SER A N   1 
ATOM   60  C CA  . SER A 1 8  ? 5.97334   8.40566   11.80931  1.000 21.80429 ?  5   SER A CA  1 
ATOM   61  C C   . SER A 1 8  ? 6.13114   7.02043   11.19457  1.000 19.12459 ?  5   SER A C   1 
ATOM   62  O O   . SER A 1 8  ? 6.49724   6.90963   10.02095  1.000 19.80360 ?  5   SER A O   1 
ATOM   63  C CB  . SER A 1 8  ? 7.27143   8.87780   12.45733  1.000 27.83048 ?  5   SER A CB  1 
ATOM   64  O OG  . SER A 1 8  ? 7.60316   8.09891   13.58505  1.000 31.26261 ?  5   SER A OG  1 
ATOM   65  N N   . GLU A 1 9  ? 5.82321   5.95764   11.94813  1.000 18.90923 ?  6   GLU A N   1 
ATOM   66  C CA  . GLU A 1 9  ? 5.90712   4.61056   11.38598  1.000 19.80083 ?  6   GLU A CA  1 
ATOM   67  C C   . GLU A 1 9  ? 4.86612   4.39687   10.29573  1.000 18.11487 ?  6   GLU A C   1 
ATOM   68  O O   . GLU A 1 9  ? 5.15485   3.76729   9.26845   1.000 18.86962 ?  6   GLU A O   1 
ATOM   69  C CB  . GLU A 1 9  ? 5.74070   3.56248   12.48591  1.000 23.25852 ?  6   GLU A CB  1 
ATOM   70  C CG  . GLU A 1 9  ? 6.98170   3.36953   13.34951  1.000 30.26355 ?  6   GLU A CG  1 
ATOM   71  C CD  . GLU A 1 9  ? 8.24818   3.22511   12.51258  1.000 39.63396 ?  6   GLU A CD  1 
ATOM   72  O OE1 . GLU A 1 9  ? 9.18524   4.03032   12.70868  1.000 43.99817 ?  6   GLU A OE1 1 
ATOM   73  O OE2 . GLU A 1 9  ? 8.30125   2.32489   11.64008  1.000 42.77549 ?  6   GLU A OE2 1 
ATOM   74  N N   . ARG A 1 10 ? 3.64473   4.89993   10.50702  1.000 17.90061 ?  7   ARG A N   1 
ATOM   75  C CA  . ARG A 1 10 ? 2.62131   4.80850   9.47434   1.000 17.50178 ?  7   ARG A CA  1 
ATOM   76  C C   . ARG A 1 10 ? 3.02003   5.62170   8.25215   1.000 17.66544 ?  7   ARG A C   1 
ATOM   77  O O   . ARG A 1 10 ? 2.85119   5.17314   7.11073   1.000 17.10091 ?  7   ARG A O   1 
ATOM   78  C CB  . ARG A 1 10 ? 1.27297   5.28065   10.02696  1.000 20.14318 ?  7   ARG A CB  1 
ATOM   79  N N   . GLU A 1 11 ? 3.59258   6.80659   8.47467   1.000 18.22321 ?  8   GLU A N   1 
ATOM   80  C CA  . GLU A 1 11 ? 4.01410   7.64815   7.36101   1.000 18.32631 ?  8   GLU A CA  1 
ATOM   81  C C   . GLU A 1 11 ? 5.08228   6.95859   6.53438   1.000 16.53794 ?  8   GLU A C   1 
ATOM   82  O O   . GLU A 1 11 ? 5.09526   7.06862   5.30293   1.000 17.81730 ?  8   GLU A O   1 
ATOM   83  C CB  . GLU A 1 11 ? 4.53129   8.99162   7.87960   1.000 21.65051 ?  8   GLU A CB  1 
ATOM   84  C CG  . GLU A 1 11 ? 3.45563   9.93216   8.38447   1.000 25.28309 ?  8   GLU A CG  1 
ATOM   85  C CD  . GLU A 1 11 ? 4.03197   11.19733  9.01211   1.000 31.39467 ?  8   GLU A CD  1 
ATOM   86  O OE1 . GLU A 1 11 ? 5.14358   11.14260  9.57706   1.000 34.59349 ?  8   GLU A OE1 1 
ATOM   87  O OE2 . GLU A 1 11 ? 3.37616   12.25376  8.94179   1.000 32.27435 ?  8   GLU A OE2 1 
ATOM   88  N N   . LYS A 1 12 ? 5.98769   6.24419   7.19802   1.000 17.60336 ?  9   LYS A N   1 
ATOM   89  C CA  . LYS A 1 12 ? 7.05783   5.55619   6.48329   1.000 18.49690 ?  9   LYS A CA  1 
ATOM   90  C C   . LYS A 1 12 ? 6.51530   4.38754   5.67180   1.000 15.58619 ?  9   LYS A C   1 
ATOM   91  O O   . LYS A 1 12 ? 6.98061   4.13825   4.55693   1.000 17.21785 ?  9   LYS A O   1 
ATOM   92  C CB  . LYS A 1 12 ? 8.12783   5.07961   7.46475   1.000 19.38462 ?  9   LYS A CB  1 
ATOM   93  C CG  . LYS A 1 12 ? 9.38987   4.56750   6.79265   1.000 26.26805 ?  9   LYS A CG  1 
ATOM   94  C CD  . LYS A 1 12 ? 10.03449  5.69297   5.98842   1.000 31.40357 ?  9   LYS A CD  1 
ATOM   95  C CE  . LYS A 1 12 ? 11.33383  5.27698   5.31975   1.000 36.33385 ?  9   LYS A CE  1 
ATOM   96  N NZ  . LYS A 1 12 ? 11.94208  6.41866   4.57724   1.000 38.36213 ?  9   LYS A NZ  1 
ATOM   97  N N   . ARG A 1 13 ? 5.52432   3.66341   6.20277   1.000 16.51761 ?  10  ARG A N   1 
ATOM   98  C CA  . ARG A 1 13 ? 4.92788   2.57654   5.42673   1.000 16.51580 ?  10  ARG A CA  1 
ATOM   99  C C   . ARG A 1 13 ? 4.28793   3.10144   4.15493   1.000 15.74972 ?  10  ARG A C   1 
ATOM   100 O O   . ARG A 1 13 ? 4.44912   2.50972   3.07945   1.000 14.57845 ?  10  ARG A O   1 
ATOM   101 C CB  . ARG A 1 13 ? 3.88031   1.82374   6.24975   1.000 16.19196 ?  10  ARG A CB  1 
ATOM   102 C CG  . ARG A 1 13 ? 4.44153   0.96808   7.35437   1.000 18.55357 ?  10  ARG A CG  1 
ATOM   103 C CD  . ARG A 1 13 ? 3.39747   -0.02359  7.82090   1.000 19.65374 ?  10  ARG A CD  1 
ATOM   104 N NE  . ARG A 1 13 ? 2.28081   0.62023   8.50504   1.000 18.89710 ?  10  ARG A NE  1 
ATOM   105 C CZ  . ARG A 1 13 ? 2.31952   1.04072   9.76911   1.000 20.96158 ?  10  ARG A CZ  1 
ATOM   106 N NH1 . ARG A 1 13 ? 1.24592   1.59888   10.31174  1.000 21.63413 ?  10  ARG A NH1 1 
ATOM   107 N NH2 . ARG A 1 13 ? 3.42612   0.90165   10.49667  1.000 21.14827 ?  10  ARG A NH2 1 
ATOM   108 N N   . VAL A 1 14 ? 3.53350   4.20172   4.26169   1.000 14.33660 ?  11  VAL A N   1 
ATOM   109 C CA  . VAL A 1 14 ? 2.82964   4.70998   3.09510   1.000 13.69155 ?  11  VAL A CA  1 
ATOM   110 C C   . VAL A 1 14 ? 3.81292   5.31720   2.10495   1.000 14.03620 ?  11  VAL A C   1 
ATOM   111 O O   . VAL A 1 14 ? 3.68321   5.11306   0.89517   1.000 15.31796 ?  11  VAL A O   1 
ATOM   112 C CB  . VAL A 1 14 ? 1.72395   5.69385   3.52208   1.000 12.92705 ?  11  VAL A CB  1 
ATOM   113 C CG1 . VAL A 1 14 ? 1.02819   6.30372   2.30713   1.000 15.09256 ?  11  VAL A CG1 1 
ATOM   114 C CG2 . VAL A 1 14 ? 0.71303   4.95874   4.40456   1.000 15.30780 ?  11  VAL A CG2 1 
ATOM   115 N N   . SER A 1 15 ? 4.82654   6.04925   2.58454   1.000 14.52072 ?  12  SER A N   1 
ATOM   116 C CA  . SER A 1 15 ? 5.76913   6.62825   1.62719   1.000 17.15143 ?  12  SER A CA  1 
ATOM   117 C C   . SER A 1 15 ? 6.60408   5.54440   0.94609   1.000 15.31954 ?  12  SER A C   1 
ATOM   118 O O   . SER A 1 15 ? 6.85510   5.62304   -0.26264  1.000 16.47389 ?  12  SER A O   1 
ATOM   119 C CB  . SER A 1 15 ? 6.65524   7.68597   2.29351   1.000 23.27130 ?  12  SER A CB  1 
ATOM   120 O OG  . SER A 1 15 ? 7.48623   7.15730   3.30507   1.000 28.36070 ?  12  SER A OG  1 
ATOM   121 N N   . ASN A 1 16 ? 7.02349   4.51324   1.69104   1.000 13.98398 ?  13  ASN A N   1 
ATOM   122 C CA  . ASN A 1 16 ? 7.67685   3.36521   1.05828   1.000 16.09693 ?  13  ASN A CA  1 
ATOM   123 C C   . ASN A 1 16 ? 6.77150   2.72573   0.01314   1.000 14.96338 ?  13  ASN A C   1 
ATOM   124 O O   . ASN A 1 16 ? 7.23677   2.30405   -1.05775  1.000 15.76186 ?  13  ASN A O   1 
ATOM   125 C CB  . ASN A 1 16 ? 8.05287   2.31858   2.10793   1.000 16.82877 ?  13  ASN A CB  1 
ATOM   126 C CG  . ASN A 1 16 ? 9.29113   2.67334   2.89357   1.000 19.25233 ?  13  ASN A CG  1 
ATOM   127 O OD1 . ASN A 1 16 ? 10.02223  3.60209   2.55383   1.000 20.32908 ?  13  ASN A OD1 1 
ATOM   128 N ND2 . ASN A 1 16 ? 9.54397   1.90979   3.95499   1.000 19.55371 ?  13  ASN A ND2 1 
ATOM   129 N N   . ALA A 1 17 ? 5.47420   2.61581   0.32011   1.000 13.94025 ?  14  ALA A N   1 
ATOM   130 C CA  . ALA A 1 17 ? 4.53801   2.01419   -0.62501  1.000 13.19730 ?  14  ALA A CA  1 
ATOM   131 C C   . ALA A 1 17 ? 4.41098   2.85562   -1.88379  1.000 15.15966 ?  14  ALA A C   1 
ATOM   132 O O   . ALA A 1 17 ? 4.37849   2.31594   -2.99839  1.000 16.12217 ?  14  ALA A O   1 
ATOM   133 C CB  . ALA A 1 17 ? 3.16976   1.82983   0.02592   1.000 13.77208 ?  14  ALA A CB  1 
ATOM   134 N N   . VAL A 1 18 ? 4.33926   4.18114   -1.72763  1.000 15.08045 ?  15  VAL A N   1 
ATOM   135 C CA  . VAL A 1 18 ? 4.25547   5.04994   -2.89256  1.000 16.28304 ?  15  VAL A CA  1 
ATOM   136 C C   . VAL A 1 18 ? 5.47248   4.85072   -3.78084  1.000 15.33449 ?  15  VAL A C   1 
ATOM   137 O O   . VAL A 1 18 ? 5.35384   4.74869   -5.00736  1.000 17.20655 ?  15  VAL A O   1 
ATOM   138 C CB  . VAL A 1 18 ? 4.09331   6.51848   -2.45587  1.000 14.16798 ?  15  VAL A CB  1 
ATOM   139 C CG1 . VAL A 1 18 ? 4.33339   7.45015   -3.63540  1.000 15.54745 ?  15  VAL A CG1 1 
ATOM   140 C CG2 . VAL A 1 18 ? 2.69977   6.72273   -1.83352  1.000 14.79864 ?  15  VAL A CG2 1 
ATOM   141 N N   . GLU A 1 19 ? 6.65785   4.74744   -3.17121  1.000 14.63288 ?  16  GLU A N   1 
ATOM   142 C CA  . GLU A 1 19 ? 7.87713   4.57200   -3.94696  1.000 18.41343 ?  16  GLU A CA  1 
ATOM   143 C C   . GLU A 1 19 ? 7.87937   3.22744   -4.66468  1.000 17.64738 ?  16  GLU A C   1 
ATOM   144 O O   . GLU A 1 19 ? 8.30052   3.13472   -5.82160  1.000 19.99420 ?  16  GLU A O   1 
ATOM   145 C CB  . GLU A 1 19 ? 9.08628   4.71925   -3.02450  1.000 22.69159 ?  16  GLU A CB  1 
ATOM   146 C CG  . GLU A 1 19 ? 9.23746   6.14791   -2.49469  1.000 27.80206 ?  16  GLU A CG  1 
ATOM   147 C CD  . GLU A 1 19 ? 10.10261  6.25209   -1.24952  1.000 32.07056 ?  16  GLU A CD  1 
ATOM   148 O OE1 . GLU A 1 19 ? 10.65383  5.21924   -0.82004  1.000 34.92760 ?  16  GLU A OE1 1 
ATOM   149 O OE2 . GLU A 1 19 ? 10.22247  7.36951   -0.69592  1.000 33.11478 ?  16  GLU A OE2 1 
ATOM   150 N N   . PHE A 1 20 ? 7.36746   2.18652   -4.00658  1.000 16.80991 ?  17  PHE A N   1 
ATOM   151 C CA  . PHE A 1 20 ? 7.20356   0.88849   -4.65130  1.000 16.90124 ?  17  PHE A CA  1 
ATOM   152 C C   . PHE A 1 20 ? 6.28735   0.98844   -5.86906  1.000 17.94071 ?  17  PHE A C   1 
ATOM   153 O O   . PHE A 1 20 ? 6.62769   0.51336   -6.96047  1.000 18.55546 ?  17  PHE A O   1 
ATOM   154 C CB  . PHE A 1 20 ? 6.66425   -0.10815  -3.61798  1.000 15.60796 ?  17  PHE A CB  1 
ATOM   155 C CG  . PHE A 1 20 ? 6.11430   -1.37089  -4.20581  1.000 16.59201 ?  17  PHE A CG  1 
ATOM   156 C CD1 . PHE A 1 20 ? 6.96526   -2.36340  -4.66390  1.000 15.17698 ?  17  PHE A CD1 1 
ATOM   157 C CD2 . PHE A 1 20 ? 4.74221   -1.57632  -4.27490  1.000 14.08017 ?  17  PHE A CD2 1 
ATOM   158 C CE1 . PHE A 1 20 ? 6.45495   -3.54608  -5.21172  1.000 14.41864 ?  17  PHE A CE1 1 
ATOM   159 C CE2 . PHE A 1 20 ? 4.22019   -2.74321  -4.81573  1.000 13.55240 ?  17  PHE A CE2 1 
ATOM   160 C CZ  . PHE A 1 20 ? 5.08154   -3.73481  -5.28671  1.000 14.84533 ?  17  PHE A CZ  1 
ATOM   161 N N   . LEU A 1 21 ? 5.11843   1.61293   -5.70030  1.000 17.57248 ?  18  LEU A N   1 
ATOM   162 C CA  . LEU A 1 21 ? 4.13370   1.67031   -6.77539  1.000 17.60551 ?  18  LEU A CA  1 
ATOM   163 C C   . LEU A 1 21 ? 4.62325   2.46334   -7.97435  1.000 19.77310 ?  18  LEU A C   1 
ATOM   164 O O   . LEU A 1 21 ? 4.13842   2.24260   -9.08957  1.000 22.44494 ?  18  LEU A O   1 
ATOM   165 C CB  . LEU A 1 21 ? 2.82814   2.28233   -6.26315  1.000 17.60169 ?  18  LEU A CB  1 
ATOM   166 C CG  . LEU A 1 21 ? 2.09650   1.43067   -5.22400  1.000 18.50252 ?  18  LEU A CG  1 
ATOM   167 C CD1 . LEU A 1 21 ? 0.87039   2.19743   -4.71364  1.000 17.57858 ?  18  LEU A CD1 1 
ATOM   168 C CD2 . LEU A 1 21 ? 1.70031   0.07636   -5.82078  1.000 16.46918 ?  18  LEU A CD2 1 
ATOM   169 N N   . LEU A 1 22 ? 5.56320   3.37832   -7.77747  1.000 20.28107 ?  19  LEU A N   1 
ATOM   170 C CA  . LEU A 1 22 ? 6.04933   4.20785   -8.86849  1.000 22.16436 ?  19  LEU A CA  1 
ATOM   171 C C   . LEU A 1 22 ? 7.20772   3.57567   -9.61916  1.000 24.06358 ?  19  LEU A C   1 
ATOM   172 O O   . LEU A 1 22 ? 7.59938   4.08825   -10.67122 1.000 25.53751 ?  19  LEU A O   1 
ATOM   173 C CB  . LEU A 1 22 ? 6.47711   5.57551   -8.33566  1.000 20.55052 ?  19  LEU A CB  1 
ATOM   174 C CG  . LEU A 1 22 ? 5.35868   6.45536   -7.77693  1.000 22.20065 ?  19  LEU A CG  1 
ATOM   175 C CD1 . LEU A 1 22 ? 5.96098   7.67204   -7.11638  1.000 22.92957 ?  19  LEU A CD1 1 
ATOM   176 C CD2 . LEU A 1 22 ? 4.41905   6.86354   -8.89143  1.000 22.75455 ?  19  LEU A CD2 1 
ATOM   177 N N   . ASP A 1 23 ? 7.76464   2.48712   -9.10220  1.000 26.05535 ?  20  ASP A N   1 
ATOM   178 C CA  . ASP A 1 23 ? 8.86777   1.82300   -9.77838  1.000 29.83012 ?  20  ASP A CA  1 
ATOM   179 C C   . ASP A 1 23 ? 8.46101   1.38341   -11.18040 1.000 31.03878 ?  20  ASP A C   1 
ATOM   180 O O   . ASP A 1 23 ? 7.34505   0.90360   -11.39620 1.000 30.28715 ?  20  ASP A O   1 
ATOM   181 C CB  . ASP A 1 23 ? 9.32237   0.61829   -8.96948  1.000 32.46471 ?  20  ASP A CB  1 
ATOM   182 C CG  . ASP A 1 23 ? 10.38622  -0.16670  -9.68333  1.000 36.57301 ?  20  ASP A CG  1 
ATOM   183 O OD1 . ASP A 1 23 ? 11.56451  0.22444   -9.57734  1.000 39.47861 ?  20  ASP A OD1 1 
ATOM   184 O OD2 . ASP A 1 23 ? 10.04111  -1.15229  -10.37204 1.000 36.84830 ?  20  ASP A OD2 1 
ATOM   185 N N   . SER A 1 24 ? 9.39159   1.52636   -12.13012 1.000 35.65529 ?  21  SER A N   1 
ATOM   186 C CA  . SER A 1 24 ? 9.06989   1.31895   -13.54083 1.000 38.30202 ?  21  SER A CA  1 
ATOM   187 C C   . SER A 1 24 ? 8.55160   -0.08827  -13.81196 1.000 38.93681 ?  21  SER A C   1 
ATOM   188 O O   . SER A 1 24 ? 7.55530   -0.26415  -14.52469 1.000 40.19192 ?  21  SER A O   1 
ATOM   189 C CB  . SER A 1 24 ? 10.29101  1.59578   -14.40723 1.000 40.48732 ?  21  SER A CB  1 
ATOM   190 O OG  . SER A 1 24 ? 10.14081  0.95321   -15.66521 1.000 41.93556 ?  21  SER A OG  1 
ATOM   191 N N   . ARG A 1 25 ? 9.22970   -1.10972  -13.27822 1.000 36.75924 ?  22  ARG A N   1 
ATOM   192 C CA  . ARG A 1 25 ? 8.76735   -2.47639  -13.49941 1.000 35.75588 ?  22  ARG A CA  1 
ATOM   193 C C   . ARG A 1 25 ? 7.52012   -2.77887  -12.67983 1.000 33.32022 ?  22  ARG A C   1 
ATOM   194 O O   . ARG A 1 25 ? 6.60469   -3.45669  -13.16375 1.000 31.67303 ?  22  ARG A O   1 
ATOM   195 C CB  . ARG A 1 25 ? 9.87938   -3.47775  -13.18386 1.000 35.71972 ?  22  ARG A CB  1 
ATOM   196 C CG  . ARG A 1 25 ? 10.83579  -3.69513  -14.34198 1.000 35.58971 ?  22  ARG A CG  1 
ATOM   197 C CD  . ARG A 1 25 ? 11.45903  -5.07989  -14.30195 1.000 34.53952 ?  22  ARG A CD  1 
ATOM   198 N NE  . ARG A 1 25 ? 12.22717  -5.38309  -15.50321 1.000 35.78590 ?  22  ARG A NE  1 
ATOM   199 C CZ  . ARG A 1 25 ? 12.80742  -6.55559  -15.73428 1.000 36.15112 ?  22  ARG A CZ  1 
ATOM   200 N N   . VAL A 1 26 ? 7.45753   -2.27522  -11.44446 1.000 30.93093 ?  23  VAL A N   1 
ATOM   201 C CA  . VAL A 1 26 ? 6.30191   -2.54622  -10.59240 1.000 28.18845 ?  23  VAL A CA  1 
ATOM   202 C C   . VAL A 1 26 ? 5.02968   -2.00472  -11.23108 1.000 27.88754 ?  23  VAL A C   1 
ATOM   203 O O   . VAL A 1 26 ? 3.95683   -2.61564  -11.12942 1.000 27.39898 ?  23  VAL A O   1 
ATOM   204 C CB  . VAL A 1 26 ? 6.52920   -1.96546  -9.18248  1.000 26.49856 ?  23  VAL A CB  1 
ATOM   205 C CG1 . VAL A 1 26 ? 5.26034   -2.04276  -8.35911  1.000 26.46121 ?  23  VAL A CG1 1 
ATOM   206 C CG2 . VAL A 1 26 ? 7.65220   -2.71322  -8.47930  1.000 27.06070 ?  23  VAL A CG2 1 
ATOM   207 N N   . ARG A 1 27 ? 5.12760   -0.85254  -11.90051 1.000 27.72182 ?  24  ARG A N   1 
ATOM   208 C CA  . ARG A 1 27 ? 3.95927   -0.25351  -12.54104 1.000 28.64241 ?  24  ARG A CA  1 
ATOM   209 C C   . ARG A 1 27 ? 3.30970   -1.20383  -13.54055 1.000 30.81995 ?  24  ARG A C   1 
ATOM   210 O O   . ARG A 1 27 ? 2.09455   -1.12956  -13.76491 1.000 33.98016 ?  24  ARG A O   1 
ATOM   211 C CB  . ARG A 1 27 ? 4.35337   1.05240   -13.23240 1.000 30.75419 ?  24  ARG A CB  1 
ATOM   212 N N   . ARG A 1 28 ? 4.09377   -2.10018  -14.14576 1.000 28.04446 ?  25  ARG A N   1 
ATOM   213 C CA  . ARG A 1 28 ? 3.60087   -3.04055  -15.14635 1.000 25.68137 ?  25  ARG A CA  1 
ATOM   214 C C   . ARG A 1 28 ? 3.31346   -4.41166  -14.56007 1.000 27.61932 ?  25  ARG A C   1 
ATOM   215 O O   . ARG A 1 28 ? 3.37162   -5.42962  -15.27390 1.000 26.82735 ?  25  ARG A O   1 
ATOM   216 C CB  . ARG A 1 28 ? 4.59540   -3.14249  -16.29308 1.000 26.89340 ?  25  ARG A CB  1 
ATOM   217 C CG  . ARG A 1 28 ? 4.67813   -1.87986  -17.11721 1.000 27.87098 ?  25  ARG A CG  1 
ATOM   218 C CD  . ARG A 1 28 ? 5.87181   -1.93809  -18.05888 1.000 27.45519 ?  25  ARG A CD  1 
ATOM   219 N NE  . ARG A 1 28 ? 7.11524   -1.62051  -17.36347 1.000 28.04795 ?  25  ARG A NE  1 
ATOM   220 C CZ  . ARG A 1 28 ? 8.32055   -1.97856  -17.78426 1.000 28.43991 ?  25  ARG A CZ  1 
ATOM   221 N NH1 . ARG A 1 28 ? 8.45571   -2.69079  -18.89707 1.000 26.59503 ?  25  ARG A NH1 1 
ATOM   222 N NH2 . ARG A 1 28 ? 9.39399   -1.62831  -17.08833 1.000 28.54094 ?  25  ARG A NH2 1 
ATOM   223 N N   . THR A 1 29 ? 3.05300   -4.46039  -13.28681 1.000 27.05730 ?  26  THR A N   1 
ATOM   224 C CA  . THR A 1 29 ? 2.53744   -5.64299  -12.65187 1.000 25.52768 ?  26  THR A CA  1 
ATOM   225 C C   . THR A 1 29 ? 1.10332   -5.37278  -12.20921 1.000 24.49674 ?  26  THR A C   1 
ATOM   226 O O   . THR A 1 29 ? 0.71654   -4.21221  -12.02810 1.000 24.52312 ?  26  THR A O   1 
ATOM   227 C CB  . THR A 1 29 ? 3.41868   -6.04325  -11.46125 1.000 24.50299 ?  26  THR A CB  1 
ATOM   228 O OG1 . THR A 1 29 ? 3.41121   -5.00196  -10.47795 1.000 23.29409 ?  26  THR A OG1 1 
ATOM   229 C CG2 . THR A 1 29 ? 4.85372   -6.27233  -11.93620 1.000 25.09012 ?  26  THR A CG2 1 
ATOM   230 N N   . PRO A 1 30 ? 0.26967   -6.39950  -12.09366 1.000 25.93744 ?  27  PRO A N   1 
ATOM   231 C CA  . PRO A 1 30 ? -1.14446  -6.16271  -11.79238 1.000 24.44116 ?  27  PRO A CA  1 
ATOM   232 C C   . PRO A 1 30 ? -1.34471  -5.62428  -10.38769 1.000 23.01082 ?  27  PRO A C   1 
ATOM   233 O O   . PRO A 1 30 ? -0.49655  -5.76676  -9.50384  1.000 24.33149 ?  27  PRO A O   1 
ATOM   234 C CB  . PRO A 1 30 ? -1.77705  -7.55041  -11.94198 1.000 24.42773 ?  27  PRO A CB  1 
ATOM   235 C CG  . PRO A 1 30 ? -0.65302  -8.50024  -11.74731 1.000 26.38288 ?  27  PRO A CG  1 
ATOM   236 C CD  . PRO A 1 30 ? 0.53504   -7.82040  -12.37468 1.000 25.04435 ?  27  PRO A CD  1 
ATOM   237 N N   . THR A 1 31 ? -2.51278  -5.00473  -10.19674 1.000 22.43912 ?  28  THR A N   1 
ATOM   238 C CA  . THR A 1 31 ? -2.86816  -4.45813  -8.89355  1.000 22.22811 ?  28  THR A CA  1 
ATOM   239 C C   . THR A 1 31 ? -2.79940  -5.51599  -7.80638  1.000 21.64836 ?  28  THR A C   1 
ATOM   240 O O   . THR A 1 31 ? -2.33076  -5.24317  -6.69384  1.000 22.61588 ?  28  THR A O   1 
ATOM   241 C CB  . THR A 1 31 ? -4.26829  -3.85197  -8.95402  1.000 23.21550 ?  28  THR A CB  1 
ATOM   242 O OG1 . THR A 1 31 ? -4.26929  -2.80240  -9.92123  1.000 25.98912 ?  28  THR A OG1 1 
ATOM   243 C CG2 . THR A 1 31 ? -4.68171  -3.29825  -7.59421  1.000 23.91715 ?  28  THR A CG2 1 
ATOM   244 N N   A SER A 1 32 ? -3.25137  -6.73529  -8.10455  0.452 21.26291 ?  29  SER A N   1 
ATOM   245 N N   B SER A 1 32 ? -3.26004  -6.73059  -8.11241  0.548 21.23504 ?  29  SER A N   1 
ATOM   246 C CA  A SER A 1 32 ? -3.28361  -7.76941  -7.07584  0.452 20.36317 ?  29  SER A CA  1 
ATOM   247 C CA  B SER A 1 32 ? -3.28628  -7.79122  -7.11264  0.548 20.27773 ?  29  SER A CA  1 
ATOM   248 C C   A SER A 1 32 ? -1.88196  -8.10081  -6.58145  0.452 19.42966 ?  29  SER A C   1 
ATOM   249 C C   B SER A 1 32 ? -1.88859  -8.09081  -6.59192  0.548 19.33805 ?  29  SER A C   1 
ATOM   250 O O   A SER A 1 32 ? -1.66779  -8.27684  -5.37675  0.452 20.31581 ?  29  SER A O   1 
ATOM   251 O O   B SER A 1 32 ? -1.68426  -8.22780  -5.38042  0.548 20.10206 ?  29  SER A O   1 
ATOM   252 C CB  A SER A 1 32 ? -3.97991  -9.01952  -7.61082  0.452 20.67881 ?  29  SER A CB  1 
ATOM   253 C CB  B SER A 1 32 ? -3.92332  -9.04475  -7.71229  0.548 20.65016 ?  29  SER A CB  1 
ATOM   254 O OG  A SER A 1 32 ? -3.30225  -9.52592  -8.74336  0.452 21.17266 ?  29  SER A OG  1 
ATOM   255 O OG  B SER A 1 32 ? -4.03212  -10.07654 -6.75196  0.548 21.91427 ?  29  SER A OG  1 
ATOM   256 N N   . SER A 1 33 ? -0.90882  -8.17261  -7.49349  1.000 17.97779 ?  30  SER A N   1 
ATOM   257 C CA  . SER A 1 33 ? 0.46428   -8.42974  -7.07709  1.000 16.49804 ?  30  SER A CA  1 
ATOM   258 C C   . SER A 1 33 ? 0.96763   -7.32799  -6.15080  1.000 17.35299 ?  30  SER A C   1 
ATOM   259 O O   . SER A 1 33 ? 1.58299   -7.60445  -5.11154  1.000 18.66663 ?  30  SER A O   1 
ATOM   260 C CB  . SER A 1 33 ? 1.36398   -8.54654  -8.30317  1.000 18.33786 ?  30  SER A CB  1 
ATOM   261 O OG  . SER A 1 33 ? 2.69914   -8.75456  -7.89830  1.000 19.45514 ?  30  SER A OG  1 
ATOM   262 N N   . LYS A 1 34 ? 0.70048   -6.07384  -6.51743  1.000 16.17852 ?  31  LYS A N   1 
ATOM   263 C CA  . LYS A 1 34 ? 1.15351   -4.93276  -5.73253  1.000 16.05043 ?  31  LYS A CA  1 
ATOM   264 C C   . LYS A 1 34 ? 0.47965   -4.90544  -4.36888  1.000 15.01132 ?  31  LYS A C   1 
ATOM   265 O O   . LYS A 1 34 ? 1.12642   -4.63783  -3.35260  1.000 15.34378 ?  31  LYS A O   1 
ATOM   266 C CB  . LYS A 1 34 ? 0.88390   -3.64548  -6.51405  1.000 17.28417 ?  31  LYS A CB  1 
ATOM   267 C CG  . LYS A 1 34 ? 1.78747   -3.54911  -7.73772  1.000 20.15130 ?  31  LYS A CG  1 
ATOM   268 C CD  . LYS A 1 34 ? 1.60203   -2.29869  -8.56265  1.000 25.34510 ?  31  LYS A CD  1 
ATOM   269 C CE  . LYS A 1 34 ? 0.35040   -2.35223  -9.40398  1.000 25.81064 ?  31  LYS A CE  1 
ATOM   270 N NZ  . LYS A 1 34 ? 0.47627   -1.49656  -10.63330 1.000 24.38754 ?  31  LYS A NZ  1 
ATOM   271 N N   . VAL A 1 35 ? -0.81829  -5.18755  -4.33182  1.000 15.63695 ?  32  VAL A N   1 
ATOM   272 C CA  . VAL A 1 35 ? -1.54348  -5.20836  -3.06467  1.000 16.07643 ?  32  VAL A CA  1 
ATOM   273 C C   . VAL A 1 35 ? -0.99621  -6.30781  -2.16324  1.000 17.51024 ?  32  VAL A C   1 
ATOM   274 O O   . VAL A 1 35 ? -0.74404  -6.09113  -0.97212  1.000 16.73132 ?  32  VAL A O   1 
ATOM   275 C CB  . VAL A 1 35 ? -3.05065  -5.37440  -3.32317  1.000 17.51111 ?  32  VAL A CB  1 
ATOM   276 C CG1 . VAL A 1 35 ? -3.80328  -5.68430  -2.03093  1.000 19.59530 ?  32  VAL A CG1 1 
ATOM   277 C CG2 . VAL A 1 35 ? -3.60073  -4.11021  -3.97717  1.000 18.47406 ?  32  VAL A CG2 1 
ATOM   278 N N   . HIS A 1 36 ? -0.78409  -7.50164  -2.72224  1.000 16.50641 ?  33  HIS A N   1 
ATOM   279 C CA  . HIS A 1 36 ? -0.23853  -8.58845  -1.91330  1.000 17.92309 ?  33  HIS A CA  1 
ATOM   280 C C   . HIS A 1 36 ? 1.14682   -8.24638  -1.39673  1.000 17.80922 ?  33  HIS A C   1 
ATOM   281 O O   . HIS A 1 36 ? 1.46651   -8.52447  -0.23447  1.000 16.53762 ?  33  HIS A O   1 
ATOM   282 C CB  . HIS A 1 36 ? -0.20876  -9.89359  -2.70926  1.000 18.70353 ?  33  HIS A CB  1 
ATOM   283 C CG  . HIS A 1 36 ? -1.54392  -10.55620 -2.79547  1.000 20.59402 ?  33  HIS A CG  1 
ATOM   284 N ND1 . HIS A 1 36 ? -2.23009  -10.99209 -1.68072  1.000 21.61271 ?  33  HIS A ND1 1 
ATOM   285 C CD2 . HIS A 1 36 ? -2.33992  -10.81858 -3.85592  1.000 21.84091 ?  33  HIS A CD2 1 
ATOM   286 C CE1 . HIS A 1 36 ? -3.38174  -11.51883 -2.05732  1.000 22.98631 ?  33  HIS A CE1 1 
ATOM   287 N NE2 . HIS A 1 36 ? -3.46873  -11.43449 -3.37354  1.000 23.05315 ?  33  HIS A NE2 1 
ATOM   288 N N   . PHE A 1 37 ? 1.98004   -7.62525  -2.23261  1.000 15.90610 ?  34  PHE A N   1 
ATOM   289 C CA  . PHE A 1 37 ? 3.30456   -7.23964  -1.76190  1.000 14.52793 ?  34  PHE A CA  1 
ATOM   290 C C   . PHE A 1 37 ? 3.20512   -6.28487  -0.58252  1.000 13.66813 ?  34  PHE A C   1 
ATOM   291 O O   . PHE A 1 37 ? 3.87503   -6.46629  0.44038   1.000 15.68663 ?  34  PHE A O   1 
ATOM   292 C CB  . PHE A 1 37 ? 4.10822   -6.59469  -2.88292  1.000 15.02376 ?  34  PHE A CB  1 
ATOM   293 C CG  . PHE A 1 37 ? 5.42768   -6.06309  -2.42644  1.000 14.53938 ?  34  PHE A CG  1 
ATOM   294 C CD1 . PHE A 1 37 ? 6.51495   -6.91075  -2.28847  1.000 15.40396 ?  34  PHE A CD1 1 
ATOM   295 C CD2 . PHE A 1 37 ? 5.58048   -4.72420  -2.09715  1.000 15.81299 ?  34  PHE A CD2 1 
ATOM   296 C CE1 . PHE A 1 37 ? 7.73066   -6.42812  -1.85815  1.000 17.77092 ?  34  PHE A CE1 1 
ATOM   297 C CE2 . PHE A 1 37 ? 6.79267   -4.24036  -1.65947  1.000 16.84241 ?  34  PHE A CE2 1 
ATOM   298 C CZ  . PHE A 1 37 ? 7.87447   -5.09554  -1.54324  1.000 16.79728 ?  34  PHE A CZ  1 
ATOM   299 N N   . LEU A 1 38 ? 2.38831   -5.24031  -0.71824  1.000 13.13334 ?  35  LEU A N   1 
ATOM   300 C CA  . LEU A 1 38 ? 2.32727   -4.24430  0.34468   1.000 13.76707 ?  35  LEU A CA  1 
ATOM   301 C C   . LEU A 1 38 ? 1.76491   -4.84179  1.62482   1.000 13.03206 ?  35  LEU A C   1 
ATOM   302 O O   . LEU A 1 38 ? 2.19310   -4.46760  2.72829   1.000 15.18632 ?  35  LEU A O   1 
ATOM   303 C CB  . LEU A 1 38 ? 1.50280   -3.03742  -0.10634  1.000 13.28708 ?  35  LEU A CB  1 
ATOM   304 C CG  . LEU A 1 38 ? 2.16548   -2.27252  -1.25415  1.000 13.36809 ?  35  LEU A CG  1 
ATOM   305 C CD1 . LEU A 1 38 ? 1.23845   -1.21897  -1.82118  1.000 15.09179 ?  35  LEU A CD1 1 
ATOM   306 C CD2 . LEU A 1 38 ? 3.45088   -1.64384  -0.75722  1.000 14.60068 ?  35  LEU A CD2 1 
ATOM   307 N N   . LYS A 1 39 ? 0.79097   -5.75012  1.50009   1.000 15.01890 ?  36  LYS A N   1 
ATOM   308 C CA  . LYS A 1 39 ? 0.27942   -6.46067  2.66871   1.000 14.88543 ?  36  LYS A CA  1 
ATOM   309 C C   . LYS A 1 39 ? 1.39166   -7.23734  3.35838   1.000 15.09373 ?  36  LYS A C   1 
ATOM   310 O O   . LYS A 1 39 ? 1.51331   -7.20713  4.59105   1.000 16.21101 ?  36  LYS A O   1 
ATOM   311 C CB  . LYS A 1 39 ? -0.85771  -7.39951  2.25329   1.000 18.53854 ?  36  LYS A CB  1 
ATOM   312 C CG  . LYS A 1 39 ? -1.43601  -8.21797  3.38942   1.000 22.81978 ?  36  LYS A CG  1 
ATOM   313 C CD  . LYS A 1 39 ? -2.11206  -7.31823  4.40906   1.000 26.52435 ?  36  LYS A CD  1 
ATOM   314 C CE  . LYS A 1 39 ? -2.77905  -8.11004  5.52067   1.000 32.05663 ?  36  LYS A CE  1 
ATOM   315 N NZ  . LYS A 1 39 ? -3.45795  -7.19231  6.48066   1.000 35.39222 ?  36  LYS A NZ  1 
ATOM   316 N N   . SER A 1 40 ? 2.24966   -7.89597  2.57799   1.000 15.39752 ?  37  SER A N   1 
ATOM   317 C CA  . SER A 1 40 ? 3.33848   -8.64521  3.18795   1.000 16.93643 ?  37  SER A CA  1 
ATOM   318 C C   . SER A 1 40 ? 4.34710   -7.73679  3.88690   1.000 16.92262 ?  37  SER A C   1 
ATOM   319 O O   . SER A 1 40 ? 5.10281   -8.21965  4.73795   1.000 19.70770 ?  37  SER A O   1 
ATOM   320 C CB  . SER A 1 40 ? 4.03592   -9.52132  2.13868   1.000 16.81355 ?  37  SER A CB  1 
ATOM   321 O OG  . SER A 1 40 ? 4.91074   -8.77753  1.30228   1.000 18.34517 ?  37  SER A OG  1 
ATOM   322 N N   . LYS A 1 41 ? 4.37470   -6.44088  3.56343   1.000 16.20732 ?  38  LYS A N   1 
ATOM   323 C CA  . LYS A 1 41 ? 5.26003   -5.50027  4.23743   1.000 16.15020 ?  38  LYS A CA  1 
ATOM   324 C C   . LYS A 1 41 ? 4.61702   -4.87693  5.46537   1.000 18.30966 ?  38  LYS A C   1 
ATOM   325 O O   . LYS A 1 41 ? 5.23482   -4.01743  6.10688   1.000 20.83951 ?  38  LYS A O   1 
ATOM   326 C CB  . LYS A 1 41 ? 5.71501   -4.39172  3.27082   1.000 16.27073 ?  38  LYS A CB  1 
ATOM   327 C CG  . LYS A 1 41 ? 6.59528   -4.89513  2.13530   1.000 18.47862 ?  38  LYS A CG  1 
ATOM   328 C CD  . LYS A 1 41 ? 7.76515   -5.71876  2.66988   1.000 21.26948 ?  38  LYS A CD  1 
ATOM   329 C CE  . LYS A 1 41 ? 8.57214   -6.36084  1.55067   1.000 27.70337 ?  38  LYS A CE  1 
ATOM   330 N NZ  . LYS A 1 41 ? 9.73054   -7.14973  2.04994   1.000 31.86069 ?  38  LYS A NZ  1 
ATOM   331 N N   . GLY A 1 42 ? 3.39158   -5.26779  5.79607   1.000 17.76153 ?  39  GLY A N   1 
ATOM   332 C CA  . GLY A 1 42 ? 2.74330   -4.79732  7.00097   1.000 17.19281 ?  39  GLY A CA  1 
ATOM   333 C C   . GLY A 1 42 ? 1.80326   -3.62600  6.83198   1.000 16.74490 ?  39  GLY A C   1 
ATOM   334 O O   . GLY A 1 42 ? 1.37672   -3.05256  7.84109   1.000 18.43761 ?  39  GLY A O   1 
ATOM   335 N N   . LEU A 1 43 ? 1.47203   -3.23870  5.60455   1.000 17.12646 ?  40  LEU A N   1 
ATOM   336 C CA  . LEU A 1 43 ? 0.47374   -2.18973  5.44454   1.000 15.36148 ?  40  LEU A CA  1 
ATOM   337 C C   . LEU A 1 43 ? -0.91881  -2.73185  5.71545   1.000 15.95954 ?  40  LEU A C   1 
ATOM   338 O O   . LEU A 1 43 ? -1.23331  -3.88951  5.42301   1.000 18.03022 ?  40  LEU A O   1 
ATOM   339 C CB  . LEU A 1 43 ? 0.50204   -1.57055  4.04248   1.000 15.83464 ?  40  LEU A CB  1 
ATOM   340 C CG  . LEU A 1 43 ? 1.51036   -0.44433  3.81559   1.000 15.42903 ?  40  LEU A CG  1 
ATOM   341 C CD1 . LEU A 1 43 ? 2.92287   -1.00139  3.70294   1.000 16.89750 ?  40  LEU A CD1 1 
ATOM   342 C CD2 . LEU A 1 43 ? 1.13479   0.36989   2.58151   1.000 15.53281 ?  40  LEU A CD2 1 
ATOM   343 N N   . SER A 1 44 ? -1.75761  -1.87337  6.27713   1.000 15.40584 ?  41  SER A N   1 
ATOM   344 C CA  . SER A 1 44 ? -3.17003  -2.16964  6.37879   1.000 15.71445 ?  41  SER A CA  1 
ATOM   345 C C   . SER A 1 44 ? -3.83763  -1.92323  5.03357   1.000 16.62644 ?  41  SER A C   1 
ATOM   346 O O   . SER A 1 44 ? -3.27176  -1.28938  4.14187   1.000 17.85846 ?  41  SER A O   1 
ATOM   347 C CB  . SER A 1 44 ? -3.81480  -1.28766  7.43659   1.000 17.03215 ?  41  SER A CB  1 
ATOM   348 O OG  . SER A 1 44 ? -3.77575  0.06662   7.00829   1.000 18.28516 ?  41  SER A OG  1 
ATOM   349 N N   . ALA A 1 45 ? -5.07623  -2.40453  4.90116   1.000 15.84430 ?  42  ALA A N   1 
ATOM   350 C CA  . ALA A 1 45 ? -5.83342  -2.13484  3.68018   1.000 17.10387 ?  42  ALA A CA  1 
ATOM   351 C C   . ALA A 1 45 ? -5.98980  -0.63140  3.43619   1.000 16.85381 ?  42  ALA A C   1 
ATOM   352 O O   . ALA A 1 45 ? -5.87529  -0.16836  2.29233   1.000 15.96948 ?  42  ALA A O   1 
ATOM   353 C CB  . ALA A 1 45 ? -7.19814  -2.81640  3.74870   1.000 17.77604 ?  42  ALA A CB  1 
ATOM   354 N N   . GLU A 1 46 ? -6.24316  0.15105   4.49646   1.000 18.22505 ?  43  GLU A N   1 
ATOM   355 C CA  . GLU A 1 46 ? -6.36186  1.59731   4.31880   1.000 17.65830 ?  43  GLU A CA  1 
ATOM   356 C C   . GLU A 1 46 ? -5.05878  2.19639   3.81930   1.000 18.64955 ?  43  GLU A C   1 
ATOM   357 O O   . GLU A 1 46 ? -5.06487  3.09083   2.96560   1.000 18.82465 ?  43  GLU A O   1 
ATOM   358 C CB  . GLU A 1 46 ? -6.77889  2.27813   5.62624   1.000 20.22170 ?  43  GLU A CB  1 
ATOM   359 C CG  . GLU A 1 46 ? -7.06685  3.80587   5.49226   1.000 25.03124 ?  43  GLU A CG  1 
ATOM   360 C CD  . GLU A 1 46 ? -5.80749  4.69002   5.39409   1.000 29.46118 ?  43  GLU A CD  1 
ATOM   361 O OE1 . GLU A 1 46 ? -4.75960  4.32406   5.97456   1.000 31.65863 ?  43  GLU A OE1 1 
ATOM   362 O OE2 . GLU A 1 46 ? -5.86233  5.75296   4.72162   1.000 31.38180 ?  43  GLU A OE2 1 
ATOM   363 N N   . GLU A 1 47 ? -3.93148  1.73538   4.35834   1.000 16.44282 ?  44  GLU A N   1 
ATOM   364 C CA  . GLU A 1 47 ? -2.65036  2.29876   3.95925   1.000 14.70794 ?  44  GLU A CA  1 
ATOM   365 C C   . GLU A 1 47 ? -2.34327  1.96329   2.50970   1.000 13.05186 ?  44  GLU A C   1 
ATOM   366 O O   . GLU A 1 47 ? -1.80721  2.80055   1.76991   1.000 12.92824 ?  44  GLU A O   1 
ATOM   367 C CB  . GLU A 1 47 ? -1.55318  1.79318   4.89542   1.000 13.72517 ?  44  GLU A CB  1 
ATOM   368 C CG  . GLU A 1 47 ? -1.65305  2.41885   6.26712   1.000 14.68551 ?  44  GLU A CG  1 
ATOM   369 C CD  . GLU A 1 47 ? -0.85243  1.69542   7.32810   1.000 18.89020 ?  44  GLU A CD  1 
ATOM   370 O OE1 . GLU A 1 47 ? -0.11972  0.75484   6.99905   1.000 18.83947 ?  44  GLU A OE1 1 
ATOM   371 O OE2 . GLU A 1 47 ? -0.96926  2.07198   8.50853   1.000 22.18136 ?  44  GLU A OE2 1 
ATOM   372 N N   . ILE A 1 48 ? -2.69085  0.74738   2.08481   1.000 13.25283 ?  45  ILE A N   1 
ATOM   373 C CA  . ILE A 1 48 ? -2.55715  0.38067   0.67755   1.000 13.39325 ?  45  ILE A CA  1 
ATOM   374 C C   . ILE A 1 48 ? -3.43081  1.28379   -0.18046  1.000 13.97738 ?  45  ILE A C   1 
ATOM   375 O O   . ILE A 1 48 ? -2.98286  1.84346   -1.18561  1.000 14.49752 ?  45  ILE A O   1 
ATOM   376 C CB  . ILE A 1 48 ? -2.91510  -1.10397  0.47352   1.000 14.15999 ?  45  ILE A CB  1 
ATOM   377 C CG1 . ILE A 1 48 ? -1.92341  -1.99908  1.23051   1.000 13.85914 ?  45  ILE A CG1 1 
ATOM   378 C CG2 . ILE A 1 48 ? -2.95729  -1.43331  -1.01277  1.000 14.66827 ?  45  ILE A CG2 1 
ATOM   379 C CD1 . ILE A 1 48 ? -2.31158  -3.47591  1.27156   1.000 15.57504 ?  45  ILE A CD1 1 
ATOM   380 N N   . CYS A 1 49 ? -4.69691  1.42847   0.20495   1.000 15.73464 ?  46  CYS A N   1 
ATOM   381 C CA  . CYS A 1 49 ? -5.60533  2.32646   -0.49924  1.000 17.73444 ?  46  CYS A CA  1 
ATOM   382 C C   . CYS A 1 49 ? -5.01044  3.72551   -0.62509  1.000 15.07539 ?  46  CYS A C   1 
ATOM   383 O O   . CYS A 1 49 ? -5.02704  4.34089   -1.70292  1.000 16.22567 ?  46  CYS A O   1 
ATOM   384 C CB  . CYS A 1 49 ? -6.93485  2.36948   0.25075   1.000 19.32474 ?  46  CYS A CB  1 
ATOM   385 S SG  . CYS A 1 49 ? -8.18668  3.31481   -0.57801  1.000 21.48794 ?  46  CYS A SG  1 
ATOM   386 N N   . GLU A 1 50 ? -4.48606  4.24195   0.48010   1.000 14.59463 ?  47  GLU A N   1 
ATOM   387 C CA  . GLU A 1 50 ? -3.92278  5.58208   0.48708   1.000 14.57401 ?  47  GLU A CA  1 
ATOM   388 C C   . GLU A 1 50 ? -2.75939  5.69998   -0.48655  1.000 13.74644 ?  47  GLU A C   1 
ATOM   389 O O   . GLU A 1 50 ? -2.63861  6.69991   -1.20458  1.000 14.17527 ?  47  GLU A O   1 
ATOM   390 C CB  . GLU A 1 50 ? -3.48382  5.92940   1.90196   1.000 14.03390 ?  47  GLU A CB  1 
ATOM   391 C CG  . GLU A 1 50 ? -2.91577  7.32031   2.08549   1.000 17.60824 ?  47  GLU A CG  1 
ATOM   392 C CD  . GLU A 1 50 ? -2.52375  7.55105   3.51796   1.000 19.07099 ?  47  GLU A CD  1 
ATOM   393 O OE1 . GLU A 1 50 ? -3.26703  7.07458   4.40916   1.000 20.53739 ?  47  GLU A OE1 1 
ATOM   394 O OE2 . GLU A 1 50 ? -1.46836  8.18033   3.75279   1.000 18.82753 ?  47  GLU A OE2 1 
ATOM   395 N N   . ALA A 1 51 ? -1.88532  4.69419   -0.51221  1.000 15.06281 ?  48  ALA A N   1 
ATOM   396 C CA  . ALA A 1 51 ? -0.74462  4.73112   -1.41311  1.000 12.53882 ?  48  ALA A CA  1 
ATOM   397 C C   . ALA A 1 51 ? -1.19778  4.76630   -2.87065  1.000 14.30721 ?  48  ALA A C   1 
ATOM   398 O O   . ALA A 1 51 ? -0.63344  5.50342   -3.68635  1.000 15.51476 ?  48  ALA A O   1 
ATOM   399 C CB  . ALA A 1 51 ? 0.15703   3.52141   -1.14026  1.000 11.57745 ?  48  ALA A CB  1 
ATOM   400 N N   . PHE A 1 52 ? -2.22601  3.98840   -3.21877  1.000 14.79201 ?  49  PHE A N   1 
ATOM   401 C CA  . PHE A 1 52 ? -2.69786  3.99362   -4.60420  1.000 15.46942 ?  49  PHE A CA  1 
ATOM   402 C C   . PHE A 1 52 ? -3.28303  5.34828   -4.99817  1.000 17.00370 ?  49  PHE A C   1 
ATOM   403 O O   . PHE A 1 52 ? -3.07658  5.81297   -6.12625  1.000 17.81631 ?  49  PHE A O   1 
ATOM   404 C CB  . PHE A 1 52 ? -3.71888  2.87968   -4.82162  1.000 14.80359 ?  49  PHE A CB  1 
ATOM   405 C CG  . PHE A 1 52 ? -3.09266  1.57332   -5.23640  1.000 16.36622 ?  49  PHE A CG  1 
ATOM   406 C CD1 . PHE A 1 52 ? -2.78946  1.33251   -6.57057  1.000 17.34490 ?  49  PHE A CD1 1 
ATOM   407 C CD2 . PHE A 1 52 ? -2.76917  0.59974   -4.29624  1.000 15.05432 ?  49  PHE A CD2 1 
ATOM   408 C CE1 . PHE A 1 52 ? -2.19630  0.13851   -6.96222  1.000 19.52746 ?  49  PHE A CE1 1 
ATOM   409 C CE2 . PHE A 1 52 ? -2.17048  -0.58781  -4.68482  1.000 17.28600 ?  49  PHE A CE2 1 
ATOM   410 C CZ  . PHE A 1 52 ? -1.89760  -0.81813  -6.02038  1.000 18.49858 ?  49  PHE A CZ  1 
ATOM   411 N N   . THR A 1 53 ? -4.01960  5.99773   -4.09126  1.000 16.93140 ?  50  THR A N   1 
ATOM   412 C CA  . THR A 1 53 ? -4.52203  7.32872   -4.40707  1.000 15.16839 ?  50  THR A CA  1 
ATOM   413 C C   . THR A 1 53 ? -3.37044  8.30885   -4.59637  1.000 17.03746 ?  50  THR A C   1 
ATOM   414 O O   . THR A 1 53 ? -3.40890  9.16292   -5.49402  1.000 17.47103 ?  50  THR A O   1 
ATOM   415 C CB  . THR A 1 53 ? -5.48170  7.80152   -3.30765  1.000 16.98986 ?  50  THR A CB  1 
ATOM   416 O OG1 . THR A 1 53 ? -6.75318  7.16426   -3.49501  1.000 18.41788 ?  50  THR A OG1 1 
ATOM   417 C CG2 . THR A 1 53 ? -5.68538  9.32301   -3.34646  1.000 19.84550 ?  50  THR A CG2 1 
ATOM   418 N N   . LYS A 1 54 ? -2.31729  8.17391   -3.78784  1.000 16.52056 ?  51  LYS A N   1 
ATOM   419 C CA  . LYS A 1 54 ? -1.20210  9.10939   -3.85000  1.000 15.84155 ?  51  LYS A CA  1 
ATOM   420 C C   . LYS A 1 54 ? -0.38660  8.98197   -5.13198  1.000 19.23534 ?  51  LYS A C   1 
ATOM   421 O O   . LYS A 1 54 ? 0.26667   9.95641   -5.52410  1.000 20.11729 ?  51  LYS A O   1 
ATOM   422 C CB  . LYS A 1 54 ? -0.30667  8.93845   -2.61696  1.000 14.55261 ?  51  LYS A CB  1 
ATOM   423 C CG  . LYS A 1 54 ? -0.85177  9.68599   -1.39684  1.000 15.37369 ?  51  LYS A CG  1 
ATOM   424 C CD  . LYS A 1 54 ? -0.06811  9.36350   -0.13321  1.000 15.77093 ?  51  LYS A CD  1 
ATOM   425 C CE  . LYS A 1 54 ? -0.44598  10.27424  1.05046   1.000 16.94929 ?  51  LYS A CE  1 
ATOM   426 N NZ  . LYS A 1 54 ? 0.24177   9.81929   2.30590   1.000 17.50054 ?  51  LYS A NZ  1 
ATOM   427 N N   . VAL A 1 55 ? -0.42935  7.83925   -5.81543  1.000 18.04662 ?  52  VAL A N   1 
ATOM   428 C CA  . VAL A 1 55 ? 0.26462   7.73915   -7.09620  1.000 19.09666 ?  52  VAL A CA  1 
ATOM   429 C C   . VAL A 1 55 ? -0.71461  7.97592   -8.23752  1.000 21.14186 ?  52  VAL A C   1 
ATOM   430 O O   . VAL A 1 55 ? -0.40812  7.70777   -9.40454  1.000 25.26379 ?  52  VAL A O   1 
ATOM   431 C CB  . VAL A 1 55 ? 0.98689   6.39288   -7.26621  1.000 18.11170 ?  52  VAL A CB  1 
ATOM   432 C CG1 . VAL A 1 55 ? 1.97154   6.19697   -6.13724  1.000 19.40298 ?  52  VAL A CG1 1 
ATOM   433 C CG2 . VAL A 1 55 ? -0.01900  5.24601   -7.35613  1.000 16.65267 ?  52  VAL A CG2 1 
ATOM   434 N N   . GLY A 1 56 ? -1.89104  8.50027   -7.91598  1.000 19.39308 ?  53  GLY A N   1 
ATOM   435 C CA  . GLY A 1 56 ? -2.82494  8.86109   -8.95545  1.000 21.94469 ?  53  GLY A CA  1 
ATOM   436 C C   . GLY A 1 56 ? -3.50808  7.69196   -9.60442  1.000 23.50799 ?  53  GLY A C   1 
ATOM   437 O O   . GLY A 1 56 ? -3.99544  7.81797   -10.73161 1.000 27.20784 ?  53  GLY A O   1 
ATOM   438 N N   . GLN A 1 57 ? -3.55183  6.54907   -8.93567  1.000 22.12567 ?  54  GLN A N   1 
ATOM   439 C CA  . GLN A 1 57 ? -4.22011  5.35444   -9.44787  1.000 24.40397 ?  54  GLN A CA  1 
ATOM   440 C C   . GLN A 1 57 ? -5.16723  4.84731   -8.37177  1.000 22.66285 ?  54  GLN A C   1 
ATOM   441 O O   . GLN A 1 57 ? -4.97265  3.75577   -7.82108  1.000 20.93770 ?  54  GLN A O   1 
ATOM   442 C CB  . GLN A 1 57 ? -3.20510  4.27935   -9.83842  1.000 25.65219 ?  54  GLN A CB  1 
ATOM   443 C CG  . GLN A 1 57 ? -2.16742  4.72533   -10.85853 1.000 25.44780 ?  54  GLN A CG  1 
ATOM   444 N N   . PRO A 1 58 ? -6.20886  5.61503   -8.04711  1.000 22.83694 ?  55  PRO A N   1 
ATOM   445 C CA  . PRO A 1 58 ? -7.03011  5.26122   -6.88827  1.000 21.50751 ?  55  PRO A CA  1 
ATOM   446 C C   . PRO A 1 58 ? -7.70355  3.91439   -7.07313  1.000 21.51917 ?  55  PRO A C   1 
ATOM   447 O O   . PRO A 1 58 ? -8.19613  3.57844   -8.15131  1.000 22.95270 ?  55  PRO A O   1 
ATOM   448 C CB  . PRO A 1 58 ? -8.05043  6.40586   -6.80326  1.000 22.55430 ?  55  PRO A CB  1 
ATOM   449 C CG  . PRO A 1 58 ? -8.08911  6.99413   -8.15693  1.000 22.66753 ?  55  PRO A CG  1 
ATOM   450 C CD  . PRO A 1 58 ? -6.70483  6.83496   -8.71180  1.000 22.22384 ?  55  PRO A CD  1 
ATOM   451 N N   . LYS A 1 59 ? -7.67496  3.12632   -6.01358  1.000 21.94291 ?  56  LYS A N   1 
ATOM   452 C CA  . LYS A 1 59 ? -8.42351  1.88513   -5.92826  1.000 24.02402 ?  56  LYS A CA  1 
ATOM   453 C C   . LYS A 1 59 ? -9.37410  2.02502   -4.75389  1.000 24.93882 ?  56  LYS A C   1 
ATOM   454 O O   . LYS A 1 59 ? -9.03155  2.65195   -3.74671  1.000 27.20059 ?  56  LYS A O   1 
ATOM   455 C CB  . LYS A 1 59 ? -7.50165  0.67991   -5.71887  1.000 25.63885 ?  56  LYS A CB  1 
ATOM   456 C CG  . LYS A 1 59 ? -6.31439  0.64004   -6.64925  1.000 27.58576 ?  56  LYS A CG  1 
ATOM   457 C CD  . LYS A 1 59 ? -6.71346  0.34344   -8.08562  1.000 30.44985 ?  56  LYS A CD  1 
ATOM   458 C CE  . LYS A 1 59 ? -5.50651  0.50330   -9.00309  1.000 33.54634 ?  56  LYS A CE  1 
ATOM   459 N NZ  . LYS A 1 59 ? -5.82053  0.26277   -10.44310 1.000 36.97762 ?  56  LYS A NZ  1 
ATOM   460 N N   . THR A 1 60 ? -10.57186 1.46733   -4.88284  1.000 25.74705 ?  57  THR A N   1 
ATOM   461 C CA  . THR A 1 60 ? -11.48671 1.53835   -3.75814  1.000 25.77864 ?  57  THR A CA  1 
ATOM   462 C C   . THR A 1 60 ? -10.97886 0.65894   -2.62144  1.000 24.64943 ?  57  THR A C   1 
ATOM   463 O O   . THR A 1 60 ? -10.22329 -0.29785  -2.82507  1.000 24.98051 ?  57  THR A O   1 
ATOM   464 C CB  . THR A 1 60 ? -12.89250 1.10209   -4.16484  1.000 27.03195 ?  57  THR A CB  1 
ATOM   465 O OG1 . THR A 1 60 ? -12.91012 -0.31771  -4.35744  1.000 26.66334 ?  57  THR A OG1 1 
ATOM   466 C CG2 . THR A 1 60 ? -13.32298 1.80545   -5.45292  1.000 28.68275 ?  57  THR A CG2 1 
ATOM   467 N N   . LEU A 1 61 ? -11.39623 1.00204   -1.40388  1.000 24.32719 ?  58  LEU A N   1 
ATOM   468 C CA  . LEU A 1 61 ? -11.04780 0.17670   -0.25366  1.000 24.80587 ?  58  LEU A CA  1 
ATOM   469 C C   . LEU A 1 61 ? -11.55174 -1.24708  -0.43312  1.000 24.30419 ?  58  LEU A C   1 
ATOM   470 O O   . LEU A 1 61 ? -10.84856 -2.21225  -0.10457  1.000 25.53176 ?  58  LEU A O   1 
ATOM   471 C CB  . LEU A 1 61 ? -11.61646 0.78957   1.02270   1.000 23.84881 ?  58  LEU A CB  1 
ATOM   472 C CG  . LEU A 1 61 ? -11.28055 0.08711   2.33626   1.000 24.11780 ?  58  LEU A CG  1 
ATOM   473 C CD1 . LEU A 1 61 ? -9.77651  0.10550   2.60283   1.000 24.22486 ?  58  LEU A CD1 1 
ATOM   474 C CD2 . LEU A 1 61 ? -12.03942 0.74468   3.48232   1.000 26.13999 ?  58  LEU A CD2 1 
ATOM   475 N N   . ASN A 1 62 ? -12.75838 -1.39825  -0.97826  1.000 23.23132 ?  59  ASN A N   1 
ATOM   476 C CA  . ASN A 1 62 ? -13.32076 -2.72833  -1.15832  1.000 23.95796 ?  59  ASN A CA  1 
ATOM   477 C C   . ASN A 1 62 ? -12.50891 -3.54903  -2.15097  1.000 23.44067 ?  59  ASN A C   1 
ATOM   478 O O   . ASN A 1 62 ? -12.36697 -4.76586  -1.98298  1.000 25.05708 ?  59  ASN A O   1 
ATOM   479 C CB  . ASN A 1 62 ? -14.77493 -2.62265  -1.60366  1.000 25.24734 ?  59  ASN A CB  1 
ATOM   480 C CG  . ASN A 1 62 ? -15.70045 -2.32808  -0.45714  1.000 28.69983 ?  59  ASN A CG  1 
ATOM   481 O OD1 . ASN A 1 62 ? -15.34249 -2.52536  0.70423   1.000 31.44396 ?  59  ASN A OD1 1 
ATOM   482 N ND2 . ASN A 1 62 ? -16.90121 -1.86422  -0.76736  1.000 27.36223 ?  59  ASN A ND2 1 
ATOM   483 N N   . GLU A 1 63 ? -11.97560 -2.91195  -3.19737  1.000 22.69250 ?  60  GLU A N   1 
ATOM   484 C CA  . GLU A 1 63 ? -11.14388 -3.66384  -4.13164  1.000 23.74785 ?  60  GLU A CA  1 
ATOM   485 C C   . GLU A 1 63 ? -9.91732  -4.22227  -3.42972  1.000 22.43735 ?  60  GLU A C   1 
ATOM   486 O O   . GLU A 1 63 ? -9.51032  -5.36445  -3.68164  1.000 22.66677 ?  60  GLU A O   1 
ATOM   487 C CB  . GLU A 1 63 ? -10.71559 -2.80994  -5.32565  1.000 25.82738 ?  60  GLU A CB  1 
ATOM   488 C CG  . GLU A 1 63 ? -10.00541 -3.68749  -6.37677  1.000 28.14612 ?  60  GLU A CG  1 
ATOM   489 C CD  . GLU A 1 63 ? -9.38937  -2.93779  -7.54684  1.000 31.60720 ?  60  GLU A CD  1 
ATOM   490 O OE1 . GLU A 1 63 ? -9.63616  -1.72565  -7.69993  1.000 34.10480 ?  60  GLU A OE1 1 
ATOM   491 O OE2 . GLU A 1 63 ? -8.65047  -3.58631  -8.32746  1.000 32.68766 ?  60  GLU A OE2 1 
ATOM   492 N N   . ILE A 1 64 ? -9.31485  -3.43172  -2.54144  1.000 21.19673 ?  61  ILE A N   1 
ATOM   493 C CA  . ILE A 1 64 ? -8.14183  -3.90071  -1.81196  1.000 19.73387 ?  61  ILE A CA  1 
ATOM   494 C C   . ILE A 1 64 ? -8.51417  -5.08485  -0.93470  1.000 21.51853 ?  61  ILE A C   1 
ATOM   495 O O   . ILE A 1 64 ? -7.81254  -6.10612  -0.89699  1.000 21.73186 ?  61  ILE A O   1 
ATOM   496 C CB  . ILE A 1 64 ? -7.54147  -2.75823  -0.97336  1.000 19.34552 ?  61  ILE A CB  1 
ATOM   497 C CG1 . ILE A 1 64 ? -7.16675  -1.55916  -1.85226  1.000 23.04317 ?  61  ILE A CG1 1 
ATOM   498 C CG2 . ILE A 1 64 ? -6.39480  -3.27275  -0.11699  1.000 19.14825 ?  61  ILE A CG2 1 
ATOM   499 C CD1 . ILE A 1 64 ? -6.31283  -1.88315  -3.01121  1.000 22.85048 ?  61  ILE A CD1 1 
ATOM   500 N N   . LYS A 1 65 ? -9.63335  -4.96206  -0.21704  1.000 21.95807 ?  62  LYS A N   1 
ATOM   501 C CA  . LYS A 1 65 ? -10.04998 -6.01856  0.69433   1.000 24.00084 ?  62  LYS A CA  1 
ATOM   502 C C   . LYS A 1 65 ? -10.40311 -7.29321  -0.06165  1.000 24.47595 ?  62  LYS A C   1 
ATOM   503 O O   . LYS A 1 65 ? -10.13684 -8.39933  0.42545   1.000 26.15467 ?  62  LYS A O   1 
ATOM   504 C CB  . LYS A 1 65 ? -11.22293 -5.53829  1.54446   1.000 25.88103 ?  62  LYS A CB  1 
ATOM   505 C CG  . LYS A 1 65 ? -10.87365 -4.39065  2.48391   1.000 26.79310 ?  62  LYS A CG  1 
ATOM   506 C CD  . LYS A 1 65 ? -12.10929 -3.91315  3.23970   1.000 29.19989 ?  62  LYS A CD  1 
ATOM   507 C CE  . LYS A 1 65 ? -11.72710 -2.98166  4.37341   1.000 32.52771 ?  62  LYS A CE  1 
ATOM   508 N N   A ARG A 1 66 ? -11.00183 -7.16333  -1.25000  0.576 22.20910 ?  63  ARG A N   1 
ATOM   509 N N   B ARG A 1 66 ? -10.99819 -7.16374  -1.25304  0.424 23.12104 ?  63  ARG A N   1 
ATOM   510 C CA  A ARG A 1 66 ? -11.32126 -8.34936  -2.03908  0.576 24.12620 ?  63  ARG A CA  1 
ATOM   511 C CA  B ARG A 1 66 ? -11.32366 -8.34997  -2.04092  0.424 24.57232 ?  63  ARG A CA  1 
ATOM   512 C C   A ARG A 1 66 ? -10.05522 -9.08459  -2.45100  0.576 24.41081 ?  63  ARG A C   1 
ATOM   513 C C   B ARG A 1 66 ? -10.06106 -9.08524  -2.46744  0.424 24.45126 ?  63  ARG A C   1 
ATOM   514 O O   A ARG A 1 66 ? -9.99585  -10.31723 -2.38371  0.576 25.53511 ?  63  ARG A O   1 
ATOM   515 O O   B ARG A 1 66 ? -10.01250 -10.31993 -2.43313  0.424 25.38170 ?  63  ARG A O   1 
ATOM   516 C CB  A ARG A 1 66 ? -12.14141 -7.96801  -3.26948  0.576 23.95234 ?  63  ARG A CB  1 
ATOM   517 C CB  B ARG A 1 66 ? -12.15962 -7.97202  -3.26458  0.424 24.97032 ?  63  ARG A CB  1 
ATOM   518 C CG  A ARG A 1 66 ? -13.56056 -7.55682  -2.95048  0.576 23.60775 ?  63  ARG A CG  1 
ATOM   519 C CG  B ARG A 1 66 ? -13.55697 -7.48245  -2.93412  0.424 25.30485 ?  63  ARG A CG  1 
ATOM   520 C CD  A ARG A 1 66 ? -14.27522 -7.04069  -4.18208  0.576 25.06820 ?  63  ARG A CD  1 
ATOM   521 C CD  B ARG A 1 66 ? -14.43766 -7.40263  -4.17036  0.424 26.64467 ?  63  ARG A CD  1 
ATOM   522 N NE  A ARG A 1 66 ? -15.50833 -6.34129  -3.84035  0.576 25.16864 ?  63  ARG A NE  1 
ATOM   523 N NE  B ARG A 1 66 ? -13.78117 -6.74939  -5.30186  0.424 27.98417 ?  63  ARG A NE  1 
ATOM   524 C CZ  A ARG A 1 66 ? -15.76064 -5.07236  -4.14711  0.576 24.78608 ?  63  ARG A CZ  1 
ATOM   525 C CZ  B ARG A 1 66 ? -13.96077 -5.47995  -5.65274  0.424 26.76502 ?  63  ARG A CZ  1 
ATOM   526 N NH1 A ARG A 1 66 ? -14.87454 -4.35857  -4.82621  0.576 23.50377 ?  63  ARG A NH1 1 
ATOM   527 N NH1 B ARG A 1 66 ? -14.77981 -4.69956  -4.95707  0.424 26.80078 ?  63  ARG A NH1 1 
ATOM   528 N NH2 A ARG A 1 66 ? -16.91461 -4.52798  -3.79583  0.576 28.93091 ?  63  ARG A NH2 1 
ATOM   529 N NH2 B ARG A 1 66 ? -13.32240 -4.99340  -6.70925  0.424 25.81536 ?  63  ARG A NH2 1 
ATOM   530 N N   . ILE A 1 67 ? -9.02415  -8.34155  -2.86348  1.000 23.47472 ?  64  ILE A N   1 
ATOM   531 C CA  . ILE A 1 67 ? -7.75654  -8.96721  -3.23886  1.000 22.91054 ?  64  ILE A CA  1 
ATOM   532 C C   . ILE A 1 67 ? -7.14877  -9.71067  -2.05495  1.000 25.63588 ?  64  ILE A C   1 
ATOM   533 O O   . ILE A 1 67 ? -6.59489  -10.80450 -2.20674  1.000 26.32340 ?  64  ILE A O   1 
ATOM   534 C CB  . ILE A 1 67 ? -6.78257  -7.90791  -3.78679  1.000 21.89138 ?  64  ILE A CB  1 
ATOM   535 C CG1 . ILE A 1 67 ? -7.29828  -7.32957  -5.10829  1.000 22.45114 ?  64  ILE A CG1 1 
ATOM   536 C CG2 . ILE A 1 67 ? -5.37823  -8.49065  -3.93426  1.000 22.25400 ?  64  ILE A CG2 1 
ATOM   537 C CD1 . ILE A 1 67 ? -6.64591  -6.00910  -5.49432  1.000 23.48897 ?  64  ILE A CD1 1 
ATOM   538 N N   . LEU A 1 68 ? -7.24072  -9.13275  -0.85950  1.000 26.29498 ?  65  LEU A N   1 
ATOM   539 C CA  . LEU A 1 68 ? -6.62951  -9.73191  0.31887   1.000 26.49544 ?  65  LEU A CA  1 
ATOM   540 C C   . LEU A 1 68 ? -7.48035  -10.82675 0.95303   1.000 29.46600 ?  65  LEU A C   1 
ATOM   541 O O   . LEU A 1 68 ? -7.00913  -11.49322 1.88008   1.000 30.53631 ?  65  LEU A O   1 
ATOM   542 C CB  . LEU A 1 68 ? -6.31973  -8.63921  1.34480   1.000 24.26296 ?  65  LEU A CB  1 
ATOM   543 C CG  . LEU A 1 68 ? -5.28109  -7.65185  0.80340   1.000 22.20617 ?  65  LEU A CG  1 
ATOM   544 C CD1 . LEU A 1 68 ? -5.07211  -6.46912  1.72971   1.000 23.11132 ?  65  LEU A CD1 1 
ATOM   545 C CD2 . LEU A 1 68 ? -3.94986  -8.37544  0.52540   1.000 22.15383 ?  65  LEU A CD2 1 
ATOM   546 N N   . SER A 1 69 ? -8.69941  -11.04711 0.47599   1.000 30.28228 ?  66  SER A N   1 
ATOM   547 C CA  . SER A 1 69 ? -9.53739  -12.09780 1.02761   1.000 31.59899 ?  66  SER A CA  1 
ATOM   548 C C   . SER A 1 69 ? -9.26307  -13.41153 0.30173   1.000 29.49991 ?  66  SER A C   1 
ATOM   549 O O   . SER A 1 69 ? -9.89025  -14.41751 0.59257   1.000 33.46763 ?  66  SER A O   1 
ATOM   550 C CB  . SER A 1 69 ? -11.01735 -11.72213 0.92687   1.000 35.15733 ?  66  SER A CB  1 
ATOM   551 O OG  . SER A 1 69 ? -11.44210 -11.63121 -0.42456  1.000 37.87568 ?  66  SER A OG  1 
HETATM 552 S S   . SO4 B 2 .  ? -16.47168 -0.84590  -4.67167  1.000 29.03878 ?  101 SO4 A S   1 
HETATM 553 O O1  . SO4 B 2 .  ? -16.22290 0.18176   -3.66867  1.000 28.76081 ?  101 SO4 A O1  1 
HETATM 554 O O2  . SO4 B 2 .  ? -17.27338 -0.26850  -5.74777  1.000 28.30891 ?  101 SO4 A O2  1 
HETATM 555 O O3  . SO4 B 2 .  ? -17.19307 -1.96253  -4.06444  1.000 29.42864 ?  101 SO4 A O3  1 
HETATM 556 O O4  . SO4 B 2 .  ? -15.18173 -1.30849  -5.18717  1.000 31.47601 ?  101 SO4 A O4  1 
HETATM 557 S S   . SO4 C 2 .  ? 0.18534   12.74621  7.37640   0.811 32.80228 ?  102 SO4 A S   1 
HETATM 558 O O1  . SO4 C 2 .  ? 0.79881   14.04790  7.63749   0.811 35.63980 ?  102 SO4 A O1  1 
HETATM 559 O O2  . SO4 C 2 .  ? -0.45178  12.27073  8.59836   0.811 33.05997 ?  102 SO4 A O2  1 
HETATM 560 O O3  . SO4 C 2 .  ? 1.20710   11.80247  6.94197   0.811 36.94793 ?  102 SO4 A O3  1 
HETATM 561 O O4  . SO4 C 2 .  ? -0.80806  12.89172  6.31291   0.811 30.81539 ?  102 SO4 A O4  1 
HETATM 562 S S   . SO4 D 2 .  ? 12.59035  6.16038   21.56889  0.963 53.06560 ?  103 SO4 A S   1 
HETATM 563 O O1  . SO4 D 2 .  ? 11.86018  7.41025   21.38351  0.963 53.43776 ?  103 SO4 A O1  1 
HETATM 564 O O2  . SO4 D 2 .  ? 12.31246  5.62696   22.89928  0.963 53.58768 ?  103 SO4 A O2  1 
HETATM 565 O O3  . SO4 D 2 .  ? 14.01865  6.40860   21.41343  0.963 54.16596 ?  103 SO4 A O3  1 
HETATM 566 O O4  . SO4 D 2 .  ? 12.15600  5.19384   20.56333  0.963 55.20916 ?  103 SO4 A O4  1 
HETATM 567 N N   . KXQ E 3 .  ? 9.88866   -4.11720  -3.98157  0.680 26.81027 ?  104 KXQ A N   1 
HETATM 568 C C   . KXQ E 3 .  ? 10.34428  -1.09808  -3.26725  0.680 24.62549 ?  104 KXQ A C   1 
HETATM 569 O O   . KXQ E 3 .  ? 9.77537   -1.77114  -2.37405  0.680 23.15525 -1 104 KXQ A O   1 
HETATM 570 O O1  . KXQ E 3 .  ? 10.58852  0.12737   -3.18064  0.680 23.93199 ?  104 KXQ A O1  1 
HETATM 571 C C1  . KXQ E 3 .  ? 10.75831  -1.81147  -4.52910  0.680 26.00897 ?  104 KXQ A C1  1 
HETATM 572 C C8  . KXQ E 3 .  ? 11.40471  -1.08114  -5.52872  0.680 27.47432 ?  104 KXQ A C8  1 
HETATM 573 C C7  . KXQ E 3 .  ? 11.77014  -1.68016  -6.72586  0.680 28.65519 ?  104 KXQ A C7  1 
HETATM 574 C C6  . KXQ E 3 .  ? 11.50195  -3.01965  -6.96014  0.680 29.07790 ?  104 KXQ A C6  1 
HETATM 575 C C5  . KXQ E 3 .  ? 10.85821  -3.78810  -5.98526  0.680 27.09451 ?  104 KXQ A C5  1 
HETATM 576 C C2  . KXQ E 3 .  ? 10.49676  -3.16987  -4.77079  0.680 25.59913 ?  104 KXQ A C2  1 
HETATM 577 C C4  . KXQ E 3 .  ? 10.43258  -5.15366  -5.88886  0.680 25.46050 ?  104 KXQ A C4  1 
HETATM 578 C C3  . KXQ E 3 .  ? 9.85842   -5.30607  -4.66959  0.680 24.87804 ?  104 KXQ A C3  1 
HETATM 579 C C1  . GOL F 4 .  ? 2.65008   6.95640   19.29307  1.000 42.33677 ?  105 GOL A C1  1 
HETATM 580 O O1  . GOL F 4 .  ? 1.33261   7.09775   19.76659  1.000 45.70608 ?  105 GOL A O1  1 
HETATM 581 C C2  . GOL F 4 .  ? 3.63304   7.02795   20.45009  1.000 43.66620 ?  105 GOL A C2  1 
HETATM 582 O O2  . GOL F 4 .  ? 3.10427   6.56653   21.67340  1.000 46.18988 ?  105 GOL A O2  1 
HETATM 583 C C3  . GOL F 4 .  ? 4.24842   8.40388   20.57902  1.000 43.30709 ?  105 GOL A C3  1 
HETATM 584 O O3  . GOL F 4 .  ? 5.53717   8.32044   20.02120  1.000 43.67276 ?  105 GOL A O3  1 
HETATM 585 S S   . DMS G 5 .  ? 6.35342   10.60201  15.99084  1.000 52.21379 ?  106 DMS A S   1 
HETATM 586 O O   . DMS G 5 .  ? 7.60797   9.96062   15.49922  1.000 53.98054 ?  106 DMS A O   1 
HETATM 587 C C1  . DMS G 5 .  ? 5.82753   11.90008  14.83873  1.000 52.47595 ?  106 DMS A C1  1 
HETATM 588 C C2  . DMS G 5 .  ? 4.98437   9.46493   15.74610  1.000 51.01821 ?  106 DMS A C2  1 
HETATM 589 O O   . HOH H 6 .  ? -10.88841 0.18799   -7.53027  1.000 27.97548 ?  201 HOH A O   1 
HETATM 590 O O   . HOH H 6 .  ? 9.73842   1.15690   -1.28556  1.000 23.26506 ?  202 HOH A O   1 
HETATM 591 O O   . HOH H 6 .  ? -14.89905 -1.23716  2.81886   1.000 57.89292 ?  203 HOH A O   1 
HETATM 592 O O   . HOH H 6 .  ? -2.36682  -1.37886  -10.86700 1.000 38.03017 ?  204 HOH A O   1 
HETATM 593 O O   . HOH H 6 .  ? -6.88491  4.45286   -3.50245  1.000 21.00262 ?  205 HOH A O   1 
HETATM 594 O O   . HOH H 6 .  ? 9.75934   6.31480   2.26327   1.000 29.98962 ?  206 HOH A O   1 
HETATM 595 O O   . HOH H 6 .  ? 7.22406   1.91684   9.19236   1.000 26.40965 ?  207 HOH A O   1 
HETATM 596 O O   . HOH H 6 .  ? -0.07014  12.45687  3.74658   1.000 22.14828 ?  208 HOH A O   1 
HETATM 597 O O   . HOH H 6 .  ? 3.78182   9.22803   4.28363   1.000 21.35346 ?  209 HOH A O   1 
HETATM 598 O O   . HOH H 6 .  ? 4.07543   -6.39950  -8.18389  1.000 18.38094 ?  210 HOH A O   1 
HETATM 599 O O   . HOH H 6 .  ? 10.09004  5.01313   -6.73929  1.000 39.88026 ?  211 HOH A O   1 
HETATM 600 O O   . HOH H 6 .  ? 6.00728   -0.11814  10.35946  1.000 26.72993 ?  212 HOH A O   1 
HETATM 601 O O   . HOH H 6 .  ? 2.89532   9.17781   1.72829   1.000 22.29812 ?  213 HOH A O   1 
HETATM 602 O O   . HOH H 6 .  ? 8.08025   8.80777   8.71759   1.000 36.51160 ?  214 HOH A O   1 
HETATM 603 O O   . HOH H 6 .  ? 7.56207   -9.73567  1.30421   1.000 29.71910 ?  215 HOH A O   1 
HETATM 604 O O   . HOH H 6 .  ? 3.03252   -3.26537  10.12656  1.000 22.66663 ?  216 HOH A O   1 
HETATM 605 O O   . HOH H 6 .  ? 1.70598   0.99226   -9.82086  1.000 24.62430 ?  217 HOH A O   1 
HETATM 606 O O   . HOH H 6 .  ? 2.28737   8.83888   16.91731  1.000 35.59752 ?  218 HOH A O   1 
HETATM 607 O O   . HOH H 6 .  ? 2.99631   -6.39255  -17.92347 1.000 22.69499 ?  219 HOH A O   1 
HETATM 608 O O   . HOH H 6 .  ? -5.61748  -12.19845 -5.10518  1.000 29.67568 ?  220 HOH A O   1 
HETATM 609 O O   . HOH H 6 .  ? 2.08682   2.84734   13.00890  1.000 25.65498 ?  221 HOH A O   1 
HETATM 610 O O   . HOH H 6 .  ? -4.69412  1.79770   9.09843   1.000 33.70973 ?  222 HOH A O   1 
HETATM 611 O O   . HOH H 6 .  ? -9.81344  -8.81102  3.28317   1.000 39.43421 ?  223 HOH A O   1 
HETATM 612 O O   . HOH H 6 .  ? -4.94893  -7.33808  -10.43375 1.000 30.09542 ?  224 HOH A O   1 
HETATM 613 O O   . HOH H 6 .  ? -7.34634  -0.84859  7.03339   1.000 24.91665 ?  225 HOH A O   1 
HETATM 614 O O   . HOH H 6 .  ? -18.66037 1.32924   -2.36662  1.000 33.03792 ?  226 HOH A O   1 
HETATM 615 O O   . HOH H 6 .  ? -10.89626 -16.66139 -1.13695  1.000 42.81914 ?  227 HOH A O   1 
HETATM 616 O O   A HOH H 6 .  ? -0.52767  -1.39101  9.51851   0.500 20.57992 ?  228 HOH A O   1 
HETATM 617 O O   B HOH H 6 .  ? -1.20231  -3.31692  9.76808   0.500 29.92679 ?  228 HOH A O   1 
HETATM 618 O O   . HOH H 6 .  ? -17.22641 -8.51267  -2.46031  1.000 36.99769 ?  229 HOH A O   1 
HETATM 619 O O   . HOH H 6 .  ? 3.20754   0.08384   13.48611  1.000 27.14644 ?  230 HOH A O   1 
HETATM 620 O O   A HOH H 6 .  ? 3.26736   10.32187  -6.29359  0.500 27.62572 ?  231 HOH A O   1 
HETATM 621 O O   B HOH H 6 .  ? 4.91391   10.84099  -5.04477  0.500 28.43502 ?  231 HOH A O   1 
HETATM 622 O O   . HOH H 6 .  ? 7.80872   9.06580   5.80737   1.000 34.75640 ?  232 HOH A O   1 
HETATM 623 O O   . HOH H 6 .  ? -5.33733  -10.68229 -10.92713 1.000 48.30691 ?  233 HOH A O   1 
HETATM 624 O O   A HOH H 6 .  ? -0.28379  -5.77752  -15.32544 0.500 17.30711 ?  234 HOH A O   1 
HETATM 625 O O   B HOH H 6 .  ? 0.26891   -6.05143  -17.57563 0.500 22.28007 ?  234 HOH A O   1 
HETATM 626 O O   A HOH H 6 .  ? 8.08767   0.64165   6.72221   0.500 20.11686 ?  235 HOH A O   1 
HETATM 627 O O   B HOH H 6 .  ? 8.86364   -1.27200  7.07037   0.500 23.04328 ?  235 HOH A O   1 
HETATM 628 O O   . HOH H 6 .  ? -2.62888  1.39662   -11.08499 1.000 35.47861 ?  236 HOH A O   1 
HETATM 629 O O   . HOH H 6 .  ? -0.79763  7.70423   13.98705  1.000 41.46312 ?  237 HOH A O   1 
HETATM 630 O O   . HOH H 6 .  ? -5.51295  -12.45940 -9.43920  1.000 41.44716 ?  238 HOH A O   1 
HETATM 631 O O   . HOH H 6 .  ? -1.16011  2.02437   13.26552  1.000 44.02972 ?  239 HOH A O   1 
HETATM 632 O O   . HOH H 6 .  ? -9.94085  0.15495   6.61176   1.000 48.77734 ?  240 HOH A O   1 
HETATM 633 O O   . HOH H 6 .  ? -3.33691  -10.46286 -13.23938 1.000 35.67058 ?  241 HOH A O   1 
HETATM 634 O O   . HOH H 6 .  ? 4.42174   10.03249  -0.21114  1.000 34.13500 ?  242 HOH A O   1 
# 
loop_
_atom_site_anisotrop.id 
_atom_site_anisotrop.type_symbol 
_atom_site_anisotrop.pdbx_label_atom_id 
_atom_site_anisotrop.pdbx_label_alt_id 
_atom_site_anisotrop.pdbx_label_comp_id 
_atom_site_anisotrop.pdbx_label_asym_id 
_atom_site_anisotrop.pdbx_label_seq_id 
_atom_site_anisotrop.pdbx_PDB_ins_code 
_atom_site_anisotrop.U[1][1] 
_atom_site_anisotrop.U[2][2] 
_atom_site_anisotrop.U[3][3] 
_atom_site_anisotrop.U[1][2] 
_atom_site_anisotrop.U[1][3] 
_atom_site_anisotrop.U[2][3] 
_atom_site_anisotrop.pdbx_auth_seq_id 
_atom_site_anisotrop.pdbx_auth_comp_id 
_atom_site_anisotrop.pdbx_auth_asym_id 
_atom_site_anisotrop.pdbx_auth_atom_id 
1   N N   . GLY A 1  ? 0.30942 0.36738 0.46854 -0.00803 -0.09548 -0.09480 -2  GLY A N   
2   C CA  . GLY A 1  ? 0.25733 0.41200 0.38106 -0.00222 -0.07596 -0.10413 -2  GLY A CA  
3   C C   . GLY A 1  ? 0.28241 0.40994 0.35880 -0.01431 -0.05980 -0.09568 -2  GLY A C   
4   O O   . GLY A 1  ? 0.36122 0.36578 0.29498 -0.02955 -0.04041 -0.08736 -2  GLY A O   
5   N N   . ALA A 2  ? 0.29809 0.42581 0.30457 0.01702  -0.03794 -0.05057 -1  ALA A N   
6   C CA  . ALA A 2  ? 0.33660 0.43394 0.26459 0.01905  -0.02259 -0.01183 -1  ALA A CA  
7   C C   . ALA A 2  ? 0.33847 0.46205 0.34089 0.00995  -0.03682 -0.05023 -1  ALA A C   
8   O O   . ALA A 2  ? 0.29193 0.47639 0.39637 -0.01593 -0.01636 -0.08473 -1  ALA A O   
9   C CB  . ALA A 2  ? 0.37792 0.42578 0.25961 0.02888  -0.00564 0.01477  -1  ALA A CB  
10  N N   . MET A 3  ? 0.41071 0.44724 0.35720 0.01191  -0.05657 -0.02794 0   MET A N   
11  C CA  . MET A 3  ? 0.45021 0.44675 0.33044 0.00780  -0.06598 -0.04379 0   MET A CA  
12  C C   . MET A 3  ? 0.37119 0.38965 0.31692 -0.01000 -0.05692 -0.03285 0   MET A C   
13  O O   . MET A 3  ? 0.34648 0.38949 0.32257 0.01469  -0.07208 -0.03569 0   MET A O   
14  C CB  . MET A 3  ? 0.53648 0.47280 0.37091 0.00597  -0.09848 -0.07498 0   MET A CB  
15  C CG  . MET A 3  ? 0.62280 0.51005 0.46321 0.00988  -0.11553 -0.11839 0   MET A CG  
16  S SD  . MET A 3  ? 0.72582 0.52331 0.55689 0.00196  -0.13057 -0.14078 0   MET A SD  
17  C CE  . MET A 3  ? 0.76131 0.51890 0.52399 0.00954  -0.15073 -0.12743 0   MET A CE  
18  N N   . TRP A 4  ? 0.31106 0.33511 0.27756 -0.04001 -0.03092 -0.00291 1   TRP A N   
19  C CA  . TRP A 4  ? 0.28624 0.28331 0.25653 -0.03835 -0.00891 0.02853  1   TRP A CA  
20  C C   . TRP A 4  ? 0.31335 0.29627 0.30946 -0.01221 0.00077  0.03473  1   TRP A C   
21  O O   . TRP A 4  ? 0.33041 0.33957 0.29856 0.00751  0.02168  0.05032  1   TRP A O   
22  C CB  . TRP A 4  ? 0.27286 0.22528 0.25679 -0.06083 -0.01444 0.04100  1   TRP A CB  
23  C CG  . TRP A 4  ? 0.30116 0.19472 0.23778 -0.03452 -0.00667 0.02706  1   TRP A CG  
24  C CD1 . TRP A 4  ? 0.23152 0.23498 0.27292 -0.03425 -0.00546 0.00177  1   TRP A CD1 
25  C CD2 . TRP A 4  ? 0.24172 0.17732 0.29009 -0.04494 -0.00116 0.00042  1   TRP A CD2 
26  N NE1 . TRP A 4  ? 0.22030 0.21473 0.29248 -0.03258 -0.02042 -0.00596 1   TRP A NE1 
27  C CE2 . TRP A 4  ? 0.22452 0.19136 0.28737 -0.02145 -0.00861 0.00267  1   TRP A CE2 
28  C CE3 . TRP A 4  ? 0.17386 0.23109 0.30139 -0.03970 0.02496  -0.00352 1   TRP A CE3 
29  C CZ2 . TRP A 4  ? 0.20678 0.23456 0.29452 -0.02132 0.02271  0.01967  1   TRP A CZ2 
30  C CZ3 . TRP A 4  ? 0.19458 0.25363 0.30023 -0.01993 0.01424  -0.00418 1   TRP A CZ3 
31  C CH2 . TRP A 4  ? 0.19166 0.25145 0.28137 -0.01296 0.02300  0.02138  1   TRP A CH2 
32  N N   . HIS A 5  ? 0.29140 0.29657 0.32687 -0.01954 -0.00612 0.03495  2   HIS A N   
33  C CA  . HIS A 5  ? 0.21444 0.32414 0.30980 -0.00459 -0.01421 0.04301  2   HIS A CA  
34  C C   . HIS A 5  ? 0.24784 0.30034 0.27957 -0.00947 -0.00640 0.03447  2   HIS A C   
35  O O   . HIS A 5  ? 0.29099 0.30598 0.24521 -0.00868 -0.01853 0.04248  2   HIS A O   
36  C CB  . HIS A 5  ? 0.16794 0.32482 0.37076 -0.05584 -0.02057 0.03570  2   HIS A CB  
37  C CG  . HIS A 5  ? 0.22423 0.33594 0.45791 -0.08123 -0.03884 0.00821  2   HIS A CG  
38  N ND1 . HIS A 5  ? 0.30816 0.35650 0.49416 -0.06200 -0.04017 0.01112  2   HIS A ND1 
39  C CD2 . HIS A 5  ? 0.30338 0.33947 0.47180 -0.06737 -0.04872 0.01103  2   HIS A CD2 
40  C CE1 . HIS A 5  ? 0.30669 0.36518 0.49305 -0.05861 -0.05525 0.01505  2   HIS A CE1 
41  N NE2 . HIS A 5  ? 0.33489 0.37685 0.46202 -0.05047 -0.05055 0.01228  2   HIS A NE2 
42  N N   . THR A 6  ? 0.23289 0.31200 0.26515 0.01746  -0.02241 0.05464  3   THR A N   
43  C CA  . THR A 6  ? 0.26246 0.34092 0.24836 0.01984  0.00292  0.04581  3   THR A CA  
44  C C   . THR A 6  ? 0.27775 0.27360 0.29051 0.03228  0.00308  0.02308  3   THR A C   
45  O O   . THR A 6  ? 0.26020 0.23796 0.25757 0.05061  0.00945  -0.00436 3   THR A O   
46  C CB  . THR A 6  ? 0.32322 0.39342 0.24575 0.01731  0.01832  0.06448  3   THR A CB  
47  O OG1 . THR A 6  ? 0.31199 0.38014 0.31599 0.00499  0.04020  0.07663  3   THR A OG1 
48  C CG2 . THR A 6  ? 0.34069 0.43558 0.26618 0.02618  0.03474  0.07844  3   THR A CG2 
49  N N   . HIS A 7  ? 0.34197 0.25828 0.26982 0.03363  0.01258  0.03081  4   HIS A N   
50  C CA  . HIS A 7  ? 0.39828 0.23891 0.26032 0.03458  -0.00422 0.01883  4   HIS A CA  
51  C C   . HIS A 7  ? 0.37242 0.23494 0.26183 0.02220  -0.02565 -0.01249 4   HIS A C   
52  O O   . HIS A 7  ? 0.42308 0.22591 0.23516 0.05287  -0.00898 0.00988  4   HIS A O   
53  C CB  . HIS A 7  ? 0.47319 0.24352 0.27844 0.04992  -0.00491 0.02574  4   HIS A CB  
54  C CG  . HIS A 7  ? 0.51583 0.25655 0.33301 0.04498  -0.01077 0.02194  4   HIS A CG  
55  N ND1 . HIS A 7  ? 0.57561 0.29889 0.38287 0.05031  -0.03233 0.01889  4   HIS A ND1 
56  C CD2 . HIS A 7  ? 0.54196 0.27329 0.32989 0.04919  0.00538  0.01272  4   HIS A CD2 
57  C CE1 . HIS A 7  ? 0.57516 0.29399 0.34798 0.05088  -0.02413 0.03030  4   HIS A CE1 
58  N NE2 . HIS A 7  ? 0.57656 0.28777 0.34967 0.05680  0.00251  0.00298  4   HIS A NE2 
59  N N   . SER A 8  ? 0.32087 0.23208 0.23403 0.01944  -0.05305 -0.00479 5   SER A N   
60  C CA  . SER A 8  ? 0.28831 0.26302 0.27713 -0.00109 -0.04742 -0.00595 5   SER A CA  
61  C C   . SER A 8  ? 0.27200 0.24811 0.20652 0.01454  -0.03989 0.00600  5   SER A C   
62  O O   . SER A 8  ? 0.25678 0.28552 0.21014 0.01572  -0.03912 0.00362  5   SER A O   
63  C CB  . SER A 8  ? 0.37723 0.33607 0.34412 0.01506  -0.03783 0.01749  5   SER A CB  
64  O OG  . SER A 8  ? 0.38646 0.40957 0.39180 0.00737  -0.05487 -0.00161 5   SER A OG  
65  N N   . GLU A 9  ? 0.24204 0.26386 0.21256 0.04073  -0.06040 -0.01063 6   GLU A N   
66  C CA  . GLU A 9  ? 0.28536 0.27490 0.19209 0.07271  -0.05450 0.00149  6   GLU A CA  
67  C C   . GLU A 9  ? 0.24193 0.24049 0.20586 0.03332  -0.01410 -0.00110 6   GLU A C   
68  O O   . GLU A 9  ? 0.22769 0.25000 0.23927 0.04706  -0.02097 0.02758  6   GLU A O   
69  C CB  . GLU A 9  ? 0.30689 0.33547 0.24136 0.10858  -0.09991 -0.02304 6   GLU A CB  
70  C CG  . GLU A 9  ? 0.32240 0.47881 0.34866 0.11257  -0.12095 -0.14771 6   GLU A CG  
71  C CD  . GLU A 9  ? 0.43886 0.58363 0.48342 0.11828  -0.11673 -0.22772 6   GLU A CD  
72  O OE1 . GLU A 9  ? 0.45408 0.68002 0.53764 0.11794  -0.10478 -0.24402 6   GLU A OE1 
73  O OE2 . GLU A 9  ? 0.51489 0.58196 0.52843 0.15216  -0.12798 -0.23083 6   GLU A OE2 
74  N N   . ARG A 10 ? 0.20582 0.21860 0.25571 0.00161  0.00286  0.01477  7   ARG A N   
75  C CA  . ARG A 10 ? 0.19677 0.22613 0.24208 -0.01098 0.01401  -0.00643 7   ARG A CA  
76  C C   . ARG A 10 ? 0.24867 0.18529 0.23726 -0.00202 -0.03333 0.00067  7   ARG A C   
77  O O   . ARG A 10 ? 0.23510 0.19200 0.22265 0.00722  -0.05786 0.00425  7   ARG A O   
78  C CB  . ARG A 10 ? 0.21231 0.25992 0.29311 -0.01880 0.04314  -0.03310 7   ARG A CB  
79  N N   . GLU A 11 ? 0.23355 0.19124 0.26762 0.00065  -0.01007 -0.00652 8   GLU A N   
80  C CA  . GLU A 11 ? 0.24526 0.21433 0.23673 0.00242  -0.01052 -0.00510 8   GLU A CA  
81  C C   . GLU A 11 ? 0.24695 0.17754 0.20388 -0.01143 -0.01001 0.00411  8   GLU A C   
82  O O   . GLU A 11 ? 0.26731 0.18903 0.22064 -0.02585 -0.00726 -0.00370 8   GLU A O   
83  C CB  . GLU A 11 ? 0.31285 0.20377 0.30600 -0.02416 0.02184  -0.03139 8   GLU A CB  
84  C CG  . GLU A 11 ? 0.35000 0.24935 0.36129 -0.00296 0.02332  -0.04335 8   GLU A CG  
85  C CD  . GLU A 11 ? 0.40537 0.33238 0.45510 0.03123  -0.00785 -0.05195 8   GLU A CD  
86  O OE1 . GLU A 11 ? 0.45790 0.37046 0.48604 0.03775  -0.02553 -0.04958 8   GLU A OE1 
87  O OE2 . GLU A 11 ? 0.42412 0.30995 0.49220 0.01309  -0.02253 -0.07311 8   GLU A OE2 
88  N N   . LYS A 12 ? 0.23211 0.17059 0.26614 0.01314  -0.02132 0.01056  9   LYS A N   
89  C CA  . LYS A 12 ? 0.23977 0.21520 0.24783 0.00801  -0.01639 0.00103  9   LYS A CA  
90  C C   . LYS A 12 ? 0.20047 0.17261 0.21913 -0.00792 -0.01644 0.00944  9   LYS A C   
91  O O   . LYS A 12 ? 0.19555 0.22583 0.23282 -0.00201 0.01658  0.00522  9   LYS A O   
92  C CB  . LYS A 12 ? 0.23076 0.23621 0.26956 0.00051  -0.03617 0.00787  9   LYS A CB  
93  C CG  . LYS A 12 ? 0.31425 0.30014 0.38367 0.01620  -0.01845 0.00540  9   LYS A CG  
94  C CD  . LYS A 12 ? 0.37799 0.34293 0.47227 0.01307  0.01260  0.03775  9   LYS A CD  
95  C CE  . LYS A 12 ? 0.44349 0.38934 0.54771 0.00693  0.02865  0.04548  9   LYS A CE  
96  N NZ  . LYS A 12 ? 0.44804 0.40356 0.60599 -0.00875 0.02707  0.04392  9   LYS A NZ  
97  N N   . ARG A 13 ? 0.20739 0.19980 0.22040 0.03768  -0.02644 0.01886  10  ARG A N   
98  C CA  . ARG A 13 ? 0.21150 0.20077 0.21526 0.02304  -0.03585 0.01481  10  ARG A CA  
99  C C   . ARG A 13 ? 0.23331 0.17201 0.19310 0.03304  -0.02382 0.00529  10  ARG A C   
100 O O   . ARG A 13 ? 0.21694 0.15080 0.18617 0.02823  -0.05791 -0.01265 10  ARG A O   
101 C CB  . ARG A 13 ? 0.21107 0.18187 0.22228 0.00753  -0.05383 0.04648  10  ARG A CB  
102 C CG  . ARG A 13 ? 0.24160 0.18746 0.27589 -0.00713 -0.03796 0.04187  10  ARG A CG  
103 C CD  . ARG A 13 ? 0.27267 0.17114 0.30294 -0.02847 -0.01320 0.01399  10  ARG A CD  
104 N NE  . ARG A 13 ? 0.30649 0.18386 0.22765 -0.00397 0.01076  0.04376  10  ARG A NE  
105 C CZ  . ARG A 13 ? 0.34334 0.19248 0.26062 0.01155  -0.03366 0.05936  10  ARG A CZ  
106 N NH1 . ARG A 13 ? 0.35495 0.17030 0.29675 -0.00389 -0.03995 0.05555  10  ARG A NH1 
107 N NH2 . ARG A 13 ? 0.34466 0.22672 0.23216 0.01256  -0.01767 0.08577  10  ARG A NH2 
108 N N   . VAL A 14 ? 0.20689 0.14446 0.19338 0.01609  -0.00832 0.02523  11  VAL A N   
109 C CA  . VAL A 14 ? 0.16783 0.14453 0.20785 0.00795  -0.01861 0.00712  11  VAL A CA  
110 C C   . VAL A 14 ? 0.13798 0.13513 0.26019 -0.02249 -0.03325 -0.01517 11  VAL A C   
111 O O   . VAL A 14 ? 0.20429 0.16725 0.21047 0.02373  -0.03476 -0.01240 11  VAL A O   
112 C CB  . VAL A 14 ? 0.14487 0.16827 0.17803 0.00553  -0.02045 0.01760  11  VAL A CB  
113 C CG1 . VAL A 14 ? 0.22640 0.17980 0.16724 0.03065  -0.02904 0.01550  11  VAL A CG1 
114 C CG2 . VAL A 14 ? 0.16685 0.18862 0.22617 -0.02277 0.01878  -0.00790 11  VAL A CG2 
115 N N   . SER A 15 ? 0.12278 0.15084 0.27810 -0.02568 -0.01083 0.00191  12  SER A N   
116 C CA  . SER A 15 ? 0.22750 0.17129 0.25288 -0.00723 -0.01762 0.01050  12  SER A CA  
117 C C   . SER A 15 ? 0.21511 0.17141 0.19555 0.01247  0.01377  0.02709  12  SER A C   
118 O O   . SER A 15 ? 0.17837 0.21253 0.23504 0.00609  0.03207  0.01894  12  SER A O   
119 C CB  . SER A 15 ? 0.30695 0.19469 0.38256 0.00791  -0.06054 0.02723  12  SER A CB  
120 O OG  . SER A 15 ? 0.34587 0.24702 0.48469 0.01944  -0.07732 0.01803  12  SER A OG  
121 N N   . ASN A 16 ? 0.15884 0.14763 0.22485 -0.00854 -0.02279 -0.02467 13  ASN A N   
122 C CA  . ASN A 16 ? 0.21160 0.16622 0.23377 0.01271  -0.01492 -0.02824 13  ASN A CA  
123 C C   . ASN A 16 ? 0.22114 0.15235 0.19504 0.01482  0.01778  -0.00171 13  ASN A C   
124 O O   . ASN A 16 ? 0.24589 0.17717 0.17583 0.00217  0.00123  -0.01700 13  ASN A O   
125 C CB  . ASN A 16 ? 0.24443 0.17518 0.21981 0.02356  -0.05513 -0.01924 13  ASN A CB  
126 C CG  . ASN A 16 ? 0.22478 0.22207 0.28465 0.05147  -0.03158 -0.01052 13  ASN A CG  
127 O OD1 . ASN A 16 ? 0.20518 0.24196 0.32527 0.02899  -0.04412 -0.04048 13  ASN A OD1 
128 N ND2 . ASN A 16 ? 0.23455 0.25446 0.25394 0.06815  -0.02161 0.00472  13  ASN A ND2 
129 N N   . ALA A 17 ? 0.15402 0.13559 0.24005 0.00576  0.00803  0.00984  14  ALA A N   
130 C CA  . ALA A 17 ? 0.15485 0.15518 0.19141 -0.00981 -0.00672 -0.00028 14  ALA A CA  
131 C C   . ALA A 17 ? 0.20153 0.14894 0.22554 0.01212  -0.01751 -0.00825 14  ALA A C   
132 O O   . ALA A 17 ? 0.19195 0.18844 0.23218 0.03930  -0.00269 -0.00409 14  ALA A O   
133 C CB  . ALA A 17 ? 0.12474 0.19459 0.20394 -0.02868 -0.00165 -0.03137 14  ALA A CB  
134 N N   . VAL A 18 ? 0.16728 0.14462 0.26109 -0.01131 -0.00802 -0.00712 15  VAL A N   
135 C CA  . VAL A 18 ? 0.21701 0.15764 0.24403 0.01716  0.03321  0.00192  15  VAL A CA  
136 C C   . VAL A 18 ? 0.20713 0.16779 0.20771 0.02423  0.03004  0.02120  15  VAL A C   
137 O O   . VAL A 18 ? 0.22664 0.23014 0.19698 0.04023  0.02766  -0.00231 15  VAL A O   
138 C CB  . VAL A 18 ? 0.19627 0.14968 0.19237 0.03445  0.06795  0.03098  15  VAL A CB  
139 C CG1 . VAL A 18 ? 0.26659 0.11820 0.20595 0.03612  0.04719  0.03615  15  VAL A CG1 
140 C CG2 . VAL A 18 ? 0.12252 0.19070 0.24906 0.02479  0.08042  0.00835  15  VAL A CG2 
141 N N   . GLU A 19 ? 0.17914 0.15809 0.21875 0.00560  0.02878  0.00909  16  GLU A N   
142 C CA  . GLU A 19 ? 0.20553 0.24522 0.24888 0.00296  0.04783  -0.00681 16  GLU A CA  
143 C C   . GLU A 19 ? 0.18702 0.21716 0.26635 0.00001  0.04900  0.01298  16  GLU A C   
144 O O   . GLU A 19 ? 0.24239 0.24527 0.27204 0.01929  0.06031  0.00789  16  GLU A O   
145 C CB  . GLU A 19 ? 0.23975 0.31014 0.31229 0.01890  0.05056  -0.01215 16  GLU A CB  
146 C CG  . GLU A 19 ? 0.32834 0.36630 0.36170 0.03713  0.06407  0.00091  16  GLU A CG  
147 C CD  . GLU A 19 ? 0.37494 0.42561 0.41798 0.05722  0.06017  0.01233  16  GLU A CD  
148 O OE1 . GLU A 19 ? 0.39227 0.48404 0.45078 0.07916  0.04581  0.01566  16  GLU A OE1 
149 O OE2 . GLU A 19 ? 0.37415 0.45082 0.43324 0.04046  0.06395  0.00027  16  GLU A OE2 
150 N N   . PHE A 20 ? 0.20116 0.17086 0.26668 -0.00787 0.03660  0.01703  17  PHE A N   
151 C CA  . PHE A 20 ? 0.20736 0.20293 0.23189 0.03249  0.01999  0.01037  17  PHE A CA  
152 C C   . PHE A 20 ? 0.23065 0.25231 0.19871 0.05675  0.03848  -0.00478 17  PHE A C   
153 O O   . PHE A 20 ? 0.22178 0.27473 0.20851 0.03445  0.02339  -0.02427 17  PHE A O   
154 C CB  . PHE A 20 ? 0.20504 0.16067 0.22732 0.00167  0.03713  -0.00688 17  PHE A CB  
155 C CG  . PHE A 20 ? 0.23476 0.13908 0.25659 0.01162  0.01694  -0.01384 17  PHE A CG  
156 C CD1 . PHE A 20 ? 0.23061 0.11693 0.22911 0.01411  0.01476  -0.02953 17  PHE A CD1 
157 C CD2 . PHE A 20 ? 0.18786 0.12191 0.22521 -0.00654 -0.00220 -0.02292 17  PHE A CD2 
158 C CE1 . PHE A 20 ? 0.17442 0.14559 0.22784 -0.01228 0.01191  -0.03481 17  PHE A CE1 
159 C CE2 . PHE A 20 ? 0.20803 0.11106 0.19584 -0.01696 0.01393  -0.04148 17  PHE A CE2 
160 C CZ  . PHE A 20 ? 0.17168 0.14129 0.25109 -0.00120 0.00939  -0.02746 17  PHE A CZ  
161 N N   . LEU A 21 ? 0.24717 0.21613 0.20437 0.07090  0.03487  0.01816  18  LEU A N   
162 C CA  . LEU A 21 ? 0.22286 0.24852 0.19755 0.07900  0.03070  0.02144  18  LEU A CA  
163 C C   . LEU A 21 ? 0.26803 0.29545 0.18780 0.06529  0.05775  0.02729  18  LEU A C   
164 O O   . LEU A 21 ? 0.31125 0.33713 0.20443 0.08526  0.04443  0.03709  18  LEU A O   
165 C CB  . LEU A 21 ? 0.21020 0.23134 0.22724 0.08690  0.01707  0.00673  18  LEU A CB  
166 C CG  . LEU A 21 ? 0.23849 0.23830 0.22623 0.06062  0.02118  -0.05708 18  LEU A CG  
167 C CD1 . LEU A 21 ? 0.18060 0.25354 0.23376 0.09071  0.00539  -0.02985 18  LEU A CD1 
168 C CD2 . LEU A 21 ? 0.25055 0.20842 0.16678 0.06078  0.00184  -0.06673 18  LEU A CD2 
169 N N   . LEU A 22 ? 0.29715 0.27711 0.19633 0.03039  0.08172  0.06140  19  LEU A N   
170 C CA  . LEU A 22 ? 0.31268 0.30854 0.22092 0.03421  0.10403  0.06320  19  LEU A CA  
171 C C   . LEU A 22 ? 0.32686 0.32376 0.26368 0.05121  0.11676  0.07275  19  LEU A C   
172 O O   . LEU A 22 ? 0.36925 0.32477 0.27630 0.04783  0.09644  0.05621  19  LEU A O   
173 C CB  . LEU A 22 ? 0.26066 0.30092 0.21925 0.00015  0.09603  0.02969  19  LEU A CB  
174 C CG  . LEU A 22 ? 0.24348 0.30408 0.29597 0.02124  0.06622  0.02955  19  LEU A CG  
175 C CD1 . LEU A 22 ? 0.24546 0.30862 0.31714 0.01675  0.06404  0.00508  19  LEU A CD1 
176 C CD2 . LEU A 22 ? 0.27016 0.31483 0.27958 0.02915  0.07666  0.06683  19  LEU A CD2 
177 N N   . ASP A 23 ? 0.29668 0.35875 0.33456 0.07781  0.12837  0.07319  20  ASP A N   
178 C CA  . ASP A 23 ? 0.33650 0.42568 0.37124 0.11444  0.15728  0.07623  20  ASP A CA  
179 C C   . ASP A 23 ? 0.43545 0.43375 0.31012 0.13674  0.15806  0.06790  20  ASP A C   
180 O O   . ASP A 23 ? 0.48247 0.41608 0.25222 0.14099  0.12989  0.04684  20  ASP A O   
181 C CB  . ASP A 23 ? 0.34232 0.47568 0.41551 0.12113  0.19385  0.10011  20  ASP A CB  
182 C CG  . ASP A 23 ? 0.38523 0.51126 0.49313 0.10098  0.20437  0.09818  20  ASP A CG  
183 O OD1 . ASP A 23 ? 0.41602 0.53601 0.54799 0.08771  0.18822  0.10435  20  ASP A OD1 
184 O OD2 . ASP A 23 ? 0.43894 0.48493 0.47620 0.09998  0.20697  0.12299  20  ASP A OD2 
185 N N   . SER A 24 ? 0.51763 0.46158 0.37553 0.13598  0.16636  0.05139  21  SER A N   
186 C CA  . SER A 24 ? 0.57627 0.45449 0.42455 0.12591  0.19013  0.06595  21  SER A CA  
187 C C   . SER A 24 ? 0.61123 0.46915 0.39904 0.17241  0.20063  0.05599  21  SER A C   
188 O O   . SER A 24 ? 0.65350 0.47190 0.40171 0.17903  0.22246  0.03854  21  SER A O   
189 C CB  . SER A 24 ? 0.58566 0.46474 0.48793 0.08614  0.20709  0.04963  21  SER A CB  
190 O OG  . SER A 24 ? 0.59657 0.41509 0.58170 0.01713  0.18324  0.03573  21  SER A OG  
191 N N   . ARG A 25 ? 0.57450 0.46777 0.35442 0.18998  0.19601  0.07008  22  ARG A N   
192 C CA  . ARG A 25 ? 0.54056 0.44132 0.37669 0.19788  0.16649  0.07098  22  ARG A CA  
193 C C   . ARG A 25 ? 0.55179 0.41205 0.30218 0.21969  0.13397  0.07110  22  ARG A C   
194 O O   . ARG A 25 ? 0.54778 0.40433 0.25133 0.21168  0.11661  0.06475  22  ARG A O   
195 C CB  . ARG A 25 ? 0.52559 0.42548 0.40612 0.17513  0.16566  0.08240  22  ARG A CB  
196 C CG  . ARG A 25 ? 0.48665 0.44127 0.42433 0.15637  0.17393  0.07870  22  ARG A CG  
197 C CD  . ARG A 25 ? 0.41219 0.47360 0.42655 0.14629  0.18056  0.06604  22  ARG A CD  
198 N NE  . ARG A 25 ? 0.39774 0.49146 0.47051 0.12846  0.14544  0.01698  22  ARG A NE  
199 C CZ  . ARG A 25 ? 0.39281 0.49101 0.48976 0.11895  0.13350  -0.01847 22  ARG A CZ  
200 N N   . VAL A 26 ? 0.52235 0.41356 0.23933 0.23394  0.12567  0.06920  23  VAL A N   
201 C CA  . VAL A 26 ? 0.45254 0.38131 0.23718 0.18777  0.13191  0.04806  23  VAL A CA  
202 C C   . VAL A 26 ? 0.44338 0.35662 0.25960 0.16792  0.11986  0.04463  23  VAL A C   
203 O O   . VAL A 26 ? 0.43699 0.31606 0.28799 0.17094  0.09877  0.06263  23  VAL A O   
204 C CB  . VAL A 26 ? 0.42587 0.35009 0.23088 0.16387  0.13573  0.04562  23  VAL A CB  
205 C CG1 . VAL A 26 ? 0.43292 0.32975 0.24275 0.12687  0.13769  0.01322  23  VAL A CG1 
206 C CG2 . VAL A 26 ? 0.40132 0.36335 0.26351 0.14703  0.15591  0.04950  23  VAL A CG2 
207 N N   . ARG A 27 ? 0.42041 0.41195 0.22095 0.15172  0.13221  0.06649  24  ARG A N   
208 C CA  . ARG A 27 ? 0.44879 0.41862 0.22087 0.20293  0.11626  0.09420  24  ARG A CA  
209 C C   . ARG A 27 ? 0.44158 0.46259 0.26685 0.24104  0.09959  0.09921  24  ARG A C   
210 O O   . ARG A 27 ? 0.49384 0.46773 0.32952 0.25443  0.13195  0.11437  24  ARG A O   
211 C CB  . ARG A 27 ? 0.44765 0.41759 0.30329 0.19206  0.09424  0.07484  24  ARG A CB  
212 N N   . ARG A 28 ? 0.39258 0.45686 0.21612 0.24563  0.08228  0.08747  25  ARG A N   
213 C CA  . ARG A 28 ? 0.38369 0.39832 0.19377 0.21438  0.08070  0.09029  25  ARG A CA  
214 C C   . ARG A 28 ? 0.36972 0.41955 0.26014 0.17887  0.08390  0.01483  25  ARG A C   
215 O O   . ARG A 28 ? 0.34055 0.41328 0.26548 0.16785  0.06504  0.05533  25  ARG A O   
216 C CB  . ARG A 28 ? 0.44071 0.36139 0.21973 0.17580  0.06314  0.06522  25  ARG A CB  
217 C CG  . ARG A 28 ? 0.42762 0.33409 0.29726 0.13053  0.06636  0.05515  25  ARG A CG  
218 C CD  . ARG A 28 ? 0.39711 0.32982 0.31624 0.08820  0.07381  0.04065  25  ARG A CD  
219 N NE  . ARG A 28 ? 0.40952 0.31711 0.33906 0.04905  0.08446  0.05099  25  ARG A NE  
220 C CZ  . ARG A 28 ? 0.46842 0.30371 0.30846 0.03379  0.07132  0.05510  25  ARG A CZ  
221 N NH1 . ARG A 28 ? 0.47257 0.28425 0.25366 -0.00027 0.06132  0.03413  25  ARG A NH1 
222 N NH2 . ARG A 28 ? 0.50036 0.30179 0.28228 0.05768  0.04696  0.08420  25  ARG A NH2 
223 N N   . THR A 29 ? 0.42374 0.38285 0.22147 0.17182  0.04349  -0.00799 26  THR A N   
224 C CA  . THR A 29 ? 0.43683 0.35002 0.18309 0.14703  0.02076  -0.03494 26  THR A CA  
225 C C   . THR A 29 ? 0.42828 0.29879 0.20370 0.11609  -0.01412 -0.08153 26  THR A C   
226 O O   . THR A 29 ? 0.43219 0.30732 0.19226 0.12341  -0.02482 -0.06277 26  THR A O   
227 C CB  . THR A 29 ? 0.39269 0.34744 0.19088 0.12599  0.01196  -0.04983 26  THR A CB  
228 O OG1 . THR A 29 ? 0.38123 0.31984 0.18401 0.10047  0.00803  -0.03753 26  THR A OG1 
229 C CG2 . THR A 29 ? 0.38802 0.37725 0.18805 0.11437  0.02081  -0.07013 26  THR A CG2 
230 N N   . PRO A 30 ? 0.41437 0.29502 0.27611 0.11877  -0.02163 -0.09000 27  PRO A N   
231 C CA  . PRO A 30 ? 0.39443 0.25393 0.28029 0.09236  -0.04139 -0.09954 27  PRO A CA  
232 C C   . PRO A 30 ? 0.35052 0.25023 0.27355 0.10687  -0.06987 -0.09416 27  PRO A C   
233 O O   . PRO A 30 ? 0.39725 0.24564 0.28160 0.09243  -0.06544 -0.09445 27  PRO A O   
234 C CB  . PRO A 30 ? 0.39459 0.20614 0.32742 0.05925  -0.03413 -0.10437 27  PRO A CB  
235 C CG  . PRO A 30 ? 0.38504 0.22969 0.38770 0.09515  -0.04084 -0.07512 27  PRO A CG  
236 C CD  . PRO A 30 ? 0.39601 0.21308 0.34248 0.08996  -0.01183 -0.07289 27  PRO A CD  
237 N N   . THR A 31 ? 0.31479 0.24858 0.28921 0.11710  -0.07770 -0.09479 28  THR A N   
238 C CA  . THR A 31 ? 0.26863 0.25102 0.32491 0.10226  -0.08758 -0.10836 28  THR A CA  
239 C C   . THR A 31 ? 0.25788 0.25029 0.31437 0.08760  -0.07802 -0.12180 28  THR A C   
240 O O   . THR A 31 ? 0.28793 0.28009 0.29128 0.11278  -0.07017 -0.14299 28  THR A O   
241 C CB  . THR A 31 ? 0.25390 0.26206 0.36611 0.11048  -0.11852 -0.10509 28  THR A CB  
242 O OG1 . THR A 31 ? 0.31885 0.30433 0.36428 0.13283  -0.14678 -0.09911 28  THR A OG1 
243 C CG2 . THR A 31 ? 0.24193 0.25152 0.41530 0.08894  -0.09298 -0.14252 28  THR A CG2 
244 N N   A SER A 32 ? 0.25099 0.23297 0.32393 0.06549  -0.06213 -0.11331 29  SER A N   
245 N N   B SER A 32 ? 0.25763 0.22764 0.32156 0.06880  -0.07066 -0.10043 29  SER A N   
246 C CA  A SER A 32 ? 0.23579 0.23157 0.30635 0.04402  -0.05187 -0.11760 29  SER A CA  
247 C CA  B SER A 32 ? 0.25274 0.22579 0.29193 0.05161  -0.06828 -0.09535 29  SER A CA  
248 C C   A SER A 32 ? 0.23772 0.25686 0.24366 0.04821  -0.04186 -0.10639 29  SER A C   
249 C C   B SER A 32 ? 0.24270 0.25430 0.23776 0.05180  -0.05256 -0.09404 29  SER A C   
250 O O   A SER A 32 ? 0.22265 0.28556 0.26371 0.03231  -0.04042 -0.10558 29  SER A O   
251 O O   B SER A 32 ? 0.22046 0.28409 0.25923 0.03807  -0.05884 -0.08916 29  SER A O   
252 C CB  A SER A 32 ? 0.21910 0.23856 0.32804 0.03038  -0.03362 -0.13732 29  SER A CB  
253 C CB  B SER A 32 ? 0.27209 0.23206 0.28046 0.05188  -0.06552 -0.09306 29  SER A CB  
254 O OG  A SER A 32 ? 0.17425 0.25387 0.37635 0.02713  -0.02160 -0.13913 29  SER A OG  
255 O OG  B SER A 32 ? 0.27659 0.24567 0.31038 0.07135  -0.06512 -0.06497 29  SER A OG  
256 N N   . SER A 33 ? 0.23223 0.24358 0.20727 0.06346  -0.05013 -0.08915 30  SER A N   
257 C CA  . SER A 33 ? 0.21519 0.21471 0.19694 0.06080  -0.03628 -0.08256 30  SER A CA  
258 C C   . SER A 33 ? 0.23142 0.23043 0.19748 0.07082  -0.01247 -0.09734 30  SER A C   
259 O O   . SER A 33 ? 0.24748 0.22602 0.23575 0.04730  -0.00360 -0.11683 30  SER A O   
260 C CB  . SER A 33 ? 0.22667 0.21705 0.25303 0.08072  -0.03732 -0.07733 30  SER A CB  
261 O OG  . SER A 33 ? 0.21586 0.24802 0.27532 0.07895  -0.03506 -0.06800 30  SER A OG  
262 N N   . LYS A 34 ? 0.20014 0.16968 0.24489 0.05189  -0.00680 -0.07815 31  LYS A N   
263 C CA  . LYS A 34 ? 0.26615 0.13840 0.20530 0.07123  -0.00302 -0.06750 31  LYS A CA  
264 C C   . LYS A 34 ? 0.23818 0.15502 0.17716 0.05858  -0.00996 -0.03411 31  LYS A C   
265 O O   . LYS A 34 ? 0.19494 0.20079 0.18726 0.06076  -0.01519 -0.03683 31  LYS A O   
266 C CB  . LYS A 34 ? 0.28351 0.16698 0.20622 0.07397  -0.00671 -0.06906 31  LYS A CB  
267 C CG  . LYS A 34 ? 0.31336 0.20832 0.24398 0.07996  0.03739  -0.07711 31  LYS A CG  
268 C CD  . LYS A 34 ? 0.39536 0.24902 0.31863 0.09073  0.03282  -0.07455 31  LYS A CD  
269 C CE  . LYS A 34 ? 0.38020 0.25809 0.34240 0.08360  0.00809  -0.05494 31  LYS A CE  
270 N NZ  . LYS A 34 ? 0.39188 0.28846 0.24627 0.10797  0.02169  -0.02448 31  LYS A NZ  
271 N N   . VAL A 35 ? 0.18795 0.17469 0.23150 0.01576  -0.02135 -0.06547 32  VAL A N   
272 C CA  . VAL A 35 ? 0.21083 0.18969 0.21030 0.01836  -0.02228 -0.06866 32  VAL A CA  
273 C C   . VAL A 35 ? 0.24670 0.17448 0.24413 0.04190  -0.03454 -0.06578 32  VAL A C   
274 O O   . VAL A 35 ? 0.21533 0.17967 0.24072 0.04530  -0.03296 -0.05166 32  VAL A O   
275 C CB  . VAL A 35 ? 0.21990 0.23863 0.20681 0.03902  -0.02714 -0.08590 32  VAL A CB  
276 C CG1 . VAL A 35 ? 0.27604 0.25386 0.21463 0.02037  -0.00808 -0.10393 32  VAL A CG1 
277 C CG2 . VAL A 35 ? 0.25876 0.17678 0.26640 0.02243  -0.03297 -0.08777 32  VAL A CG2 
278 N N   . HIS A 36 ? 0.21768 0.12683 0.28266 0.01996  -0.03668 -0.06010 33  HIS A N   
279 C CA  . HIS A 36 ? 0.23223 0.15705 0.29170 0.03053  -0.03160 -0.08253 33  HIS A CA  
280 C C   . HIS A 36 ? 0.21964 0.18246 0.27456 0.02388  -0.01550 -0.04907 33  HIS A C   
281 O O   . HIS A 36 ? 0.19486 0.18660 0.24690 0.01106  -0.01267 -0.03407 33  HIS A O   
282 C CB  . HIS A 36 ? 0.20215 0.16098 0.34751 0.01568  -0.04627 -0.11583 33  HIS A CB  
283 C CG  . HIS A 36 ? 0.20861 0.15715 0.41673 0.00044  -0.00339 -0.11308 33  HIS A CG  
284 N ND1 . HIS A 36 ? 0.17319 0.15963 0.48835 -0.00756 -0.02260 -0.09370 33  HIS A ND1 
285 C CD2 . HIS A 36 ? 0.25255 0.19650 0.38081 0.01494  0.02107  -0.14277 33  HIS A CD2 
286 C CE1 . HIS A 36 ? 0.24141 0.18131 0.45066 -0.01440 -0.00285 -0.11040 33  HIS A CE1 
287 N NE2 . HIS A 36 ? 0.27008 0.20076 0.40507 -0.01123 0.03017  -0.13034 33  HIS A NE2 
288 N N   . PHE A 37 ? 0.20701 0.16514 0.23220 0.02662  -0.02088 -0.03513 34  PHE A N   
289 C CA  . PHE A 37 ? 0.18424 0.14151 0.22623 0.00812  0.00005  -0.03243 34  PHE A CA  
290 C C   . PHE A 37 ? 0.19942 0.12764 0.19227 0.01255  -0.03497 -0.02881 34  PHE A C   
291 O O   . PHE A 37 ? 0.21323 0.17296 0.20983 0.01859  0.01181  -0.02254 34  PHE A O   
292 C CB  . PHE A 37 ? 0.17602 0.16253 0.23228 0.01736  0.02640  0.00056  34  PHE A CB  
293 C CG  . PHE A 37 ? 0.17180 0.14293 0.23770 0.01598  0.00196  0.00074  34  PHE A CG  
294 C CD1 . PHE A 37 ? 0.15785 0.14245 0.28498 0.00509  -0.01520 -0.01652 34  PHE A CD1 
295 C CD2 . PHE A 37 ? 0.18300 0.15520 0.26263 -0.02066 0.03193  -0.00766 34  PHE A CD2 
296 C CE1 . PHE A 37 ? 0.16517 0.15202 0.35803 -0.00515 -0.01913 -0.04872 34  PHE A CE1 
297 C CE2 . PHE A 37 ? 0.19691 0.18201 0.26102 0.02422  0.00231  0.00522  34  PHE A CE2 
298 C CZ  . PHE A 37 ? 0.14722 0.15841 0.33259 -0.00877 0.01560  -0.02719 34  PHE A CZ  
299 N N   . LEU A 38 ? 0.17307 0.12337 0.20256 0.00947  -0.05133 -0.03740 35  LEU A N   
300 C CA  . LEU A 38 ? 0.20834 0.15915 0.15559 0.01375  -0.01336 -0.06591 35  LEU A CA  
301 C C   . LEU A 38 ? 0.17541 0.14982 0.16992 -0.03007 0.00017  -0.05759 35  LEU A C   
302 O O   . LEU A 38 ? 0.21361 0.17021 0.19318 -0.00034 0.00196  -0.06269 35  LEU A O   
303 C CB  . LEU A 38 ? 0.15659 0.12437 0.22389 -0.00722 0.00874  -0.03149 35  LEU A CB  
304 C CG  . LEU A 38 ? 0.15662 0.11512 0.23620 -0.00575 0.01297  0.00519  35  LEU A CG  
305 C CD1 . LEU A 38 ? 0.21882 0.13916 0.21544 0.03229  0.00386  0.01499  35  LEU A CD1 
306 C CD2 . LEU A 38 ? 0.16135 0.14747 0.24595 -0.01056 -0.00698 -0.01617 35  LEU A CD2 
307 N N   . LYS A 39 ? 0.16992 0.18168 0.21904 -0.01746 0.04285  -0.01604 36  LYS A N   
308 C CA  . LYS A 39 ? 0.14106 0.18919 0.23533 -0.04815 0.02357  -0.01847 36  LYS A CA  
309 C C   . LYS A 39 ? 0.19605 0.19057 0.18687 -0.03135 -0.00139 -0.03379 36  LYS A C   
310 O O   . LYS A 39 ? 0.18234 0.21907 0.21454 -0.01474 -0.03513 -0.02900 36  LYS A O   
311 C CB  . LYS A 39 ? 0.19650 0.22729 0.28060 -0.06820 0.02177  -0.03978 36  LYS A CB  
312 C CG  . LYS A 39 ? 0.26111 0.27202 0.33392 -0.07667 0.03614  -0.05376 36  LYS A CG  
313 C CD  . LYS A 39 ? 0.31774 0.31443 0.37563 -0.06635 0.05790  -0.02962 36  LYS A CD  
314 C CE  . LYS A 39 ? 0.39701 0.40569 0.41531 -0.02055 0.06082  -0.04052 36  LYS A CE  
315 N NZ  . LYS A 39 ? 0.44952 0.47426 0.42096 0.01873  0.06101  -0.03613 36  LYS A NZ  
316 N N   . SER A 40 ? 0.21253 0.15580 0.21672 -0.03009 -0.00431 -0.03995 37  SER A N   
317 C CA  . SER A 40 ? 0.22089 0.20671 0.21590 0.03042  -0.00859 -0.01358 37  SER A CA  
318 C C   . SER A 40 ? 0.22466 0.21506 0.20326 0.05269  -0.02300 0.01360  37  SER A C   
319 O O   . SER A 40 ? 0.24036 0.25255 0.25590 0.05400  -0.00726 0.00334  37  SER A O   
320 C CB  . SER A 40 ? 0.28535 0.20384 0.14963 0.03493  0.00622  0.00591  37  SER A CB  
321 O OG  . SER A 40 ? 0.29812 0.19624 0.20268 0.02039  -0.01449 0.00522  37  SER A OG  
322 N N   . LYS A 41 ? 0.18760 0.19202 0.23618 0.03276  -0.00892 -0.02515 38  LYS A N   
323 C CA  . LYS A 41 ? 0.18273 0.18060 0.25030 0.00319  -0.02935 -0.00679 38  LYS A CA  
324 C C   . LYS A 41 ? 0.22423 0.18361 0.28782 -0.00287 -0.03745 -0.03942 38  LYS A C   
325 O O   . LYS A 41 ? 0.27645 0.19168 0.32368 -0.00958 -0.04127 -0.06649 38  LYS A O   
326 C CB  . LYS A 41 ? 0.13561 0.18051 0.30209 -0.04014 -0.04716 -0.02134 38  LYS A CB  
327 C CG  . LYS A 41 ? 0.21694 0.23672 0.24844 0.00500  -0.01634 0.02398  38  LYS A CG  
328 C CD  . LYS A 41 ? 0.16275 0.35240 0.29299 0.03128  0.02557  0.02588  38  LYS A CD  
329 C CE  . LYS A 41 ? 0.22870 0.36978 0.45412 0.04385  0.01326  0.02958  38  LYS A CE  
330 N NZ  . LYS A 41 ? 0.26123 0.39490 0.55444 0.06662  0.02334  0.03816  38  LYS A NZ  
331 N N   . GLY A 42 ? 0.23707 0.21998 0.21781 0.04045  -0.01808 -0.02098 39  GLY A N   
332 C CA  . GLY A 42 ? 0.21434 0.22693 0.21197 0.04752  -0.01123 -0.04438 39  GLY A CA  
333 C C   . GLY A 42 ? 0.20277 0.22384 0.20962 0.03356  -0.02471 -0.04022 39  GLY A C   
334 O O   . GLY A 42 ? 0.23926 0.25575 0.20553 0.04084  -0.00840 -0.04164 39  GLY A O   
335 N N   . LEU A 43 ? 0.19831 0.20595 0.24647 0.02019  -0.02090 -0.01363 40  LEU A N   
336 C CA  . LEU A 43 ? 0.20097 0.19115 0.19155 0.02396  -0.00987 -0.00084 40  LEU A CA  
337 C C   . LEU A 43 ? 0.21325 0.16464 0.22850 0.00674  0.02044  0.00335  40  LEU A C   
338 O O   . LEU A 43 ? 0.26098 0.17493 0.24915 0.01495  0.01521  -0.00142 40  LEU A O   
339 C CB  . LEU A 43 ? 0.20009 0.20966 0.19191 0.01732  -0.00838 -0.01375 40  LEU A CB  
340 C CG  . LEU A 43 ? 0.16828 0.21517 0.20278 0.00929  -0.00487 -0.02878 40  LEU A CG  
341 C CD1 . LEU A 43 ? 0.16747 0.24724 0.22732 0.01155  -0.03568 -0.05527 40  LEU A CD1 
342 C CD2 . LEU A 43 ? 0.17199 0.21078 0.20740 0.02009  -0.01594 -0.01745 40  LEU A CD2 
343 N N   . SER A 44 ? 0.16337 0.17773 0.24425 -0.00416 0.04129  0.00516  41  SER A N   
344 C CA  . SER A 44 ? 0.16921 0.17255 0.25532 -0.01178 0.04838  0.01734  41  SER A CA  
345 C C   . SER A 44 ? 0.17474 0.21346 0.24353 -0.00511 0.03202  -0.00620 41  SER A C   
346 O O   . SER A 44 ? 0.20665 0.24290 0.22899 0.00867  0.03254  -0.01660 41  SER A O   
347 C CB  . SER A 44 ? 0.22336 0.17670 0.24709 0.00096  0.07803  0.02728  41  SER A CB  
348 O OG  . SER A 44 ? 0.21103 0.22862 0.25510 -0.00181 0.06374  0.00845  41  SER A OG  
349 N N   . ALA A 45 ? 0.16637 0.17946 0.25618 -0.02605 0.00774  -0.01645 42  ALA A N   
350 C CA  . ALA A 45 ? 0.17832 0.18219 0.28935 -0.01704 0.01671  -0.02426 42  ALA A CA  
351 C C   . ALA A 45 ? 0.18070 0.18271 0.27696 -0.00617 0.04437  -0.04657 42  ALA A C   
352 O O   . ALA A 45 ? 0.12359 0.18526 0.29792 -0.00027 0.03617  -0.03641 42  ALA A O   
353 C CB  . ALA A 45 ? 0.20903 0.20412 0.26226 -0.03405 0.04195  -0.02546 42  ALA A CB  
354 N N   . GLU A 46 ? 0.18783 0.20370 0.30094 -0.00114 0.08208  -0.07130 43  GLU A N   
355 C CA  . GLU A 46 ? 0.16722 0.20594 0.29777 0.00375  0.07730  -0.04653 43  GLU A CA  
356 C C   . GLU A 46 ? 0.20090 0.21279 0.29491 0.02885  0.03092  -0.03120 43  GLU A C   
357 O O   . GLU A 46 ? 0.20516 0.20045 0.30964 0.03581  0.00420  -0.02165 43  GLU A O   
358 C CB  . GLU A 46 ? 0.19748 0.25387 0.31698 0.03365  0.08399  -0.03720 43  GLU A CB  
359 C CG  . GLU A 46 ? 0.32217 0.24304 0.38586 0.05556  0.10849  -0.00013 43  GLU A CG  
360 C CD  . GLU A 46 ? 0.51611 0.25257 0.35071 0.15093  0.11779  0.09888  43  GLU A CD  
361 O OE1 . GLU A 46 ? 0.52937 0.27941 0.39411 0.14189  0.14166  0.07439  43  GLU A OE1 
362 O OE2 . GLU A 46 ? 0.62326 0.29075 0.27835 0.17718  0.12651  0.09260  43  GLU A OE2 
363 N N   . GLU A 47 ? 0.17960 0.20748 0.23767 0.02104  0.01949  -0.04482 44  GLU A N   
364 C CA  . GLU A 47 ? 0.16843 0.20345 0.18696 0.02271  -0.00453 -0.01962 44  GLU A CA  
365 C C   . GLU A 47 ? 0.17080 0.16047 0.16464 0.00728  -0.00339 -0.01420 44  GLU A C   
366 O O   . GLU A 47 ? 0.16028 0.17771 0.15323 0.00905  0.01566  0.00146  44  GLU A O   
367 C CB  . GLU A 47 ? 0.17334 0.19590 0.15226 0.01920  -0.01477 -0.01051 44  GLU A CB  
368 C CG  . GLU A 47 ? 0.21185 0.23354 0.11260 0.01069  -0.00411 -0.04855 44  GLU A CG  
369 C CD  . GLU A 47 ? 0.23954 0.26477 0.21343 0.02037  0.01235  -0.07205 44  GLU A CD  
370 O OE1 . GLU A 47 ? 0.25138 0.21160 0.25284 0.01728  -0.03304 -0.07503 44  GLU A OE1 
371 O OE2 . GLU A 47 ? 0.27283 0.31329 0.25667 0.04131  0.01817  -0.07146 44  GLU A OE2 
372 N N   . ILE A 48 ? 0.18571 0.12603 0.19181 0.00792  -0.04178 -0.02269 45  ILE A N   
373 C CA  . ILE A 48 ? 0.19724 0.10885 0.20278 0.01259  -0.03710 -0.01664 45  ILE A CA  
374 C C   . ILE A 48 ? 0.16179 0.14297 0.22632 0.00398  -0.01187 -0.00438 45  ILE A C   
375 O O   . ILE A 48 ? 0.14806 0.16337 0.23942 -0.01009 -0.01389 -0.01292 45  ILE A O   
376 C CB  . ILE A 48 ? 0.21828 0.12465 0.19507 0.02098  -0.04347 -0.03945 45  ILE A CB  
377 C CG1 . ILE A 48 ? 0.19181 0.12245 0.21233 0.02105  -0.04021 -0.05506 45  ILE A CG1 
378 C CG2 . ILE A 48 ? 0.21775 0.17373 0.16585 0.02320  -0.02806 -0.05868 45  ILE A CG2 
379 C CD1 . ILE A 48 ? 0.24708 0.12115 0.22355 0.02787  -0.02834 -0.05152 45  ILE A CD1 
380 N N   . CYS A 49 ? 0.16979 0.19204 0.23601 0.03410  0.00381  0.01816  46  CYS A N   
381 C CA  . CYS A 49 ? 0.20344 0.22591 0.24448 0.05979  0.01404  0.02485  46  CYS A CA  
382 C C   . CYS A 49 ? 0.18785 0.19088 0.19407 0.05153  0.01697  0.06136  46  CYS A C   
383 O O   . CYS A 49 ? 0.17697 0.18304 0.25650 0.00217  0.01351  0.02599  46  CYS A O   
384 C CB  . CYS A 49 ? 0.19184 0.29189 0.25052 0.08860  0.00239  -0.02083 46  CYS A CB  
385 S SG  . CYS A 49 ? 0.21340 0.30460 0.29844 0.04832  -0.00353 -0.03025 46  CYS A SG  
386 N N   . GLU A 50 ? 0.16452 0.16475 0.22526 0.04059  0.00330  0.03287  47  GLU A N   
387 C CA  . GLU A 50 ? 0.18348 0.17841 0.19186 0.02845  0.02995  0.02632  47  GLU A CA  
388 C C   . GLU A 50 ? 0.16246 0.18015 0.17969 0.04095  0.01109  0.01151  47  GLU A C   
389 O O   . GLU A 50 ? 0.19039 0.18526 0.16295 0.02714  -0.00096 -0.00068 47  GLU A O   
390 C CB  . GLU A 50 ? 0.22989 0.12459 0.17874 -0.00918 0.00830  0.01118  47  GLU A CB  
391 C CG  . GLU A 50 ? 0.23315 0.19235 0.24353 -0.00746 0.01739  -0.02111 47  GLU A CG  
392 C CD  . GLU A 50 ? 0.27579 0.21362 0.23519 0.02058  0.02030  -0.03571 47  GLU A CD  
393 O OE1 . GLU A 50 ? 0.33039 0.24323 0.20671 0.03724  0.07072  -0.01768 47  GLU A OE1 
394 O OE2 . GLU A 50 ? 0.24487 0.19869 0.27181 0.02532  -0.00325 -0.04410 47  GLU A OE2 
395 N N   . ALA A 51 ? 0.13308 0.20804 0.23120 0.04602  0.02339  -0.02960 48  ALA A N   
396 C CA  . ALA A 51 ? 0.14798 0.15395 0.17448 0.03469  -0.00580 -0.03801 48  ALA A CA  
397 C C   . ALA A 51 ? 0.18658 0.15984 0.19718 0.03268  -0.00335 -0.03030 48  ALA A C   
398 O O   . ALA A 51 ? 0.21447 0.16951 0.20551 0.03716  -0.01527 -0.05349 48  ALA A O   
399 C CB  . ALA A 51 ? 0.16097 0.10629 0.17263 0.03772  0.01007  0.01665  48  ALA A CB  
400 N N   . PHE A 52 ? 0.18209 0.15361 0.22632 0.03889  -0.02006 -0.04107 49  PHE A N   
401 C CA  . PHE A 52 ? 0.22934 0.11937 0.23906 0.03827  -0.03553 -0.03976 49  PHE A CA  
402 C C   . PHE A 52 ? 0.24113 0.20134 0.20359 0.06808  -0.00951 -0.01766 49  PHE A C   
403 O O   . PHE A 52 ? 0.22232 0.26295 0.19167 0.07107  -0.03377 -0.03025 49  PHE A O   
404 C CB  . PHE A 52 ? 0.17842 0.10306 0.28099 0.01305  -0.01860 -0.03327 49  PHE A CB  
405 C CG  . PHE A 52 ? 0.23831 0.15674 0.22678 0.05054  -0.00346 -0.03914 49  PHE A CG  
406 C CD1 . PHE A 52 ? 0.25366 0.20304 0.20232 0.07665  0.00622  -0.04360 49  PHE A CD1 
407 C CD2 . PHE A 52 ? 0.23659 0.09519 0.24022 0.00113  0.00677  -0.04747 49  PHE A CD2 
408 C CE1 . PHE A 52 ? 0.22410 0.21946 0.29839 0.05894  0.00443  -0.06948 49  PHE A CE1 
409 C CE2 . PHE A 52 ? 0.22340 0.18025 0.25315 0.03792  0.03909  -0.05311 49  PHE A CE2 
410 C CZ  . PHE A 52 ? 0.24060 0.17913 0.28314 0.04609  0.00159  -0.06059 49  PHE A CZ  
411 N N   . THR A 53 ? 0.25346 0.18013 0.20973 0.06364  0.01671  -0.02738 50  THR A N   
412 C CA  . THR A 53 ? 0.22230 0.15998 0.19405 0.04356  0.01594  -0.00062 50  THR A CA  
413 C C   . THR A 53 ? 0.24824 0.20948 0.18962 0.05588  0.03080  0.00134  50  THR A C   
414 O O   . THR A 53 ? 0.21612 0.23038 0.21731 0.04800  0.03114  0.01680  50  THR A O   
415 C CB  . THR A 53 ? 0.24541 0.13275 0.26737 0.03602  0.01582  -0.00852 50  THR A CB  
416 O OG1 . THR A 53 ? 0.24781 0.19612 0.25587 0.04893  0.00201  -0.01717 50  THR A OG1 
417 C CG2 . THR A 53 ? 0.29869 0.12094 0.33442 0.01096  0.03037  -0.01356 50  THR A CG2 
418 N N   . LYS A 54 ? 0.22010 0.21272 0.19488 0.03375  0.02274  -0.03918 51  LYS A N   
419 C CA  . LYS A 54 ? 0.22013 0.22378 0.15799 0.02576  0.00309  0.00190  51  LYS A CA  
420 C C   . LYS A 54 ? 0.25697 0.26025 0.21363 0.03100  0.01913  0.01391  51  LYS A C   
421 O O   . LYS A 54 ? 0.26849 0.29599 0.19988 -0.01272 0.04201  0.03479  51  LYS A O   
422 C CB  . LYS A 54 ? 0.21826 0.21791 0.11676 0.02460  -0.00815 -0.01500 51  LYS A CB  
423 C CG  . LYS A 54 ? 0.23459 0.20272 0.14681 0.01761  0.00217  -0.01756 51  LYS A CG  
424 C CD  . LYS A 54 ? 0.21540 0.20813 0.17569 0.01106  -0.01173 -0.03229 51  LYS A CD  
425 C CE  . LYS A 54 ? 0.21254 0.22636 0.20509 -0.00172 -0.02766 -0.04028 51  LYS A CE  
426 N NZ  . LYS A 54 ? 0.23859 0.22467 0.20168 0.02889  -0.03681 -0.02836 51  LYS A NZ  
427 N N   . VAL A 55 ? 0.25180 0.27035 0.16354 0.08998  0.03390  0.01943  52  VAL A N   
428 C CA  . VAL A 55 ? 0.25690 0.27402 0.19466 0.09106  0.02640  0.02555  52  VAL A CA  
429 C C   . VAL A 55 ? 0.29115 0.32324 0.18890 0.12546  0.00389  0.01690  52  VAL A C   
430 O O   . VAL A 55 ? 0.35486 0.39273 0.21232 0.14896  0.01623  0.02053  52  VAL A O   
431 C CB  . VAL A 55 ? 0.21357 0.24290 0.23169 0.07391  0.02247  0.00944  52  VAL A CB  
432 C CG1 . VAL A 55 ? 0.19637 0.25477 0.28609 0.07323  0.01238  0.02816  52  VAL A CG1 
433 C CG2 . VAL A 55 ? 0.21889 0.19784 0.21600 0.05134  0.01729  -0.04656 52  VAL A CG2 
434 N N   . GLY A 56 ? 0.27599 0.27197 0.18889 0.11768  -0.03296 0.02304  53  GLY A N   
435 C CA  . GLY A 56 ? 0.31190 0.32552 0.19638 0.11389  -0.03976 0.00888  53  GLY A CA  
436 C C   . GLY A 56 ? 0.32600 0.37639 0.19081 0.10745  -0.03190 -0.00512 53  GLY A C   
437 O O   . GLY A 56 ? 0.36486 0.41726 0.25165 0.08396  -0.01622 -0.00648 53  GLY A O   
438 N N   . GLN A 57 ? 0.27705 0.37013 0.19349 0.10063  -0.02575 -0.02125 54  GLN A N   
439 C CA  . GLN A 57 ? 0.31322 0.35900 0.25503 0.10063  -0.04646 -0.04590 54  GLN A CA  
440 C C   . GLN A 57 ? 0.31958 0.30893 0.23257 0.09133  -0.05749 -0.04539 54  GLN A C   
441 O O   . GLN A 57 ? 0.28828 0.25685 0.25041 0.06217  -0.08828 -0.06393 54  GLN A O   
442 C CB  . GLN A 57 ? 0.33868 0.38226 0.25374 0.11035  -0.03958 -0.05619 54  GLN A CB  
443 C CG  . GLN A 57 ? 0.34486 0.41639 0.20565 0.11763  -0.03130 -0.07612 54  GLN A CG  
444 N N   . PRO A 58 ? 0.31300 0.28942 0.26529 0.09377  -0.08190 -0.03540 55  PRO A N   
445 C CA  . PRO A 58 ? 0.25769 0.25157 0.30792 0.06115  -0.08638 -0.04909 55  PRO A CA  
446 C C   . PRO A 58 ? 0.27115 0.22605 0.32042 0.06252  -0.13121 -0.08862 55  PRO A C   
447 O O   . PRO A 58 ? 0.30067 0.26269 0.30874 0.06472  -0.13126 -0.12504 55  PRO A O   
448 C CB  . PRO A 58 ? 0.26184 0.28933 0.30580 0.08995  -0.09681 -0.03056 55  PRO A CB  
449 C CG  . PRO A 58 ? 0.24455 0.29486 0.32186 0.08711  -0.08272 -0.00219 55  PRO A CG  
450 C CD  . PRO A 58 ? 0.25130 0.30870 0.28441 0.12693  -0.08877 0.00651  55  PRO A CD  
451 N N   . LYS A 59 ? 0.29858 0.18832 0.34683 0.06398  -0.15241 -0.07555 56  LYS A N   
452 C CA  . LYS A 59 ? 0.27711 0.20554 0.43017 0.06018  -0.15707 -0.07454 56  LYS A CA  
453 C C   . LYS A 59 ? 0.23308 0.22362 0.49086 0.04509  -0.14611 -0.10624 56  LYS A C   
454 O O   . LYS A 59 ? 0.30295 0.22107 0.50948 0.03604  -0.15442 -0.08983 56  LYS A O   
455 C CB  . LYS A 59 ? 0.34317 0.22439 0.40661 0.08332  -0.14722 -0.07771 56  LYS A CB  
456 C CG  . LYS A 59 ? 0.39549 0.29838 0.35426 0.10778  -0.13732 -0.09698 56  LYS A CG  
457 C CD  . LYS A 59 ? 0.43452 0.35584 0.36660 0.12224  -0.13225 -0.11800 56  LYS A CD  
458 C CE  . LYS A 59 ? 0.52486 0.43341 0.31635 0.15263  -0.10813 -0.12194 56  LYS A CE  
459 N NZ  . LYS A 59 ? 0.54021 0.50717 0.35761 0.19232  -0.10210 -0.08402 56  LYS A NZ  
460 N N   . THR A 60 ? 0.20887 0.24367 0.52574 0.06327  -0.12789 -0.09377 57  THR A N   
461 C CA  . THR A 60 ? 0.19141 0.26302 0.52504 0.04163  -0.12064 -0.11707 57  THR A CA  
462 C C   . THR A 60 ? 0.17329 0.26372 0.49955 0.04170  -0.09703 -0.13049 57  THR A C   
463 O O   . THR A 60 ? 0.17478 0.28820 0.48617 0.05021  -0.08380 -0.14117 57  THR A O   
464 C CB  . THR A 60 ? 0.23929 0.25725 0.53055 0.05775  -0.12588 -0.11615 57  THR A CB  
465 O OG1 . THR A 60 ? 0.28150 0.26156 0.47003 0.05532  -0.10917 -0.14466 57  THR A OG1 
466 C CG2 . THR A 60 ? 0.28193 0.24288 0.56500 0.07423  -0.11270 -0.10462 57  THR A CG2 
467 N N   . LEU A 61 ? 0.19470 0.27738 0.45225 0.03900  -0.07206 -0.16675 58  LEU A N   
468 C CA  . LEU A 61 ? 0.19866 0.30600 0.43784 0.04917  -0.03990 -0.15006 58  LEU A CA  
469 C C   . LEU A 61 ? 0.17821 0.34431 0.40092 0.03594  -0.01775 -0.14805 58  LEU A C   
470 O O   . LEU A 61 ? 0.18633 0.37664 0.40713 0.02966  -0.02155 -0.17674 58  LEU A O   
471 C CB  . LEU A 61 ? 0.16374 0.31949 0.42292 0.03003  -0.02128 -0.15211 58  LEU A CB  
472 C CG  . LEU A 61 ? 0.19536 0.32285 0.39816 0.04474  -0.00844 -0.12058 58  LEU A CG  
473 C CD1 . LEU A 61 ? 0.22899 0.34737 0.34408 0.06660  -0.00452 -0.13885 58  LEU A CD1 
474 C CD2 . LEU A 61 ? 0.23088 0.33043 0.43189 0.05553  -0.01286 -0.09647 58  LEU A CD2 
475 N N   . ASN A 62 ? 0.19807 0.33192 0.35269 0.00847  -0.00332 -0.15202 59  ASN A N   
476 C CA  . ASN A 62 ? 0.19365 0.31618 0.40048 0.00564  -0.03564 -0.13124 59  ASN A CA  
477 C C   . ASN A 62 ? 0.19389 0.30806 0.38868 0.01650  -0.05846 -0.11590 59  ASN A C   
478 O O   . ASN A 62 ? 0.24395 0.28358 0.42453 0.00935  -0.06185 -0.11782 59  ASN A O   
479 C CB  . ASN A 62 ? 0.19555 0.35294 0.41079 0.01815  -0.05702 -0.11375 59  ASN A CB  
480 C CG  . ASN A 62 ? 0.22925 0.40593 0.45527 0.03993  -0.05860 -0.09415 59  ASN A CG  
481 O OD1 . ASN A 62 ? 0.26551 0.43376 0.49545 0.04061  -0.06007 -0.11025 59  ASN A OD1 
482 N ND2 . ASN A 62 ? 0.18550 0.40141 0.45274 0.04632  -0.05426 -0.05615 59  ASN A ND2 
483 N N   . GLU A 63 ? 0.16399 0.29742 0.40079 0.00329  -0.05098 -0.11159 60  GLU A N   
484 C CA  . GLU A 63 ? 0.22662 0.30761 0.36807 0.04095  -0.03367 -0.09985 60  GLU A CA  
485 C C   . GLU A 63 ? 0.20672 0.25983 0.38598 -0.01466 -0.05229 -0.11802 60  GLU A C   
486 O O   . GLU A 63 ? 0.23570 0.26778 0.35775 0.00567  -0.05800 -0.11350 60  GLU A O   
487 C CB  . GLU A 63 ? 0.26736 0.34487 0.36908 0.07400  -0.01853 -0.09941 60  GLU A CB  
488 C CG  . GLU A 63 ? 0.31849 0.40582 0.34512 0.10910  -0.02000 -0.07235 60  GLU A CG  
489 C CD  . GLU A 63 ? 0.37724 0.42966 0.39402 0.10836  -0.00779 -0.07948 60  GLU A CD  
490 O OE1 . GLU A 63 ? 0.40835 0.46179 0.42569 0.12016  -0.01962 -0.07710 60  GLU A OE1 
491 O OE2 . GLU A 63 ? 0.41803 0.42246 0.40148 0.10054  0.00728  -0.07605 60  GLU A OE2 
492 N N   . ILE A 64 ? 0.17232 0.27287 0.36020 -0.01286 -0.03141 -0.09057 61  ILE A N   
493 C CA  . ILE A 64 ? 0.15605 0.25012 0.34362 0.02926  -0.05500 -0.05075 61  ILE A CA  
494 C C   . ILE A 64 ? 0.17067 0.28507 0.36186 0.03129  -0.03490 -0.08259 61  ILE A C   
495 O O   . ILE A 64 ? 0.18175 0.28991 0.35405 0.01190  -0.02667 -0.12934 61  ILE A O   
496 C CB  . ILE A 64 ? 0.17584 0.22609 0.33311 0.02808  -0.05438 -0.05900 61  ILE A CB  
497 C CG1 . ILE A 64 ? 0.25283 0.30985 0.31286 0.08335  -0.03309 -0.05993 61  ILE A CG1 
498 C CG2 . ILE A 64 ? 0.14823 0.22846 0.35085 0.03801  -0.05175 -0.06747 61  ILE A CG2 
499 C CD1 . ILE A 64 ? 0.28551 0.28528 0.29743 0.05245  -0.02898 -0.11206 61  ILE A CD1 
500 N N   . LYS A 65 ? 0.17591 0.28810 0.37030 0.01777  -0.02733 -0.08538 62  LYS A N   
501 C CA  . LYS A 65 ? 0.19778 0.30406 0.41009 0.01556  -0.02084 -0.08963 62  LYS A CA  
502 C C   . LYS A 65 ? 0.17655 0.32241 0.43101 -0.00759 -0.03696 -0.11086 62  LYS A C   
503 O O   . LYS A 65 ? 0.22055 0.33665 0.43656 -0.00342 -0.02779 -0.12393 62  LYS A O   
504 C CB  . LYS A 65 ? 0.25556 0.32107 0.40673 0.01602  0.01415  -0.11322 62  LYS A CB  
505 C CG  . LYS A 65 ? 0.29074 0.32366 0.40362 0.01383  0.06081  -0.09733 62  LYS A CG  
506 C CD  . LYS A 65 ? 0.35923 0.33217 0.41807 0.02903  0.06398  -0.09475 62  LYS A CD  
507 C CE  . LYS A 65 ? 0.41321 0.36047 0.46224 0.04299  0.05407  -0.07400 62  LYS A CE  
508 N N   A ARG A 66 ? 0.13841 0.30487 0.40056 -0.01994 -0.04740 -0.11321 63  ARG A N   
509 N N   B ARG A 66 ? 0.14376 0.31389 0.42085 -0.02838 -0.04365 -0.10904 63  ARG A N   
510 C CA  A ARG A 66 ? 0.16922 0.30878 0.43868 -0.01474 -0.03246 -0.12524 63  ARG A CA  
511 C CA  B ARG A 66 ? 0.16894 0.31750 0.44721 -0.03417 -0.03013 -0.10625 63  ARG A CA  
512 C C   A ARG A 66 ? 0.15721 0.29969 0.47059 -0.02960 -0.03881 -0.12947 63  ARG A C   
513 C C   B ARG A 66 ? 0.15675 0.30420 0.46809 -0.03889 -0.03492 -0.11898 63  ARG A C   
514 O O   A ARG A 66 ? 0.19253 0.30528 0.47241 -0.02533 -0.04720 -0.11559 63  ARG A O   
515 O O   B ARG A 66 ? 0.17333 0.31173 0.47932 -0.03798 -0.03933 -0.11370 63  ARG A O   
516 C CB  A ARG A 66 ? 0.18098 0.29433 0.43477 -0.00597 -0.04525 -0.12639 63  ARG A CB  
517 C CB  B ARG A 66 ? 0.18338 0.31809 0.44729 -0.04259 -0.03554 -0.08686 63  ARG A CB  
518 C CG  A ARG A 66 ? 0.18104 0.31335 0.40259 -0.00482 -0.05923 -0.13433 63  ARG A CG  
519 C CG  B ARG A 66 ? 0.19012 0.33740 0.43395 -0.05790 -0.03969 -0.07049 63  ARG A CG  
520 C CD  A ARG A 66 ? 0.24550 0.33210 0.37488 0.01038  -0.06885 -0.14125 63  ARG A CD  
521 C CD  B ARG A 66 ? 0.23351 0.35016 0.42870 -0.07230 -0.04134 -0.06050 63  ARG A CD  
522 N NE  A ARG A 66 ? 0.25841 0.30707 0.39082 0.01346  -0.09026 -0.12906 63  ARG A NE  
523 N NE  B ARG A 66 ? 0.25412 0.37367 0.43548 -0.07764 -0.04754 -0.05558 63  ARG A NE  
524 C CZ  A ARG A 66 ? 0.27684 0.25938 0.40553 0.01837  -0.12033 -0.13635 63  ARG A CZ  
525 C CZ  B ARG A 66 ? 0.22329 0.34439 0.44925 -0.12050 -0.06300 -0.05054 63  ARG A CZ  
526 N NH1 A ARG A 66 ? 0.28687 0.20927 0.39690 0.02328  -0.15274 -0.11153 63  ARG A NH1 
527 N NH1 B ARG A 66 ? 0.25771 0.33656 0.42403 -0.11557 -0.09863 -0.06427 63  ARG A NH1 
528 N NH2 A ARG A 66 ? 0.33379 0.32883 0.43661 0.03005  -0.10151 -0.14063 63  ARG A NH2 
529 N NH2 B ARG A 66 ? 0.19462 0.35194 0.43431 -0.13624 -0.03693 -0.02319 63  ARG A NH2 
530 N N   . ILE A 67 ? 0.15235 0.28991 0.44968 -0.03699 -0.02969 -0.12262 64  ILE A N   
531 C CA  . ILE A 67 ? 0.16102 0.26894 0.44053 -0.02806 -0.02365 -0.15017 64  ILE A CA  
532 C C   . ILE A 67 ? 0.24284 0.24717 0.48404 -0.01505 -0.00267 -0.13007 64  ILE A C   
533 O O   . ILE A 67 ? 0.25900 0.21083 0.53033 -0.01032 -0.00029 -0.11836 64  ILE A O   
534 C CB  . ILE A 67 ? 0.15834 0.26700 0.40642 -0.02790 -0.03191 -0.14634 64  ILE A CB  
535 C CG1 . ILE A 67 ? 0.18960 0.27780 0.38564 -0.02135 -0.04646 -0.13793 64  ILE A CG1 
536 C CG2 . ILE A 67 ? 0.16475 0.27260 0.40819 -0.02278 -0.03398 -0.15834 64  ILE A CG2 
537 C CD1 . ILE A 67 ? 0.22345 0.27939 0.38963 -0.01219 -0.06235 -0.12077 64  ILE A CD1 
538 N N   . LEU A 68 ? 0.25283 0.26024 0.48602 -0.01078 -0.00678 -0.10591 65  LEU A N   
539 C CA  . LEU A 68 ? 0.28375 0.23835 0.48459 -0.01142 -0.03225 -0.04417 65  LEU A CA  
540 C C   . LEU A 68 ? 0.31681 0.26143 0.54134 -0.00777 -0.06391 -0.02507 65  LEU A C   
541 O O   . LEU A 68 ? 0.35052 0.29029 0.51943 -0.01922 -0.07211 -0.01530 65  LEU A O   
542 C CB  . LEU A 68 ? 0.26791 0.21853 0.43545 -0.02622 -0.02976 -0.02957 65  LEU A CB  
543 C CG  . LEU A 68 ? 0.26233 0.17025 0.41115 -0.05659 -0.02170 -0.02910 65  LEU A CG  
544 C CD1 . LEU A 68 ? 0.30484 0.18037 0.39293 -0.06170 -0.05625 -0.04638 65  LEU A CD1 
545 C CD2 . LEU A 68 ? 0.23521 0.19617 0.41037 -0.04772 -0.02346 -0.03259 65  LEU A CD2 
546 N N   . SER A 69 ? 0.30161 0.23798 0.61100 -0.02741 -0.07010 -0.01370 66  SER A N   
547 C CA  . SER A 69 ? 0.29966 0.22525 0.67570 -0.04873 -0.08535 -0.01448 66  SER A CA  
548 C C   . SER A 69 ? 0.27000 0.19536 0.65550 -0.04581 -0.11070 0.02447  66  SER A C   
549 O O   . SER A 69 ? 0.35456 0.22926 0.68780 -0.01322 -0.11589 0.02170  66  SER A O   
550 C CB  . SER A 69 ? 0.35264 0.31236 0.67082 -0.01481 -0.03639 -0.00653 66  SER A CB  
551 O OG  . SER A 69 ? 0.38117 0.36357 0.69437 0.01121  -0.01807 0.00748  66  SER A OG  
552 S S   . SO4 B .  ? 0.28013 0.34384 0.47937 0.02183  -0.11909 -0.10139 101 SO4 A S   
553 O O1  . SO4 B .  ? 0.35172 0.33082 0.41024 0.02471  -0.12402 -0.09687 101 SO4 A O1  
554 O O2  . SO4 B .  ? 0.31581 0.34352 0.41628 0.01015  -0.12161 -0.09807 101 SO4 A O2  
555 O O3  . SO4 B .  ? 0.27476 0.35176 0.49165 0.02669  -0.10874 -0.08148 101 SO4 A O3  
556 O O4  . SO4 B .  ? 0.33301 0.35711 0.50581 0.01970  -0.12477 -0.08522 101 SO4 A O4  
557 S S   . SO4 C .  ? 0.23930 0.52829 0.47875 0.04437  0.05727  0.17405  102 SO4 A S   
558 O O1  . SO4 C .  ? 0.30847 0.54338 0.50231 0.06588  0.03673  0.17317  102 SO4 A O1  
559 O O2  . SO4 C .  ? 0.28236 0.50680 0.46696 0.03831  0.05194  0.20567  102 SO4 A O2  
560 O O3  . SO4 C .  ? 0.32606 0.55216 0.52563 0.06499  0.06043  0.16721  102 SO4 A O3  
561 O O4  . SO4 C .  ? 0.19633 0.53979 0.43472 0.09014  0.02534  0.17867  102 SO4 A O4  
562 S S   . SO4 D .  ? 0.45617 1.09270 0.46739 0.22769  0.01705  -0.03519 103 SO4 A S   
563 O O1  . SO4 D .  ? 0.45567 1.10135 0.47336 0.22094  0.03216  -0.02284 103 SO4 A O1  
564 O O2  . SO4 D .  ? 0.47317 1.07688 0.48604 0.23015  -0.00156 -0.03973 103 SO4 A O2  
565 O O3  . SO4 D .  ? 0.48804 1.08869 0.48133 0.22622  0.01979  -0.03220 103 SO4 A O3  
566 O O4  . SO4 D .  ? 0.49827 1.10944 0.48999 0.23118  0.03104  -0.03697 103 SO4 A O4  
567 N N   . KXQ E .  ? 0.30983 0.31772 0.39112 -0.01707 0.01642  -0.07587 104 KXQ A N   
568 C C   . KXQ E .  ? 0.25482 0.31477 0.36607 -0.02599 -0.02469 -0.09958 104 KXQ A C   
569 O O   . KXQ E .  ? 0.29634 0.27414 0.30932 -0.03262 -0.02143 -0.06560 104 KXQ A O   
570 O O1  . KXQ E .  ? 0.20325 0.31986 0.38620 -0.01186 -0.04346 -0.12178 104 KXQ A O1  
571 C C1  . KXQ E .  ? 0.27731 0.34214 0.36878 -0.02561 0.00815  -0.09196 104 KXQ A C1  
572 C C8  . KXQ E .  ? 0.29650 0.34602 0.40137 -0.04299 0.01321  -0.10017 104 KXQ A C8  
573 C C7  . KXQ E .  ? 0.32567 0.35715 0.40594 -0.03708 0.00520  -0.10052 104 KXQ A C7  
574 C C6  . KXQ E .  ? 0.33266 0.35522 0.41695 -0.03364 0.00749  -0.08892 104 KXQ A C6  
575 C C5  . KXQ E .  ? 0.30124 0.34916 0.37906 -0.02622 0.01117  -0.07537 104 KXQ A C5  
576 C C2  . KXQ E .  ? 0.25338 0.32658 0.39269 -0.04314 0.01301  -0.09387 104 KXQ A C2  
577 C C4  . KXQ E .  ? 0.25826 0.33217 0.37696 -0.03207 0.00010  -0.07210 104 KXQ A C4  
578 C C3  . KXQ E .  ? 0.24111 0.31206 0.39209 -0.04354 0.00299  -0.08810 104 KXQ A C3  
579 C C1  . GOL F .  ? 0.86232 0.42131 0.32498 0.30523  0.05288  0.05332  105 GOL A C1  
580 O O1  . GOL F .  ? 0.90545 0.41709 0.41409 0.27716  0.06070  0.03345  105 GOL A O1  
581 C C2  . GOL F .  ? 0.86858 0.46778 0.32274 0.29930  0.05616  0.00544  105 GOL A C2  
582 O O2  . GOL F .  ? 0.90079 0.48429 0.36993 0.27605  0.05990  -0.03094 105 GOL A O2  
583 C C3  . GOL F .  ? 0.86995 0.46461 0.31093 0.31562  0.00913  0.03580  105 GOL A C3  
584 O O3  . GOL F .  ? 0.88207 0.43532 0.34198 0.31956  -0.04254 0.00019  105 GOL A O3  
585 S S   . DMS G .  ? 0.89029 0.37237 0.72123 0.07889  -0.04339 -0.10960 106 DMS A S   
586 O O   . DMS G .  ? 0.93920 0.38136 0.73046 0.10539  -0.03835 -0.08712 106 DMS A O   
587 C C1  . DMS G .  ? 0.88824 0.38440 0.72122 0.08844  -0.04602 -0.10309 106 DMS A C1  
588 C C2  . DMS G .  ? 0.88460 0.35910 0.69475 0.08940  -0.05453 -0.08759 106 DMS A C2  
# 
